data_6TZB
#
_entry.id   6TZB
#
_cell.length_a   210.401
_cell.length_b   132.173
_cell.length_c   72.468
_cell.angle_alpha   90.000
_cell.angle_beta   97.930
_cell.angle_gamma   90.000
#
_symmetry.space_group_name_H-M   'C 1 2 1'
#
loop_
_entity.id
_entity.type
_entity.pdbx_description
1 polymer 'Hemagglutinin HA1 chain'
2 polymer 'Hemagglutinin HA2 chain'
3 branched beta-D-mannopyranose-(1-4)-2-acetamido-2-deoxy-beta-D-glucopyranose-(1-4)-2-acetamido-2-deoxy-beta-D-glucopyranose
4 branched 2-acetamido-2-deoxy-beta-D-glucopyranose-(1-4)-2-acetamido-2-deoxy-beta-D-glucopyranose
5 branched 'N-acetyl-alpha-neuraminic acid-(2-6)-beta-D-galactopyranose-(1-4)-2-acetamido-2-deoxy-beta-D-glucopyranose-(1-3)-beta-D-galactopyranose-(1-4)-2-acetamido-2-deoxy-beta-D-glucopyranose'
6 branched alpha-D-mannopyranose-(1-6)-beta-D-mannopyranose-(1-4)-2-acetamido-2-deoxy-beta-D-glucopyranose-(1-4)-2-acetamido-2-deoxy-beta-D-glucopyranose
7 branched 'N-acetyl-alpha-neuraminic acid-(2-6)-beta-D-galactopyranose-(1-4)-2-acetamido-2-deoxy-beta-D-glucopyranose'
8 branched alpha-D-mannopyranose-(1-3)-beta-D-mannopyranose-(1-4)-2-acetamido-2-deoxy-beta-D-glucopyranose-(1-4)-2-acetamido-2-deoxy-beta-D-glucopyranose
9 non-polymer 2-acetamido-2-deoxy-beta-D-glucopyranose
10 water water
#
loop_
_entity_poly.entity_id
_entity_poly.type
_entity_poly.pdbx_seq_one_letter_code
_entity_poly.pdbx_strand_id
1 'polypeptide(L)'
;PGATLCLGHHAVPNGTLVKTITDDQIEVTNATELVQSSSTGKICNNPHRILDGIDCTLIDALLGDPHCDVFQNETWDLFV
ERSKAFSNCYPYDVPDYASLRSLVASSGTLEFITEGFTWTGVTQNGGSNACKRGPGSGFFSRLNWLTKSGSTYPVLNVTM
PNNDNFDKLYIWGVHHPSTNQEQTSLYVQASGRVTVSTRRSQQTIIPNIGSRPWVRGLSSRISIYWTIVKPGDVLVINSN
GNLIAPRGYFKMRTGKSSIMRSDAPIDTCISECITPNGSIPNDKPFQNVNKITYGACPKYVKQNTLKLATGMRNVPEKQT
R
;
A,C,E
2 'polypeptide(L)'
;GLFGAIAGFIENGWEGMIDGWYGFRHQNSEGTGQAADLKSTQAAIDQINGKLNRVIEKTNEKFHQIEKEFSEVEGRIQDL
EKYVEDTKIDLWSYNAELLVALENQHTIDLTDSEMNKLFEKTGRQLRENAEDMGNGCFKIYHKCDNACIESIRNGTYDHD
VYRDEALNNRFQIKGV
;
B,D,F
#
# COMPACT_ATOMS: atom_id res chain seq x y z
N PRO A 1 14.77 44.43 -51.33
CA PRO A 1 15.71 44.27 -50.21
C PRO A 1 15.07 43.70 -48.94
N GLY A 2 15.77 43.87 -47.81
CA GLY A 2 15.33 43.37 -46.53
C GLY A 2 16.20 42.30 -45.88
N ALA A 3 15.59 41.48 -45.01
CA ALA A 3 16.33 40.48 -44.27
C ALA A 3 15.38 39.41 -43.76
N THR A 4 15.94 38.26 -43.39
CA THR A 4 15.17 37.16 -42.81
C THR A 4 15.79 36.76 -41.47
N LEU A 5 14.93 36.54 -40.48
CA LEU A 5 15.33 36.15 -39.13
C LEU A 5 14.48 34.95 -38.72
N CYS A 6 15.11 33.78 -38.64
CA CYS A 6 14.42 32.54 -38.36
C CYS A 6 14.71 32.11 -36.93
N LEU A 7 13.65 31.76 -36.19
CA LEU A 7 13.78 31.23 -34.85
C LEU A 7 13.80 29.72 -34.92
N GLY A 8 14.62 29.11 -34.07
CA GLY A 8 14.68 27.67 -34.12
C GLY A 8 15.23 27.10 -32.83
N HIS A 9 15.38 25.78 -32.85
CA HIS A 9 15.85 25.03 -31.71
C HIS A 9 16.83 23.98 -32.21
N HIS A 10 17.57 23.39 -31.28
CA HIS A 10 18.56 22.42 -31.70
C HIS A 10 17.93 21.05 -31.90
N ALA A 11 18.72 20.16 -32.47
CA ALA A 11 18.40 18.75 -32.57
C ALA A 11 19.73 18.02 -32.45
N VAL A 12 19.67 16.74 -32.12
CA VAL A 12 20.88 15.95 -31.95
C VAL A 12 20.86 14.77 -32.89
N PRO A 13 22.02 14.25 -33.30
CA PRO A 13 22.03 13.08 -34.19
C PRO A 13 21.45 11.83 -33.54
N ASN A 14 21.54 11.69 -32.20
CA ASN A 14 21.11 10.47 -31.52
C ASN A 14 20.20 10.78 -30.34
N GLY A 15 18.90 10.82 -30.56
CA GLY A 15 17.96 11.02 -29.48
C GLY A 15 17.74 9.74 -28.70
N THR A 16 16.75 9.79 -27.81
CA THR A 16 16.33 8.61 -27.08
C THR A 16 14.81 8.60 -26.95
N LEU A 17 14.24 7.40 -27.00
CA LEU A 17 12.80 7.27 -26.88
C LEU A 17 12.40 7.29 -25.41
N VAL A 18 11.34 8.03 -25.09
CA VAL A 18 10.76 8.07 -23.76
C VAL A 18 9.26 7.84 -23.87
N LYS A 19 8.62 7.65 -22.70
CA LYS A 19 7.18 7.53 -22.58
C LYS A 19 6.56 8.81 -22.04
N THR A 20 5.35 9.12 -22.53
CA THR A 20 4.62 10.30 -22.05
C THR A 20 3.17 9.91 -21.72
N ILE A 21 2.32 10.91 -21.50
CA ILE A 21 0.89 10.65 -21.31
C ILE A 21 0.25 10.15 -22.60
N THR A 22 0.67 10.68 -23.75
CA THR A 22 0.00 10.37 -25.01
C THR A 22 0.78 9.38 -25.88
N ASP A 23 2.05 9.12 -25.59
CA ASP A 23 2.88 8.29 -26.47
C ASP A 23 3.62 7.23 -25.65
N ASP A 24 3.58 5.98 -26.09
CA ASP A 24 4.42 5.01 -25.42
C ASP A 24 5.88 5.16 -25.81
N GLN A 25 6.18 5.80 -26.94
CA GLN A 25 7.56 5.98 -27.40
C GLN A 25 7.59 7.23 -28.27
N ILE A 26 8.25 8.28 -27.80
CA ILE A 26 8.48 9.48 -28.60
C ILE A 26 9.88 9.96 -28.30
N GLU A 27 10.53 10.58 -29.28
CA GLU A 27 11.97 10.84 -29.24
C GLU A 27 12.30 12.23 -28.70
N VAL A 28 13.19 12.28 -27.69
CA VAL A 28 13.68 13.53 -27.13
C VAL A 28 15.20 13.58 -27.29
N THR A 29 15.77 14.77 -27.07
CA THR A 29 17.21 14.92 -27.34
C THR A 29 18.09 14.20 -26.32
N ASN A 30 17.58 13.94 -25.11
CA ASN A 30 18.36 13.33 -24.05
C ASN A 30 17.41 12.88 -22.94
N ALA A 31 17.83 11.87 -22.19
CA ALA A 31 17.04 11.36 -21.08
C ALA A 31 17.97 10.75 -20.07
N THR A 32 17.44 10.44 -18.89
CA THR A 32 18.28 9.88 -17.86
C THR A 32 17.53 8.73 -17.18
N GLU A 33 18.29 7.71 -16.79
CA GLU A 33 17.75 6.45 -16.30
C GLU A 33 17.36 6.57 -14.83
N LEU A 34 16.14 6.14 -14.48
CA LEU A 34 15.67 6.27 -13.10
C LEU A 34 15.70 4.95 -12.32
N VAL A 35 15.96 3.83 -12.98
CA VAL A 35 15.97 2.52 -12.34
C VAL A 35 17.41 2.00 -12.31
N GLN A 36 17.91 1.79 -11.09
CA GLN A 36 19.20 1.12 -10.89
C GLN A 36 19.02 -0.37 -11.17
N SER A 37 19.72 -0.90 -12.16
CA SER A 37 19.50 -2.27 -12.58
C SER A 37 20.76 -3.13 -12.45
N SER A 38 21.84 -2.61 -11.87
CA SER A 38 23.03 -3.42 -11.69
C SER A 38 23.61 -3.25 -10.30
N SER A 39 24.36 -4.29 -9.91
CA SER A 39 25.16 -4.35 -8.71
C SER A 39 26.58 -4.77 -9.07
N THR A 40 27.53 -4.44 -8.20
CA THR A 40 28.90 -4.95 -8.33
C THR A 40 29.02 -6.43 -8.00
N GLY A 41 28.04 -7.03 -7.34
CA GLY A 41 28.21 -8.38 -6.85
C GLY A 41 28.91 -8.48 -5.51
N LYS A 42 29.29 -7.36 -4.90
CA LYS A 42 30.02 -7.38 -3.65
C LYS A 42 29.31 -6.46 -2.65
N ILE A 43 29.33 -6.87 -1.39
CA ILE A 43 28.79 -6.08 -0.29
C ILE A 43 29.91 -5.18 0.25
N CYS A 44 29.68 -3.88 0.23
CA CYS A 44 30.68 -2.96 0.73
C CYS A 44 30.76 -3.01 2.26
N ASN A 45 31.97 -3.05 2.80
CA ASN A 45 32.17 -3.23 4.23
C ASN A 45 32.03 -1.93 5.02
N ASN A 46 31.71 -0.81 4.37
CA ASN A 46 31.42 0.46 5.02
C ASN A 46 30.28 1.12 4.26
N PRO A 47 29.46 1.97 4.95
CA PRO A 47 29.57 2.46 6.33
C PRO A 47 28.87 1.59 7.37
N HIS A 48 28.14 0.55 6.95
CA HIS A 48 27.46 -0.31 7.91
C HIS A 48 28.42 -1.38 8.41
N ARG A 49 28.30 -1.74 9.68
CA ARG A 49 29.08 -2.84 10.22
C ARG A 49 28.50 -4.16 9.73
N ILE A 50 29.22 -4.82 8.81
CA ILE A 50 28.77 -6.08 8.21
C ILE A 50 29.44 -7.20 8.97
N LEU A 51 28.66 -8.17 9.42
CA LEU A 51 29.22 -9.34 10.08
C LEU A 51 28.96 -10.56 9.20
N ASP A 52 30.02 -11.12 8.65
CA ASP A 52 29.93 -12.32 7.83
C ASP A 52 29.71 -13.53 8.73
N GLY A 53 28.57 -14.21 8.56
CA GLY A 53 28.31 -15.41 9.34
C GLY A 53 29.20 -16.60 8.99
N ILE A 54 29.84 -16.58 7.82
CA ILE A 54 30.67 -17.69 7.34
C ILE A 54 29.90 -19.00 7.41
N ASP A 55 30.29 -19.89 8.31
CA ASP A 55 29.70 -21.21 8.42
C ASP A 55 28.53 -21.26 9.39
N CYS A 56 28.09 -20.12 9.91
CA CYS A 56 27.19 -20.09 11.05
C CYS A 56 25.92 -19.31 10.73
N THR A 57 24.76 -19.90 11.01
CA THR A 57 23.56 -19.09 11.09
C THR A 57 23.62 -18.22 12.35
N LEU A 58 22.79 -17.20 12.39
CA LEU A 58 22.70 -16.38 13.60
C LEU A 58 22.30 -17.23 14.81
N ILE A 59 21.33 -18.13 14.62
CA ILE A 59 20.85 -18.95 15.74
C ILE A 59 21.95 -19.85 16.30
N ASP A 60 22.74 -20.47 15.42
CA ASP A 60 23.84 -21.30 15.87
C ASP A 60 24.90 -20.47 16.60
N ALA A 61 25.13 -19.23 16.17
CA ALA A 61 26.02 -18.33 16.90
C ALA A 61 25.42 -17.94 18.24
N LEU A 62 24.10 -17.73 18.30
CA LEU A 62 23.44 -17.40 19.54
C LEU A 62 23.57 -18.53 20.57
N LEU A 63 23.18 -19.76 20.18
CA LEU A 63 23.22 -20.86 21.12
C LEU A 63 24.65 -21.21 21.51
N GLY A 64 25.60 -21.01 20.61
CA GLY A 64 26.97 -21.34 20.98
C GLY A 64 27.40 -22.69 20.48
N ASP A 65 26.98 -23.03 19.26
CA ASP A 65 27.57 -24.11 18.50
C ASP A 65 29.09 -23.96 18.48
N PRO A 66 29.86 -24.99 18.83
CA PRO A 66 31.33 -24.78 18.99
C PRO A 66 32.01 -24.20 17.77
N HIS A 67 31.69 -24.65 16.56
CA HIS A 67 32.37 -24.02 15.44
C HIS A 67 31.91 -22.56 15.22
N CYS A 68 30.94 -22.08 16.01
CA CYS A 68 30.52 -20.68 15.99
C CYS A 68 31.01 -19.89 17.21
N ASP A 69 31.92 -20.46 18.02
CA ASP A 69 32.42 -19.77 19.21
C ASP A 69 33.04 -18.41 18.87
N VAL A 70 33.56 -18.26 17.66
CA VAL A 70 34.21 -17.02 17.25
C VAL A 70 33.25 -15.84 17.23
N PHE A 71 31.94 -16.09 17.24
CA PHE A 71 30.95 -15.03 17.20
C PHE A 71 30.49 -14.58 18.59
N GLN A 72 31.09 -15.10 19.67
CA GLN A 72 30.68 -14.72 21.00
C GLN A 72 30.80 -13.22 21.21
N ASN A 73 29.74 -12.62 21.78
CA ASN A 73 29.66 -11.19 22.07
C ASN A 73 29.74 -10.31 20.84
N GLU A 74 29.43 -10.82 19.66
CA GLU A 74 29.58 -10.00 18.47
C GLU A 74 28.40 -9.03 18.32
N THR A 75 28.63 -7.98 17.54
CA THR A 75 27.60 -7.00 17.21
C THR A 75 27.62 -6.75 15.71
N TRP A 76 26.54 -6.17 15.19
CA TRP A 76 26.46 -5.95 13.75
C TRP A 76 25.39 -4.89 13.47
N ASP A 77 25.54 -4.21 12.34
CA ASP A 77 24.39 -3.60 11.69
C ASP A 77 23.70 -4.62 10.79
N LEU A 78 24.47 -5.42 10.05
CA LEU A 78 23.87 -6.42 9.17
C LEU A 78 24.61 -7.74 9.36
N PHE A 79 23.91 -8.73 9.89
CA PHE A 79 24.41 -10.10 9.92
C PHE A 79 24.11 -10.75 8.58
N VAL A 80 25.12 -11.33 7.96
CA VAL A 80 25.00 -11.96 6.65
C VAL A 80 25.12 -13.47 6.81
N GLU A 81 24.04 -14.17 6.50
CA GLU A 81 24.01 -15.63 6.56
C GLU A 81 24.28 -16.20 5.17
N ARG A 82 25.24 -17.12 5.09
CA ARG A 82 25.69 -17.74 3.85
C ARG A 82 24.98 -19.08 3.66
N SER A 83 24.80 -19.47 2.40
CA SER A 83 24.12 -20.73 2.15
C SER A 83 25.00 -21.94 2.50
N LYS A 84 26.30 -21.75 2.73
CA LYS A 84 27.18 -22.82 3.20
C LYS A 84 27.12 -23.08 4.70
N ALA A 85 26.32 -22.34 5.47
CA ALA A 85 26.32 -22.52 6.91
C ALA A 85 25.83 -23.93 7.28
N PHE A 86 26.31 -24.43 8.43
CA PHE A 86 25.89 -25.75 8.90
C PHE A 86 25.87 -25.76 10.43
N SER A 87 25.02 -26.62 10.97
CA SER A 87 25.00 -26.94 12.39
C SER A 87 25.89 -28.14 12.68
N ASN A 88 26.55 -28.12 13.83
CA ASN A 88 27.44 -29.22 14.18
C ASN A 88 27.41 -29.47 15.69
N CYS A 89 26.22 -29.41 16.28
CA CYS A 89 26.07 -29.60 17.72
C CYS A 89 24.85 -30.51 17.95
N TYR A 90 24.19 -30.42 19.10
CA TYR A 90 23.05 -31.28 19.35
C TYR A 90 21.92 -30.94 18.37
N PRO A 91 21.26 -31.94 17.77
CA PRO A 91 20.15 -31.62 16.86
C PRO A 91 19.01 -30.96 17.61
N TYR A 92 18.47 -29.91 17.02
CA TYR A 92 17.54 -29.06 17.76
C TYR A 92 16.50 -28.48 16.82
N ASP A 93 15.39 -28.06 17.40
CA ASP A 93 14.46 -27.19 16.69
C ASP A 93 14.13 -26.00 17.56
N VAL A 94 13.73 -24.92 16.91
CA VAL A 94 13.21 -23.75 17.58
C VAL A 94 11.78 -23.55 17.09
N PRO A 95 10.78 -23.89 17.88
CA PRO A 95 9.43 -23.45 17.56
C PRO A 95 9.45 -21.93 17.47
N ASP A 96 8.90 -21.40 16.41
CA ASP A 96 9.00 -19.98 16.10
C ASP A 96 10.45 -19.53 15.90
N TYR A 97 11.24 -20.40 15.25
CA TYR A 97 12.59 -20.04 14.80
C TYR A 97 12.64 -18.64 14.17
N ALA A 98 11.71 -18.35 13.26
CA ALA A 98 11.80 -17.10 12.50
C ALA A 98 11.70 -15.89 13.43
N SER A 99 10.84 -15.96 14.46
CA SER A 99 10.72 -14.83 15.39
C SER A 99 11.97 -14.68 16.26
N LEU A 100 12.55 -15.78 16.74
CA LEU A 100 13.77 -15.66 17.53
C LEU A 100 14.89 -15.07 16.68
N ARG A 101 15.03 -15.58 15.45
CA ARG A 101 16.02 -15.03 14.53
C ARG A 101 15.79 -13.54 14.29
N SER A 102 14.52 -13.15 14.09
CA SER A 102 14.21 -11.75 13.78
C SER A 102 14.54 -10.84 14.97
N LEU A 103 14.11 -11.24 16.17
CA LEU A 103 14.31 -10.35 17.31
C LEU A 103 15.78 -10.27 17.72
N VAL A 104 16.56 -11.33 17.52
CA VAL A 104 17.99 -11.21 17.78
C VAL A 104 18.67 -10.35 16.71
N ALA A 105 18.33 -10.59 15.44
CA ALA A 105 18.92 -9.82 14.35
C ALA A 105 18.68 -8.34 14.53
N SER A 106 17.45 -7.98 14.93
CA SER A 106 17.10 -6.59 15.14
C SER A 106 17.82 -6.00 16.34
N SER A 107 18.09 -6.83 17.35
CA SER A 107 18.79 -6.33 18.52
C SER A 107 20.25 -6.04 18.21
N GLY A 108 20.85 -6.78 17.29
CA GLY A 108 22.17 -6.42 16.81
C GLY A 108 23.34 -6.77 17.72
N THR A 109 23.14 -7.63 18.71
CA THR A 109 24.23 -7.98 19.60
C THR A 109 24.04 -9.39 20.14
N LEU A 110 25.16 -10.09 20.38
CA LEU A 110 25.16 -11.38 21.07
C LEU A 110 25.81 -11.27 22.46
N GLU A 111 25.94 -10.04 22.97
CA GLU A 111 26.58 -9.81 24.25
C GLU A 111 25.86 -10.63 25.33
N PHE A 112 26.62 -11.50 26.00
CA PHE A 112 26.06 -12.48 26.92
C PHE A 112 26.67 -12.27 28.30
N ILE A 113 25.81 -12.17 29.31
CA ILE A 113 26.25 -11.94 30.68
C ILE A 113 25.93 -13.19 31.49
N THR A 114 26.97 -13.83 32.02
CA THR A 114 26.77 -15.04 32.80
C THR A 114 26.19 -14.68 34.16
N GLU A 115 25.24 -15.49 34.62
CA GLU A 115 24.60 -15.30 35.91
C GLU A 115 24.80 -16.53 36.77
N GLY A 116 24.93 -16.32 38.08
CA GLY A 116 25.17 -17.41 39.00
C GLY A 116 23.90 -18.14 39.41
N PHE A 117 23.34 -18.92 38.51
CA PHE A 117 22.24 -19.80 38.86
C PHE A 117 22.71 -20.89 39.82
N THR A 118 21.90 -21.15 40.85
CA THR A 118 22.17 -22.21 41.81
C THR A 118 21.27 -23.39 41.47
N TRP A 119 21.88 -24.49 41.05
CA TRP A 119 21.16 -25.70 40.66
C TRP A 119 21.45 -26.77 41.72
N THR A 120 20.66 -26.78 42.79
CA THR A 120 20.92 -27.66 43.92
C THR A 120 20.41 -29.07 43.62
N GLY A 121 21.27 -30.07 43.79
CA GLY A 121 20.88 -31.45 43.67
C GLY A 121 20.87 -32.04 42.28
N VAL A 122 21.49 -31.37 41.30
CA VAL A 122 21.58 -31.87 39.93
C VAL A 122 23.03 -31.77 39.46
N THR A 123 23.34 -32.54 38.41
CA THR A 123 24.62 -32.45 37.71
C THR A 123 24.50 -31.43 36.59
N GLN A 124 25.51 -30.57 36.46
CA GLN A 124 25.55 -29.54 35.45
C GLN A 124 26.48 -29.92 34.30
N ASN A 125 26.38 -29.14 33.21
CA ASN A 125 27.38 -29.14 32.13
C ASN A 125 27.38 -30.45 31.33
N GLY A 126 26.21 -31.05 31.14
CA GLY A 126 26.11 -32.22 30.29
C GLY A 126 26.57 -31.95 28.87
N GLY A 127 27.07 -33.01 28.23
CA GLY A 127 27.60 -32.90 26.89
C GLY A 127 27.23 -34.11 26.05
N SER A 128 27.57 -34.01 24.76
CA SER A 128 27.25 -35.04 23.80
C SER A 128 28.39 -35.20 22.81
N ASN A 129 28.55 -36.43 22.30
CA ASN A 129 29.49 -36.68 21.21
C ASN A 129 29.02 -36.10 19.89
N ALA A 130 27.75 -35.67 19.80
CA ALA A 130 27.26 -34.94 18.64
C ALA A 130 27.62 -33.46 18.66
N CYS A 131 28.23 -32.96 19.75
CA CYS A 131 28.58 -31.55 19.88
C CYS A 131 29.97 -31.48 20.49
N LYS A 132 30.96 -31.95 19.73
CA LYS A 132 32.32 -32.02 20.24
C LYS A 132 32.87 -30.62 20.43
N ARG A 133 33.57 -30.44 21.54
CA ARG A 133 34.34 -29.23 21.82
C ARG A 133 35.71 -29.73 22.21
N GLY A 134 36.71 -29.49 21.36
CA GLY A 134 37.99 -30.15 21.49
C GLY A 134 37.83 -31.65 21.27
N PRO A 135 38.64 -32.45 21.98
CA PRO A 135 38.56 -33.90 21.76
C PRO A 135 37.37 -34.57 22.43
N GLY A 136 36.76 -33.94 23.43
CA GLY A 136 35.73 -34.55 24.23
C GLY A 136 34.33 -34.05 23.89
N SER A 137 33.35 -34.69 24.53
CA SER A 137 31.97 -34.28 24.33
C SER A 137 31.72 -32.92 24.93
N GLY A 138 30.77 -32.19 24.36
CA GLY A 138 30.47 -30.84 24.77
C GLY A 138 29.04 -30.41 24.47
N PHE A 139 28.77 -29.11 24.49
CA PHE A 139 27.41 -28.63 24.37
C PHE A 139 27.40 -27.19 23.89
N PHE A 140 26.20 -26.70 23.59
CA PHE A 140 26.03 -25.27 23.32
C PHE A 140 26.63 -24.47 24.48
N SER A 141 27.48 -23.50 24.15
CA SER A 141 28.23 -22.78 25.19
C SER A 141 27.31 -22.03 26.15
N ARG A 142 26.18 -21.51 25.66
CA ARG A 142 25.29 -20.65 26.44
C ARG A 142 24.21 -21.42 27.16
N LEU A 143 24.19 -22.74 27.06
CA LEU A 143 23.19 -23.58 27.69
C LEU A 143 23.85 -24.57 28.64
N ASN A 144 23.08 -25.03 29.62
CA ASN A 144 23.58 -25.83 30.74
C ASN A 144 22.72 -27.08 30.86
N TRP A 145 23.24 -28.22 30.43
CA TRP A 145 22.47 -29.46 30.41
C TRP A 145 22.49 -30.08 31.81
N LEU A 146 21.34 -30.06 32.48
CA LEU A 146 21.21 -30.59 33.82
C LEU A 146 20.64 -32.01 33.79
N THR A 147 21.24 -32.88 34.60
CA THR A 147 20.82 -34.27 34.76
C THR A 147 20.88 -34.60 36.25
N LYS A 148 20.50 -35.83 36.59
CA LYS A 148 20.38 -36.23 37.98
C LYS A 148 21.75 -36.21 38.68
N SER A 149 21.73 -35.93 39.98
CA SER A 149 22.92 -35.97 40.83
C SER A 149 22.73 -37.06 41.87
N GLY A 150 23.61 -38.07 41.84
CA GLY A 150 23.41 -39.26 42.63
C GLY A 150 22.30 -40.11 42.07
N SER A 151 21.17 -40.21 42.78
CA SER A 151 20.04 -41.01 42.31
C SER A 151 18.76 -40.18 42.19
N THR A 152 18.84 -38.86 42.30
CA THR A 152 17.65 -38.03 42.39
C THR A 152 17.77 -36.82 41.48
N TYR A 153 16.62 -36.35 41.01
CA TYR A 153 16.50 -35.09 40.28
C TYR A 153 15.40 -34.35 41.02
N PRO A 154 15.74 -33.36 41.83
CA PRO A 154 14.72 -32.69 42.64
C PRO A 154 13.86 -31.78 41.80
N VAL A 155 12.75 -31.33 42.40
CA VAL A 155 11.96 -30.29 41.75
C VAL A 155 12.75 -29.00 41.84
N LEU A 156 13.21 -28.51 40.70
CA LEU A 156 13.98 -27.28 40.68
C LEU A 156 13.05 -26.07 40.70
N ASN A 157 13.44 -25.09 41.49
CA ASN A 157 12.67 -23.86 41.69
C ASN A 157 13.70 -22.76 41.92
N VAL A 158 14.13 -22.14 40.82
CA VAL A 158 15.17 -21.13 40.90
C VAL A 158 14.62 -19.83 40.36
N THR A 159 15.22 -18.75 40.82
CA THR A 159 14.72 -17.41 40.59
C THR A 159 15.91 -16.54 40.21
N MET A 160 15.68 -15.59 39.31
CA MET A 160 16.70 -14.63 38.92
C MET A 160 15.97 -13.34 38.65
N PRO A 161 16.01 -12.40 39.59
CA PRO A 161 15.33 -11.13 39.38
C PRO A 161 16.15 -10.21 38.47
N ASN A 162 15.44 -9.37 37.74
CA ASN A 162 16.04 -8.36 36.90
C ASN A 162 16.06 -7.07 37.71
N ASN A 163 17.23 -6.75 38.26
CA ASN A 163 17.43 -5.51 39.00
C ASN A 163 18.13 -4.45 38.16
N ASP A 164 18.38 -4.73 36.90
CA ASP A 164 18.97 -3.76 36.00
C ASP A 164 17.88 -2.91 35.36
N ASN A 165 18.30 -1.93 34.57
CA ASN A 165 17.39 -1.04 33.86
C ASN A 165 17.32 -1.38 32.38
N PHE A 166 17.68 -2.59 32.01
CA PHE A 166 17.59 -3.06 30.64
C PHE A 166 16.87 -4.40 30.64
N ASP A 167 16.38 -4.78 29.45
CA ASP A 167 15.71 -6.06 29.27
C ASP A 167 16.73 -7.18 29.14
N LYS A 168 16.40 -8.34 29.72
CA LYS A 168 17.22 -9.53 29.58
C LYS A 168 16.55 -10.51 28.63
N LEU A 169 17.32 -11.06 27.68
CA LEU A 169 16.86 -12.13 26.81
C LEU A 169 17.45 -13.45 27.30
N TYR A 170 16.59 -14.37 27.72
CA TYR A 170 17.02 -15.68 28.19
C TYR A 170 16.69 -16.74 27.15
N ILE A 171 17.69 -17.55 26.81
CA ILE A 171 17.51 -18.68 25.91
C ILE A 171 17.57 -19.96 26.73
N TRP A 172 16.57 -20.82 26.59
CA TRP A 172 16.54 -22.06 27.35
C TRP A 172 15.95 -23.16 26.48
N GLY A 173 15.88 -24.37 27.04
CA GLY A 173 15.43 -25.49 26.23
C GLY A 173 14.88 -26.64 27.03
N VAL A 174 14.35 -27.60 26.28
CA VAL A 174 13.81 -28.85 26.81
C VAL A 174 14.41 -29.99 25.99
N HIS A 175 14.86 -31.03 26.67
CA HIS A 175 15.47 -32.18 26.01
C HIS A 175 14.46 -33.29 25.80
N HIS A 176 14.39 -33.80 24.56
CA HIS A 176 13.50 -34.90 24.20
C HIS A 176 14.33 -36.16 24.04
N PRO A 177 14.31 -37.07 25.01
CA PRO A 177 15.07 -38.31 24.86
C PRO A 177 14.43 -39.22 23.81
N SER A 178 15.24 -40.15 23.30
CA SER A 178 14.73 -41.11 22.33
C SER A 178 14.13 -42.36 22.97
N THR A 179 14.49 -42.69 24.21
CA THR A 179 13.96 -43.88 24.88
C THR A 179 13.58 -43.57 26.32
N ASN A 180 12.66 -44.39 26.86
CA ASN A 180 12.30 -44.31 28.27
C ASN A 180 13.51 -44.60 29.15
N GLN A 181 14.43 -45.40 28.64
CA GLN A 181 15.64 -45.69 29.37
C GLN A 181 16.45 -44.42 29.56
N GLU A 182 16.57 -43.61 28.51
CA GLU A 182 17.28 -42.32 28.61
C GLU A 182 16.59 -41.38 29.59
N GLN A 183 15.26 -41.28 29.50
CA GLN A 183 14.50 -40.37 30.37
C GLN A 183 14.78 -40.66 31.85
N THR A 184 14.57 -41.91 32.27
CA THR A 184 14.73 -42.22 33.69
C THR A 184 16.20 -42.25 34.10
N SER A 185 17.10 -42.64 33.18
CA SER A 185 18.52 -42.67 33.50
C SER A 185 19.08 -41.28 33.71
N LEU A 186 18.60 -40.29 32.95
CA LEU A 186 19.10 -38.93 33.08
C LEU A 186 18.32 -38.12 34.11
N TYR A 187 17.01 -38.33 34.25
CA TYR A 187 16.17 -37.45 35.04
C TYR A 187 15.38 -38.17 36.13
N VAL A 188 15.58 -39.49 36.33
CA VAL A 188 14.88 -40.25 37.34
C VAL A 188 13.40 -40.35 37.01
N GLN A 189 12.71 -39.21 37.03
CA GLN A 189 11.28 -39.18 36.75
C GLN A 189 10.99 -39.66 35.33
N ALA A 190 9.88 -40.41 35.18
CA ALA A 190 9.51 -40.96 33.88
C ALA A 190 8.98 -39.89 32.94
N SER A 191 8.62 -38.72 33.45
CA SER A 191 8.11 -37.62 32.63
C SER A 191 8.60 -36.30 33.21
N GLY A 192 9.33 -35.53 32.40
CA GLY A 192 9.82 -34.23 32.82
C GLY A 192 8.80 -33.13 32.64
N ARG A 193 9.22 -31.91 33.00
CA ARG A 193 8.38 -30.72 32.87
C ARG A 193 9.26 -29.51 33.10
N VAL A 194 9.08 -28.49 32.26
CA VAL A 194 9.83 -27.24 32.37
C VAL A 194 8.83 -26.10 32.30
N THR A 195 8.73 -25.33 33.37
CA THR A 195 7.88 -24.14 33.40
C THR A 195 8.76 -22.93 33.67
N VAL A 196 8.73 -21.98 32.74
CA VAL A 196 9.48 -20.74 32.86
C VAL A 196 8.46 -19.61 32.84
N SER A 197 8.55 -18.71 33.82
CA SER A 197 7.51 -17.72 33.99
C SER A 197 8.08 -16.41 34.51
N THR A 198 7.34 -15.34 34.23
CA THR A 198 7.52 -14.03 34.80
C THR A 198 6.24 -13.65 35.54
N ARG A 199 6.13 -12.37 35.93
CA ARG A 199 4.94 -11.94 36.66
C ARG A 199 3.69 -11.99 35.79
N ARG A 200 3.82 -11.71 34.50
CA ARG A 200 2.68 -11.59 33.60
C ARG A 200 2.53 -12.73 32.62
N SER A 201 3.53 -13.61 32.49
CA SER A 201 3.49 -14.67 31.50
C SER A 201 4.15 -15.93 32.03
N GLN A 202 3.86 -17.05 31.35
CA GLN A 202 4.43 -18.34 31.70
C GLN A 202 4.44 -19.23 30.47
N GLN A 203 5.43 -20.12 30.40
CA GLN A 203 5.54 -21.13 29.36
C GLN A 203 5.80 -22.48 30.02
N THR A 204 5.00 -23.48 29.68
CA THR A 204 5.19 -24.84 30.18
C THR A 204 5.36 -25.79 29.01
N ILE A 205 6.46 -26.53 29.00
CA ILE A 205 6.74 -27.49 27.94
C ILE A 205 6.91 -28.86 28.59
N ILE A 206 6.21 -29.85 28.05
CA ILE A 206 6.34 -31.25 28.47
C ILE A 206 7.15 -31.97 27.42
N PRO A 207 8.22 -32.69 27.79
CA PRO A 207 9.02 -33.41 26.80
C PRO A 207 8.26 -34.63 26.29
N ASN A 208 8.58 -35.01 25.06
CA ASN A 208 8.06 -36.24 24.47
C ASN A 208 9.22 -37.17 24.13
N ILE A 209 9.15 -38.38 24.66
CA ILE A 209 10.18 -39.38 24.46
C ILE A 209 9.90 -40.10 23.16
N GLY A 210 10.93 -40.30 22.36
CA GLY A 210 10.78 -41.01 21.10
C GLY A 210 11.84 -40.59 20.11
N SER A 211 11.88 -41.36 19.01
CA SER A 211 12.88 -41.18 17.95
C SER A 211 12.41 -40.15 16.93
N ARG A 212 13.36 -39.32 16.52
CA ARG A 212 13.27 -38.36 15.43
C ARG A 212 14.30 -38.84 14.41
N PRO A 213 14.38 -38.28 13.21
CA PRO A 213 15.37 -38.79 12.25
C PRO A 213 16.79 -38.66 12.81
N TRP A 214 17.59 -39.67 12.54
CA TRP A 214 19.00 -39.69 12.90
C TRP A 214 19.70 -38.45 12.35
N VAL A 215 20.28 -37.66 13.26
CA VAL A 215 21.07 -36.47 12.89
C VAL A 215 22.33 -36.42 13.74
N ARG A 216 23.49 -36.45 13.08
CA ARG A 216 24.79 -36.38 13.75
C ARG A 216 24.88 -37.38 14.91
N GLY A 217 24.34 -38.58 14.70
CA GLY A 217 24.41 -39.66 15.67
C GLY A 217 23.22 -39.77 16.61
N LEU A 218 22.26 -38.83 16.59
CA LEU A 218 21.20 -38.77 17.59
C LEU A 218 19.81 -38.80 16.97
N SER A 219 18.94 -39.61 17.56
CA SER A 219 17.52 -39.57 17.25
C SER A 219 16.74 -38.75 18.27
N SER A 220 17.40 -38.25 19.32
CA SER A 220 16.82 -37.36 20.31
C SER A 220 16.95 -35.90 19.84
N ARG A 221 16.40 -34.98 20.61
CA ARG A 221 16.35 -33.58 20.20
C ARG A 221 16.32 -32.67 21.42
N ILE A 222 16.66 -31.41 21.16
CA ILE A 222 16.46 -30.32 22.11
C ILE A 222 15.59 -29.26 21.43
N SER A 223 14.61 -28.77 22.16
CA SER A 223 13.75 -27.69 21.68
C SER A 223 14.10 -26.40 22.41
N ILE A 224 14.23 -25.32 21.66
CA ILE A 224 14.73 -24.05 22.17
C ILE A 224 13.58 -23.09 22.36
N TYR A 225 13.57 -22.40 23.49
CA TYR A 225 12.58 -21.37 23.80
C TYR A 225 13.29 -20.14 24.35
N TRP A 226 12.54 -19.05 24.50
CA TRP A 226 13.14 -17.83 25.04
C TRP A 226 12.12 -17.06 25.88
N THR A 227 12.66 -16.23 26.77
CA THR A 227 11.88 -15.42 27.71
C THR A 227 12.58 -14.10 27.90
N ILE A 228 11.84 -13.00 27.77
CA ILE A 228 12.38 -11.66 28.01
C ILE A 228 11.93 -11.20 29.39
N VAL A 229 12.87 -10.71 30.18
CA VAL A 229 12.58 -10.21 31.52
C VAL A 229 12.88 -8.71 31.56
N LYS A 230 11.84 -7.90 31.77
CA LYS A 230 11.95 -6.47 31.86
C LYS A 230 12.42 -6.04 33.25
N PRO A 231 12.94 -4.82 33.38
CA PRO A 231 13.32 -4.32 34.71
C PRO A 231 12.13 -4.40 35.66
N GLY A 232 12.43 -4.81 36.89
CA GLY A 232 11.40 -5.01 37.90
C GLY A 232 10.67 -6.33 37.81
N ASP A 233 10.86 -7.10 36.75
CA ASP A 233 10.29 -8.43 36.68
C ASP A 233 11.32 -9.42 37.23
N VAL A 234 10.94 -10.70 37.27
CA VAL A 234 11.81 -11.74 37.79
C VAL A 234 11.55 -13.01 36.98
N LEU A 235 12.63 -13.71 36.63
CA LEU A 235 12.54 -14.99 35.96
C LEU A 235 12.43 -16.07 37.03
N VAL A 236 11.49 -17.00 36.84
CA VAL A 236 11.37 -18.18 37.69
C VAL A 236 11.43 -19.39 36.79
N ILE A 237 12.26 -20.36 37.16
CA ILE A 237 12.36 -21.61 36.42
C ILE A 237 11.94 -22.72 37.34
N ASN A 238 11.02 -23.55 36.86
CA ASN A 238 10.44 -24.64 37.62
C ASN A 238 10.56 -25.89 36.77
N SER A 239 11.22 -26.93 37.28
CA SER A 239 11.46 -28.11 36.47
C SER A 239 11.76 -29.31 37.37
N ASN A 240 11.22 -30.46 36.99
CA ASN A 240 11.55 -31.73 37.62
C ASN A 240 12.15 -32.72 36.63
N GLY A 241 12.74 -32.22 35.56
CA GLY A 241 13.47 -33.03 34.60
C GLY A 241 13.42 -32.40 33.22
N ASN A 242 14.46 -32.69 32.43
CA ASN A 242 14.58 -32.36 31.00
C ASN A 242 14.84 -30.87 30.76
N LEU A 243 15.20 -30.11 31.78
CA LEU A 243 15.52 -28.71 31.58
C LEU A 243 16.88 -28.57 30.92
N ILE A 244 16.94 -27.75 29.87
CA ILE A 244 18.18 -27.23 29.32
C ILE A 244 18.27 -25.78 29.77
N ALA A 245 19.11 -25.51 30.77
CA ALA A 245 19.09 -24.26 31.52
C ALA A 245 19.92 -23.15 30.85
N PRO A 246 19.53 -21.90 31.02
CA PRO A 246 20.41 -20.80 30.59
C PRO A 246 21.53 -20.62 31.59
N ARG A 247 22.65 -20.08 31.11
CA ARG A 247 23.78 -19.71 31.95
C ARG A 247 23.77 -18.24 32.30
N GLY A 248 22.82 -17.49 31.77
CA GLY A 248 22.76 -16.05 31.87
C GLY A 248 21.78 -15.52 30.83
N TYR A 249 21.98 -14.27 30.44
CA TYR A 249 21.08 -13.62 29.53
C TYR A 249 21.86 -12.91 28.44
N PHE A 250 21.18 -12.67 27.35
CA PHE A 250 21.68 -11.82 26.29
C PHE A 250 21.13 -10.41 26.52
N LYS A 251 22.00 -9.42 26.35
CA LYS A 251 21.59 -8.04 26.42
C LYS A 251 20.81 -7.68 25.15
N MET A 252 19.72 -6.95 25.30
CA MET A 252 18.93 -6.57 24.15
C MET A 252 19.13 -5.09 23.85
N ARG A 253 19.20 -4.75 22.55
CA ARG A 253 19.24 -3.36 22.11
C ARG A 253 18.18 -3.10 21.04
N THR A 254 17.97 -1.82 20.78
CA THR A 254 17.15 -1.34 19.67
C THR A 254 18.00 -0.41 18.80
N GLY A 255 17.85 -0.55 17.49
CA GLY A 255 18.67 0.23 16.56
C GLY A 255 18.39 -0.23 15.14
N LYS A 256 19.39 -0.06 14.28
CA LYS A 256 19.25 -0.29 12.85
C LYS A 256 19.62 -1.70 12.42
N SER A 257 19.84 -2.61 13.35
CA SER A 257 20.42 -3.89 12.98
C SER A 257 19.39 -4.79 12.30
N SER A 258 19.88 -5.64 11.40
CA SER A 258 19.05 -6.59 10.66
C SER A 258 19.92 -7.78 10.24
N ILE A 259 19.36 -8.63 9.38
CA ILE A 259 20.01 -9.83 8.91
C ILE A 259 19.64 -10.02 7.44
N MET A 260 20.57 -10.61 6.67
CA MET A 260 20.35 -10.81 5.25
C MET A 260 20.97 -12.14 4.81
N ARG A 261 20.26 -12.84 3.93
CA ARG A 261 20.78 -14.04 3.27
C ARG A 261 21.48 -13.64 1.97
N SER A 262 22.75 -13.98 1.85
CA SER A 262 23.51 -13.59 0.67
C SER A 262 24.79 -14.40 0.63
N ASP A 263 25.23 -14.69 -0.60
CA ASP A 263 26.53 -15.28 -0.83
C ASP A 263 27.51 -14.30 -1.45
N ALA A 264 27.15 -13.03 -1.57
CA ALA A 264 28.04 -12.03 -2.14
C ALA A 264 29.25 -11.81 -1.21
N PRO A 265 30.47 -11.75 -1.76
CA PRO A 265 31.64 -11.48 -0.92
C PRO A 265 31.62 -10.04 -0.38
N ILE A 266 32.30 -9.85 0.74
CA ILE A 266 32.39 -8.53 1.38
C ILE A 266 33.70 -7.87 0.96
N ASP A 267 33.60 -6.63 0.52
CA ASP A 267 34.69 -5.89 -0.11
C ASP A 267 34.91 -4.58 0.64
N THR A 268 36.07 -3.98 0.42
CA THR A 268 36.35 -2.69 1.04
C THR A 268 35.93 -1.60 0.04
N CYS A 269 34.77 -1.02 0.30
CA CYS A 269 34.21 0.10 -0.47
C CYS A 269 33.13 0.73 0.39
N ILE A 270 32.51 1.78 -0.12
CA ILE A 270 31.51 2.52 0.64
C ILE A 270 30.20 2.49 -0.12
N SER A 271 29.15 1.98 0.51
CA SER A 271 27.84 1.96 -0.11
C SER A 271 26.72 1.97 0.92
N GLU A 272 25.79 2.92 0.80
CA GLU A 272 24.70 2.98 1.75
C GLU A 272 23.74 1.81 1.60
N CYS A 273 23.50 1.36 0.37
CA CYS A 273 22.45 0.39 0.07
C CYS A 273 23.06 -0.97 -0.20
N ILE A 274 22.49 -2.01 0.43
CA ILE A 274 22.94 -3.40 0.32
C ILE A 274 21.75 -4.26 -0.11
N THR A 275 21.97 -5.15 -1.09
CA THR A 275 21.02 -6.17 -1.49
C THR A 275 21.72 -7.53 -1.41
N PRO A 276 20.99 -8.64 -1.45
CA PRO A 276 21.67 -9.95 -1.51
C PRO A 276 22.58 -10.10 -2.73
N ASN A 277 22.34 -9.35 -3.81
CA ASN A 277 23.20 -9.39 -4.99
C ASN A 277 24.50 -8.63 -4.79
N GLY A 278 24.59 -7.83 -3.73
CA GLY A 278 25.68 -6.91 -3.51
C GLY A 278 25.16 -5.50 -3.34
N SER A 279 26.09 -4.60 -3.04
CA SER A 279 25.74 -3.19 -2.87
C SER A 279 25.29 -2.59 -4.19
N ILE A 280 24.49 -1.54 -4.10
CA ILE A 280 24.08 -0.77 -5.29
C ILE A 280 24.10 0.70 -4.95
N PRO A 281 24.37 1.54 -5.96
CA PRO A 281 24.29 2.99 -5.74
C PRO A 281 22.85 3.41 -5.49
N ASN A 282 22.68 4.50 -4.72
CA ASN A 282 21.34 4.99 -4.39
C ASN A 282 21.09 6.38 -4.98
N ASP A 283 21.79 6.73 -6.05
CA ASP A 283 21.52 8.02 -6.68
C ASP A 283 20.22 8.01 -7.48
N LYS A 284 19.78 6.83 -7.96
CA LYS A 284 18.51 6.79 -8.66
C LYS A 284 17.36 6.54 -7.69
N PRO A 285 16.14 7.00 -8.01
CA PRO A 285 15.02 6.82 -7.09
C PRO A 285 14.45 5.40 -7.07
N PHE A 286 14.68 4.57 -8.10
CA PHE A 286 14.09 3.24 -8.19
C PHE A 286 15.19 2.22 -8.48
N GLN A 287 14.87 0.94 -8.25
CA GLN A 287 15.84 -0.09 -8.55
C GLN A 287 15.11 -1.40 -8.82
N ASN A 288 15.71 -2.22 -9.64
CA ASN A 288 15.12 -3.48 -10.07
C ASN A 288 16.05 -4.64 -9.73
N VAL A 289 16.98 -4.40 -8.80
CA VAL A 289 17.97 -5.42 -8.48
C VAL A 289 17.39 -6.47 -7.56
N ASN A 290 16.74 -6.07 -6.46
CA ASN A 290 16.21 -7.02 -5.51
C ASN A 290 15.23 -6.33 -4.57
N LYS A 291 14.08 -6.97 -4.32
CA LYS A 291 13.16 -6.38 -3.35
C LYS A 291 13.69 -6.44 -1.91
N ILE A 292 14.68 -7.30 -1.62
CA ILE A 292 15.33 -7.34 -0.32
C ILE A 292 16.45 -6.32 -0.32
N THR A 293 16.36 -5.32 0.57
CA THR A 293 17.38 -4.28 0.64
C THR A 293 17.63 -3.94 2.10
N TYR A 294 18.74 -3.25 2.32
CA TYR A 294 19.07 -2.73 3.64
C TYR A 294 19.81 -1.42 3.44
N GLY A 295 19.36 -0.37 4.10
CA GLY A 295 20.02 0.92 4.07
C GLY A 295 19.26 1.96 3.26
N ALA A 296 19.96 3.04 2.92
CA ALA A 296 19.36 4.10 2.13
C ALA A 296 19.31 3.64 0.68
N CYS A 297 18.16 3.13 0.28
CA CYS A 297 18.04 2.41 -0.97
C CYS A 297 16.98 3.05 -1.86
N PRO A 298 17.15 2.95 -3.19
CA PRO A 298 16.05 3.28 -4.10
C PRO A 298 14.90 2.31 -3.88
N LYS A 299 13.69 2.74 -4.21
CA LYS A 299 12.52 1.88 -4.07
C LYS A 299 12.52 0.81 -5.15
N TYR A 300 12.19 -0.44 -4.77
CA TYR A 300 12.12 -1.52 -5.74
C TYR A 300 10.87 -1.40 -6.62
N VAL A 301 11.05 -1.54 -7.93
CA VAL A 301 9.95 -1.53 -8.89
C VAL A 301 10.16 -2.71 -9.84
N LYS A 302 9.10 -3.02 -10.60
CA LYS A 302 9.19 -4.13 -11.56
C LYS A 302 9.87 -3.73 -12.87
N GLN A 303 9.81 -2.46 -13.29
CA GLN A 303 10.42 -2.08 -14.57
C GLN A 303 11.94 -2.23 -14.52
N ASN A 304 12.55 -2.62 -15.63
CA ASN A 304 14.01 -2.64 -15.64
C ASN A 304 14.64 -1.36 -16.17
N THR A 305 13.84 -0.43 -16.69
CA THR A 305 14.33 0.85 -17.16
C THR A 305 13.16 1.84 -17.16
N LEU A 306 13.43 3.08 -16.78
CA LEU A 306 12.45 4.16 -16.85
C LEU A 306 13.21 5.43 -17.21
N LYS A 307 12.89 6.02 -18.35
CA LYS A 307 13.63 7.17 -18.86
C LYS A 307 12.87 8.44 -18.53
N LEU A 308 13.53 9.34 -17.82
CA LEU A 308 13.04 10.69 -17.60
C LEU A 308 13.65 11.62 -18.67
N ALA A 309 12.80 12.24 -19.48
CA ALA A 309 13.26 13.16 -20.49
C ALA A 309 14.04 14.30 -19.84
N THR A 310 15.24 14.58 -20.35
CA THR A 310 16.00 15.73 -19.89
C THR A 310 16.21 16.74 -21.01
N GLY A 311 15.42 16.64 -22.06
CA GLY A 311 15.56 17.58 -23.17
C GLY A 311 14.29 17.66 -23.97
N MET A 312 14.30 18.60 -24.92
CA MET A 312 13.14 18.80 -25.76
C MET A 312 13.00 17.66 -26.75
N ARG A 313 11.87 17.71 -27.44
CA ARG A 313 11.58 16.83 -28.54
C ARG A 313 12.64 16.92 -29.64
N ASN A 314 13.16 15.76 -30.08
CA ASN A 314 14.22 15.74 -31.10
C ASN A 314 13.57 15.57 -32.48
N VAL A 315 13.61 16.63 -33.27
CA VAL A 315 12.96 16.66 -34.57
C VAL A 315 14.04 16.80 -35.63
N PRO A 316 14.60 15.71 -36.13
CA PRO A 316 15.67 15.83 -37.10
C PRO A 316 15.13 16.39 -38.39
N GLU A 317 16.03 17.00 -39.15
CA GLU A 317 15.67 17.46 -40.48
C GLU A 317 15.41 16.21 -41.32
N LYS A 318 14.24 16.15 -41.95
CA LYS A 318 13.96 15.05 -42.86
C LYS A 318 15.00 14.99 -43.97
N GLN A 319 15.33 13.78 -44.42
CA GLN A 319 16.35 13.64 -45.45
C GLN A 319 15.79 12.93 -46.68
N THR A 320 16.46 13.14 -47.82
CA THR A 320 16.15 12.39 -49.03
C THR A 320 17.00 11.15 -49.16
N ARG A 321 17.37 10.55 -48.03
CA ARG A 321 18.14 9.33 -48.01
C ARG A 321 17.54 8.42 -46.93
N GLY B 1 3.33 19.25 -29.08
CA GLY B 1 3.14 19.92 -27.81
C GLY B 1 2.03 20.97 -27.83
N LEU B 2 1.65 21.41 -26.63
CA LEU B 2 0.49 22.27 -26.44
C LEU B 2 0.61 23.58 -27.21
N PHE B 3 1.84 24.05 -27.46
CA PHE B 3 2.03 25.37 -28.05
C PHE B 3 2.29 25.34 -29.55
N GLY B 4 2.55 24.18 -30.14
CA GLY B 4 2.58 24.07 -31.57
C GLY B 4 3.80 24.62 -32.26
N ALA B 5 4.90 24.84 -31.55
CA ALA B 5 6.12 25.35 -32.17
C ALA B 5 7.08 24.20 -32.50
N ILE B 6 7.67 23.59 -31.46
CA ILE B 6 8.55 22.44 -31.68
C ILE B 6 7.73 21.29 -32.25
N ALA B 7 8.20 20.74 -33.37
CA ALA B 7 7.43 19.78 -34.16
C ALA B 7 6.10 20.37 -34.61
N GLY B 8 6.06 21.69 -34.77
CA GLY B 8 4.84 22.38 -35.19
C GLY B 8 5.11 23.32 -36.35
N PHE B 9 4.87 24.61 -36.17
CA PHE B 9 5.13 25.53 -37.26
C PHE B 9 6.63 25.72 -37.50
N ILE B 10 7.47 25.27 -36.56
CA ILE B 10 8.89 25.13 -36.83
C ILE B 10 9.14 23.70 -37.32
N GLU B 11 9.66 23.58 -38.55
CA GLU B 11 9.69 22.30 -39.24
C GLU B 11 10.59 21.30 -38.54
N ASN B 12 11.78 21.72 -38.14
CA ASN B 12 12.69 20.79 -37.48
C ASN B 12 13.67 21.55 -36.61
N GLY B 13 14.44 20.77 -35.82
CA GLY B 13 15.54 21.32 -35.07
C GLY B 13 16.79 21.44 -35.93
N TRP B 14 17.78 22.13 -35.40
CA TRP B 14 19.05 22.39 -36.08
C TRP B 14 20.16 21.56 -35.43
N GLU B 15 20.62 20.52 -36.13
CA GLU B 15 21.76 19.79 -35.57
C GLU B 15 23.02 20.64 -35.53
N GLY B 16 23.09 21.71 -36.33
CA GLY B 16 24.25 22.57 -36.32
C GLY B 16 24.28 23.61 -35.22
N MET B 17 23.20 23.74 -34.46
CA MET B 17 23.22 24.62 -33.29
C MET B 17 23.70 23.79 -32.11
N ILE B 18 25.00 23.87 -31.84
CA ILE B 18 25.62 23.04 -30.82
C ILE B 18 25.89 23.80 -29.54
N ASP B 19 25.64 25.11 -29.50
CA ASP B 19 25.99 25.93 -28.34
C ASP B 19 24.77 26.47 -27.60
N GLY B 20 23.60 25.87 -27.79
CA GLY B 20 22.39 26.34 -27.14
C GLY B 20 21.21 25.53 -27.61
N TRP B 21 20.10 25.68 -26.88
CA TRP B 21 18.88 24.94 -27.21
C TRP B 21 17.96 25.65 -28.18
N TYR B 22 17.90 26.98 -28.11
CA TYR B 22 17.11 27.80 -29.01
C TYR B 22 18.03 28.88 -29.55
N GLY B 23 17.70 29.40 -30.73
CA GLY B 23 18.56 30.42 -31.29
C GLY B 23 17.99 31.05 -32.55
N PHE B 24 18.86 31.79 -33.24
CA PHE B 24 18.50 32.53 -34.44
C PHE B 24 19.38 32.13 -35.62
N ARG B 25 18.78 32.11 -36.81
CA ARG B 25 19.52 32.09 -38.06
C ARG B 25 19.01 33.24 -38.89
N HIS B 26 19.90 33.91 -39.63
CA HIS B 26 19.54 35.12 -40.34
C HIS B 26 20.15 35.14 -41.74
N GLN B 27 19.52 35.89 -42.62
CA GLN B 27 20.12 36.24 -43.90
C GLN B 27 19.89 37.72 -44.15
N ASN B 28 20.97 38.42 -44.51
CA ASN B 28 20.94 39.85 -44.79
C ASN B 28 21.94 40.12 -45.91
N SER B 29 22.26 41.40 -46.10
CA SER B 29 23.19 41.80 -47.16
C SER B 29 24.60 41.28 -46.94
N GLU B 30 25.00 41.02 -45.70
CA GLU B 30 26.35 40.56 -45.39
C GLU B 30 26.48 39.04 -45.32
N GLY B 31 25.42 38.28 -45.61
CA GLY B 31 25.49 36.84 -45.64
C GLY B 31 24.54 36.21 -44.63
N THR B 32 24.90 35.02 -44.17
CA THR B 32 24.11 34.23 -43.24
C THR B 32 24.89 33.97 -41.96
N GLY B 33 24.15 33.73 -40.88
CA GLY B 33 24.77 33.48 -39.59
C GLY B 33 23.81 32.82 -38.63
N GLN B 34 24.37 32.27 -37.57
CA GLN B 34 23.61 31.54 -36.57
C GLN B 34 24.11 31.93 -35.19
N ALA B 35 23.18 32.06 -34.25
CA ALA B 35 23.52 32.40 -32.87
C ALA B 35 22.49 31.79 -31.93
N ALA B 36 22.98 31.22 -30.83
CA ALA B 36 22.12 30.66 -29.81
C ALA B 36 21.57 31.75 -28.91
N ASP B 37 20.38 31.52 -28.37
CA ASP B 37 19.79 32.41 -27.40
C ASP B 37 20.00 31.84 -26.00
N LEU B 38 20.73 32.58 -25.16
CA LEU B 38 21.11 32.06 -23.85
C LEU B 38 19.95 32.08 -22.87
N LYS B 39 19.13 33.13 -22.89
CA LYS B 39 18.06 33.25 -21.90
C LYS B 39 17.02 32.13 -22.04
N SER B 40 16.56 31.88 -23.26
CA SER B 40 15.58 30.81 -23.45
C SER B 40 16.18 29.45 -23.11
N THR B 41 17.41 29.21 -23.59
CA THR B 41 18.15 28.00 -23.24
C THR B 41 18.23 27.83 -21.73
N GLN B 42 18.56 28.91 -21.02
CA GLN B 42 18.71 28.83 -19.58
C GLN B 42 17.36 28.51 -18.91
N ALA B 43 16.28 29.16 -19.39
CA ALA B 43 14.97 28.97 -18.77
C ALA B 43 14.52 27.51 -18.83
N ALA B 44 14.73 26.86 -19.97
CA ALA B 44 14.35 25.45 -20.11
C ALA B 44 15.26 24.54 -19.29
N ILE B 45 16.57 24.79 -19.37
CA ILE B 45 17.55 24.01 -18.61
C ILE B 45 17.33 24.12 -17.11
N ASP B 46 17.06 25.33 -16.60
CA ASP B 46 16.80 25.48 -15.17
C ASP B 46 15.59 24.66 -14.74
N GLN B 47 14.55 24.66 -15.57
CA GLN B 47 13.35 23.91 -15.20
C GLN B 47 13.61 22.41 -15.23
N ILE B 48 14.35 21.93 -16.24
CA ILE B 48 14.61 20.49 -16.31
C ILE B 48 15.56 20.08 -15.20
N ASN B 49 16.58 20.88 -14.93
CA ASN B 49 17.43 20.61 -13.76
C ASN B 49 16.60 20.62 -12.49
N GLY B 50 15.66 21.56 -12.36
CA GLY B 50 14.82 21.63 -11.17
C GLY B 50 14.02 20.37 -10.96
N LYS B 51 13.33 19.89 -12.01
CA LYS B 51 12.52 18.70 -11.83
C LYS B 51 13.40 17.47 -11.67
N LEU B 52 14.57 17.43 -12.31
CA LEU B 52 15.45 16.29 -12.14
C LEU B 52 15.87 16.15 -10.68
N ASN B 53 16.25 17.28 -10.06
CA ASN B 53 16.69 17.21 -8.67
C ASN B 53 15.53 16.94 -7.73
N ARG B 54 14.30 17.32 -8.08
CA ARG B 54 13.18 16.95 -7.22
C ARG B 54 12.96 15.45 -7.24
N VAL B 55 13.12 14.83 -8.42
CA VAL B 55 12.88 13.40 -8.56
C VAL B 55 13.93 12.60 -7.80
N ILE B 56 15.19 13.01 -7.86
CA ILE B 56 16.26 12.27 -7.19
C ILE B 56 16.51 12.77 -5.78
N GLU B 57 15.65 13.68 -5.30
CA GLU B 57 15.67 14.05 -3.89
C GLU B 57 15.80 12.79 -3.06
N LYS B 58 16.92 12.68 -2.33
CA LYS B 58 17.51 11.39 -2.02
C LYS B 58 16.55 10.46 -1.27
N THR B 59 16.95 9.19 -1.22
CA THR B 59 16.08 8.07 -0.96
C THR B 59 15.80 7.86 0.52
N ASN B 60 14.72 7.14 0.78
CA ASN B 60 14.35 6.66 2.10
C ASN B 60 15.34 5.60 2.58
N GLU B 61 15.33 5.37 3.89
CA GLU B 61 16.27 4.49 4.55
C GLU B 61 15.50 3.47 5.37
N LYS B 62 15.72 2.20 5.10
CA LYS B 62 15.03 1.13 5.81
C LYS B 62 16.03 0.14 6.35
N PHE B 63 15.69 -0.45 7.51
CA PHE B 63 16.61 -1.38 8.14
C PHE B 63 15.99 -2.76 8.30
N HIS B 64 15.69 -3.20 9.52
CA HIS B 64 15.00 -4.47 9.67
C HIS B 64 13.56 -4.36 9.16
N GLN B 65 13.19 -5.25 8.25
CA GLN B 65 11.85 -5.27 7.67
C GLN B 65 11.23 -6.65 7.82
N ILE B 66 10.45 -7.09 6.84
CA ILE B 66 9.92 -8.45 6.83
C ILE B 66 10.78 -9.27 5.86
N GLU B 67 10.74 -10.59 6.03
CA GLU B 67 11.33 -11.52 5.08
C GLU B 67 10.49 -11.54 3.80
N LYS B 68 11.16 -11.80 2.67
CA LYS B 68 10.56 -11.73 1.34
C LYS B 68 10.82 -12.94 0.47
N GLU B 69 11.65 -13.87 0.93
CA GLU B 69 11.88 -15.17 0.31
C GLU B 69 11.78 -16.20 1.41
N PHE B 70 11.34 -17.40 1.05
CA PHE B 70 11.01 -18.41 2.05
C PHE B 70 11.42 -19.78 1.56
N SER B 71 12.04 -20.57 2.42
CA SER B 71 12.52 -21.89 2.03
C SER B 71 11.54 -23.01 2.40
N GLU B 72 10.47 -22.70 3.14
CA GLU B 72 9.48 -23.69 3.57
C GLU B 72 8.09 -23.19 3.22
N VAL B 73 7.18 -24.11 2.94
CA VAL B 73 5.76 -23.78 2.78
C VAL B 73 5.14 -23.66 4.16
N GLU B 74 4.39 -22.57 4.40
CA GLU B 74 3.82 -22.30 5.72
C GLU B 74 2.33 -21.97 5.73
N GLY B 75 1.76 -21.49 4.65
CA GLY B 75 0.35 -21.13 4.63
C GLY B 75 0.12 -19.67 5.01
N ARG B 76 -0.80 -19.45 5.95
CA ARG B 76 -1.54 -18.19 6.08
C ARG B 76 -0.62 -16.99 6.31
N ILE B 77 0.32 -17.11 7.23
CA ILE B 77 1.19 -15.98 7.56
C ILE B 77 2.12 -15.67 6.38
N GLN B 78 2.61 -16.70 5.71
CA GLN B 78 3.50 -16.47 4.59
C GLN B 78 2.72 -15.93 3.39
N ASP B 79 1.46 -16.38 3.19
CA ASP B 79 0.60 -15.78 2.17
C ASP B 79 0.50 -14.27 2.36
N LEU B 80 0.35 -13.85 3.61
CA LEU B 80 0.13 -12.43 3.91
C LEU B 80 1.41 -11.63 3.73
N GLU B 81 2.54 -12.17 4.21
CA GLU B 81 3.83 -11.53 4.02
C GLU B 81 4.11 -11.31 2.53
N LYS B 82 3.88 -12.34 1.71
CA LYS B 82 4.11 -12.18 0.27
C LYS B 82 3.12 -11.20 -0.34
N TYR B 83 1.86 -11.26 0.10
CA TYR B 83 0.86 -10.37 -0.46
C TYR B 83 1.16 -8.92 -0.13
N VAL B 84 1.60 -8.65 1.11
CA VAL B 84 1.96 -7.29 1.51
C VAL B 84 3.05 -6.74 0.60
N GLU B 85 4.10 -7.53 0.36
CA GLU B 85 5.23 -7.05 -0.45
C GLU B 85 4.83 -6.91 -1.92
N ASP B 86 4.10 -7.88 -2.45
CA ASP B 86 3.66 -7.79 -3.84
C ASP B 86 2.77 -6.58 -4.05
N THR B 87 1.91 -6.29 -3.07
CA THR B 87 1.05 -5.11 -3.11
C THR B 87 1.87 -3.84 -3.14
N LYS B 88 2.87 -3.76 -2.25
CA LYS B 88 3.74 -2.59 -2.18
C LYS B 88 4.48 -2.40 -3.50
N ILE B 89 5.03 -3.48 -4.04
CA ILE B 89 5.83 -3.36 -5.25
C ILE B 89 4.98 -2.88 -6.42
N ASP B 90 3.74 -3.39 -6.51
CA ASP B 90 2.84 -2.99 -7.59
C ASP B 90 2.47 -1.51 -7.49
N LEU B 91 2.25 -1.03 -6.27
CA LEU B 91 1.90 0.38 -6.09
C LEU B 91 3.10 1.28 -6.39
N TRP B 92 4.30 0.91 -5.95
CA TRP B 92 5.47 1.71 -6.30
C TRP B 92 5.76 1.66 -7.80
N SER B 93 5.59 0.50 -8.46
CA SER B 93 5.82 0.41 -9.90
C SER B 93 4.83 1.31 -10.64
N TYR B 94 3.57 1.31 -10.22
CA TYR B 94 2.59 2.25 -10.74
C TYR B 94 3.05 3.69 -10.51
N ASN B 95 3.50 4.03 -9.30
CA ASN B 95 3.95 5.40 -9.04
C ASN B 95 5.07 5.78 -10.00
N ALA B 96 6.03 4.88 -10.20
CA ALA B 96 7.16 5.20 -11.07
C ALA B 96 6.70 5.40 -12.51
N GLU B 97 5.81 4.54 -12.99
CA GLU B 97 5.30 4.66 -14.35
C GLU B 97 4.54 5.96 -14.56
N LEU B 98 3.64 6.31 -13.62
CA LEU B 98 2.89 7.57 -13.76
C LEU B 98 3.82 8.77 -13.68
N LEU B 99 4.80 8.72 -12.76
CA LEU B 99 5.73 9.84 -12.59
C LEU B 99 6.44 10.18 -13.89
N VAL B 100 7.05 9.20 -14.55
CA VAL B 100 7.84 9.56 -15.74
C VAL B 100 6.94 10.04 -16.88
N ALA B 101 5.74 9.47 -17.00
CA ALA B 101 4.84 9.90 -18.07
C ALA B 101 4.43 11.34 -17.86
N LEU B 102 4.00 11.69 -16.64
CA LEU B 102 3.62 13.07 -16.35
C LEU B 102 4.80 14.00 -16.55
N GLU B 103 5.95 13.64 -15.97
CA GLU B 103 7.13 14.49 -16.10
C GLU B 103 7.47 14.74 -17.56
N ASN B 104 7.41 13.69 -18.38
CA ASN B 104 7.89 13.79 -19.75
C ASN B 104 6.94 14.57 -20.64
N GLN B 105 5.63 14.36 -20.48
CA GLN B 105 4.67 15.21 -21.17
C GLN B 105 4.92 16.67 -20.84
N HIS B 106 5.14 16.96 -19.57
CA HIS B 106 5.36 18.35 -19.15
C HIS B 106 6.67 18.90 -19.70
N THR B 107 7.71 18.07 -19.74
CA THR B 107 9.00 18.53 -20.26
C THR B 107 8.93 18.86 -21.74
N ILE B 108 8.18 18.06 -22.51
CA ILE B 108 7.99 18.39 -23.92
C ILE B 108 7.18 19.68 -24.07
N ASP B 109 6.15 19.87 -23.22
CA ASP B 109 5.32 21.08 -23.28
C ASP B 109 6.08 22.32 -22.83
N LEU B 110 6.91 22.21 -21.79
CA LEU B 110 7.63 23.40 -21.33
C LEU B 110 8.72 23.80 -22.32
N THR B 111 9.39 22.82 -22.95
CA THR B 111 10.40 23.19 -23.95
C THR B 111 9.73 23.75 -25.20
N ASP B 112 8.56 23.21 -25.56
CA ASP B 112 7.73 23.80 -26.59
C ASP B 112 7.39 25.25 -26.26
N SER B 113 7.00 25.49 -25.01
CA SER B 113 6.62 26.81 -24.54
C SER B 113 7.77 27.82 -24.63
N GLU B 114 8.98 27.42 -24.27
CA GLU B 114 10.08 28.37 -24.33
C GLU B 114 10.38 28.78 -25.76
N MET B 115 10.27 27.84 -26.70
CA MET B 115 10.38 28.21 -28.12
C MET B 115 9.36 29.25 -28.48
N ASN B 116 8.10 29.05 -28.04
CA ASN B 116 7.04 29.99 -28.37
C ASN B 116 7.27 31.34 -27.71
N LYS B 117 7.73 31.36 -26.45
CA LYS B 117 8.00 32.63 -25.78
C LYS B 117 9.07 33.42 -26.53
N LEU B 118 10.15 32.74 -26.92
CA LEU B 118 11.20 33.44 -27.65
C LEU B 118 10.67 33.98 -28.98
N PHE B 119 9.83 33.21 -29.66
CA PHE B 119 9.29 33.65 -30.94
C PHE B 119 8.38 34.87 -30.76
N GLU B 120 7.47 34.81 -29.77
CA GLU B 120 6.58 35.95 -29.50
C GLU B 120 7.35 37.16 -29.00
N LYS B 121 8.35 36.95 -28.14
CA LYS B 121 9.19 38.04 -27.67
C LYS B 121 9.88 38.75 -28.84
N THR B 122 10.42 37.98 -29.79
CA THR B 122 11.06 38.57 -30.96
C THR B 122 10.07 39.38 -31.80
N GLY B 123 8.89 38.84 -32.05
CA GLY B 123 7.92 39.55 -32.86
C GLY B 123 7.47 40.87 -32.25
N ARG B 124 7.28 40.88 -30.92
CA ARG B 124 6.92 42.13 -30.25
C ARG B 124 8.02 43.16 -30.39
N GLN B 125 9.28 42.72 -30.38
CA GLN B 125 10.40 43.62 -30.58
C GLN B 125 10.31 44.31 -31.93
N LEU B 126 9.95 43.56 -32.97
CA LEU B 126 10.00 44.07 -34.34
C LEU B 126 8.83 44.98 -34.68
N ARG B 127 7.75 44.93 -33.91
CA ARG B 127 6.61 45.81 -34.12
C ARG B 127 6.10 45.78 -35.55
N GLU B 128 6.12 46.92 -36.22
CA GLU B 128 5.55 47.00 -37.56
C GLU B 128 6.60 46.89 -38.66
N ASN B 129 7.83 46.46 -38.32
CA ASN B 129 8.93 46.37 -39.26
C ASN B 129 9.11 44.98 -39.87
N ALA B 130 8.28 44.01 -39.49
CA ALA B 130 8.45 42.64 -39.95
C ALA B 130 7.09 41.98 -40.07
N GLU B 131 7.05 40.85 -40.80
CA GLU B 131 5.86 40.03 -40.91
C GLU B 131 6.21 38.57 -40.69
N ASP B 132 5.34 37.87 -39.96
CA ASP B 132 5.52 36.47 -39.62
C ASP B 132 5.21 35.60 -40.84
N MET B 133 6.22 34.86 -41.30
CA MET B 133 6.05 34.01 -42.47
C MET B 133 5.36 32.69 -42.15
N GLY B 134 5.17 32.37 -40.87
CA GLY B 134 4.46 31.17 -40.48
C GLY B 134 5.33 29.95 -40.20
N ASN B 135 6.63 30.04 -40.45
CA ASN B 135 7.55 28.92 -40.24
C ASN B 135 8.59 29.24 -39.18
N GLY B 136 8.29 30.19 -38.30
CA GLY B 136 9.27 30.66 -37.35
C GLY B 136 10.22 31.71 -37.87
N CYS B 137 10.03 32.17 -39.10
CA CYS B 137 10.91 33.18 -39.71
C CYS B 137 10.15 34.50 -39.89
N PHE B 138 10.82 35.60 -39.62
CA PHE B 138 10.27 36.92 -39.88
C PHE B 138 10.92 37.48 -41.14
N LYS B 139 10.12 38.02 -42.04
CA LYS B 139 10.67 38.82 -43.12
C LYS B 139 10.78 40.24 -42.60
N ILE B 140 11.98 40.80 -42.62
CA ILE B 140 12.28 42.13 -42.09
C ILE B 140 12.36 43.11 -43.24
N TYR B 141 11.47 44.10 -43.25
CA TYR B 141 11.27 44.96 -44.42
C TYR B 141 12.20 46.17 -44.43
N HIS B 142 13.45 45.99 -44.01
CA HIS B 142 14.42 47.07 -44.06
C HIS B 142 15.81 46.45 -44.00
N LYS B 143 16.79 47.21 -44.47
CA LYS B 143 18.17 46.75 -44.47
C LYS B 143 18.65 46.59 -43.03
N CYS B 144 19.07 45.37 -42.69
CA CYS B 144 19.43 45.01 -41.32
C CYS B 144 20.79 44.33 -41.34
N ASP B 145 21.85 45.11 -41.08
CA ASP B 145 23.21 44.61 -41.07
C ASP B 145 23.45 43.72 -39.85
N ASN B 146 24.70 43.22 -39.74
CA ASN B 146 25.02 42.33 -38.63
C ASN B 146 24.81 43.02 -37.29
N ALA B 147 25.17 44.30 -37.21
CA ALA B 147 24.89 45.07 -36.00
C ALA B 147 23.40 45.10 -35.71
N CYS B 148 22.58 45.27 -36.76
CA CYS B 148 21.14 45.32 -36.58
C CYS B 148 20.57 43.97 -36.15
N ILE B 149 21.10 42.88 -36.71
CA ILE B 149 20.68 41.54 -36.27
C ILE B 149 21.08 41.32 -34.82
N GLU B 150 22.34 41.66 -34.48
CA GLU B 150 22.77 41.51 -33.10
C GLU B 150 21.89 42.31 -32.15
N SER B 151 21.47 43.51 -32.57
CA SER B 151 20.64 44.33 -31.70
C SER B 151 19.30 43.64 -31.42
N ILE B 152 18.76 42.93 -32.40
CA ILE B 152 17.55 42.16 -32.15
C ILE B 152 17.82 41.06 -31.15
N ARG B 153 18.94 40.35 -31.32
CA ARG B 153 19.20 39.18 -30.49
C ARG B 153 19.51 39.56 -29.04
N ASN B 154 20.16 40.70 -28.81
CA ASN B 154 20.48 41.11 -27.45
C ASN B 154 19.47 42.12 -26.88
N GLY B 155 18.34 42.31 -27.55
CA GLY B 155 17.24 43.08 -27.01
C GLY B 155 17.39 44.58 -27.10
N THR B 156 18.28 45.09 -27.94
CA THR B 156 18.52 46.52 -28.04
C THR B 156 18.06 47.09 -29.37
N TYR B 157 17.12 46.42 -30.03
CA TYR B 157 16.63 46.83 -31.34
C TYR B 157 15.62 47.96 -31.16
N ASP B 158 15.96 49.15 -31.66
CA ASP B 158 15.05 50.30 -31.62
C ASP B 158 14.20 50.26 -32.89
N HIS B 159 12.93 49.88 -32.74
CA HIS B 159 12.08 49.74 -33.92
C HIS B 159 11.83 51.10 -34.59
N ASP B 160 11.83 52.20 -33.82
CA ASP B 160 11.53 53.50 -34.38
C ASP B 160 12.56 53.93 -35.42
N VAL B 161 13.79 53.43 -35.33
CA VAL B 161 14.86 53.87 -36.23
C VAL B 161 14.58 53.45 -37.66
N TYR B 162 14.04 52.25 -37.85
CA TYR B 162 13.79 51.71 -39.18
C TYR B 162 12.32 51.77 -39.58
N ARG B 163 11.47 52.32 -38.71
CA ARG B 163 10.03 52.16 -38.92
C ARG B 163 9.59 52.75 -40.24
N ASP B 164 10.05 53.97 -40.56
CA ASP B 164 9.67 54.62 -41.81
C ASP B 164 10.08 53.79 -43.02
N GLU B 165 11.36 53.41 -43.06
CA GLU B 165 11.85 52.57 -44.16
C GLU B 165 11.04 51.28 -44.28
N ALA B 166 10.71 50.65 -43.16
CA ALA B 166 10.04 49.36 -43.21
C ALA B 166 8.57 49.49 -43.61
N LEU B 167 7.92 50.56 -43.18
CA LEU B 167 6.51 50.75 -43.49
C LEU B 167 6.27 50.95 -44.98
N ASN B 168 7.19 51.67 -45.65
CA ASN B 168 7.03 51.89 -47.09
C ASN B 168 7.24 50.62 -47.89
N ASN B 169 8.17 49.76 -47.43
CA ASN B 169 8.37 48.48 -48.11
C ASN B 169 7.19 47.55 -47.91
N ARG B 170 6.53 47.62 -46.75
CA ARG B 170 5.43 46.71 -46.47
C ARG B 170 4.19 47.07 -47.28
N PHE B 171 3.90 48.35 -47.45
CA PHE B 171 2.64 48.80 -48.01
C PHE B 171 2.87 49.49 -49.35
N GLN B 172 2.18 49.01 -50.38
CA GLN B 172 2.30 49.50 -51.73
C GLN B 172 1.09 49.15 -52.57
N PRO C 1 -1.61 63.12 -29.89
CA PRO C 1 -1.80 62.84 -28.46
C PRO C 1 -2.64 61.59 -28.24
N GLY C 2 -1.99 60.47 -27.94
CA GLY C 2 -2.63 59.19 -27.81
C GLY C 2 -2.87 58.79 -26.37
N ALA C 3 -2.80 57.48 -26.12
CA ALA C 3 -3.07 56.95 -24.79
C ALA C 3 -2.36 55.61 -24.66
N THR C 4 -2.18 55.19 -23.42
CA THR C 4 -1.55 53.91 -23.10
C THR C 4 -2.47 53.09 -22.22
N LEU C 5 -2.56 51.79 -22.50
CA LEU C 5 -3.39 50.86 -21.73
C LEU C 5 -2.53 49.67 -21.36
N CYS C 6 -2.22 49.55 -20.08
CA CYS C 6 -1.36 48.49 -19.58
C CYS C 6 -2.20 47.42 -18.90
N LEU C 7 -1.98 46.17 -19.30
CA LEU C 7 -2.60 45.01 -18.67
C LEU C 7 -1.66 44.49 -17.59
N GLY C 8 -2.23 44.07 -16.46
CA GLY C 8 -1.40 43.62 -15.35
C GLY C 8 -2.16 42.76 -14.38
N HIS C 9 -1.44 42.35 -13.32
CA HIS C 9 -1.95 41.45 -12.30
C HIS C 9 -1.50 41.96 -10.94
N HIS C 10 -2.14 41.46 -9.89
CA HIS C 10 -1.77 41.99 -8.59
C HIS C 10 -0.53 41.27 -8.05
N ALA C 11 0.01 41.84 -6.99
CA ALA C 11 1.05 41.20 -6.21
C ALA C 11 0.85 41.64 -4.77
N VAL C 12 1.45 40.91 -3.85
CA VAL C 12 1.33 41.21 -2.43
C VAL C 12 2.73 41.46 -1.90
N PRO C 13 2.85 42.23 -0.81
CA PRO C 13 4.21 42.54 -0.31
C PRO C 13 4.96 41.31 0.19
N ASN C 14 4.28 40.34 0.80
CA ASN C 14 4.95 39.15 1.31
C ASN C 14 4.15 37.89 0.96
N GLY C 15 4.56 37.22 -0.10
CA GLY C 15 3.95 35.97 -0.50
C GLY C 15 4.41 34.82 0.37
N THR C 16 4.15 33.60 -0.11
CA THR C 16 4.59 32.41 0.59
C THR C 16 5.21 31.45 -0.42
N LEU C 17 6.20 30.70 0.04
CA LEU C 17 6.91 29.75 -0.81
C LEU C 17 6.13 28.44 -0.87
N VAL C 18 6.00 27.89 -2.07
CA VAL C 18 5.38 26.60 -2.29
C VAL C 18 6.30 25.78 -3.17
N LYS C 19 5.98 24.49 -3.29
CA LYS C 19 6.71 23.54 -4.12
C LYS C 19 5.93 23.21 -5.39
N THR C 20 6.66 23.01 -6.49
CA THR C 20 6.05 22.65 -7.76
C THR C 20 6.76 21.45 -8.33
N ILE C 21 6.49 21.13 -9.60
CA ILE C 21 7.21 20.07 -10.29
C ILE C 21 8.66 20.46 -10.52
N THR C 22 8.91 21.73 -10.84
CA THR C 22 10.25 22.16 -11.22
C THR C 22 11.00 22.93 -10.13
N ASP C 23 10.30 23.45 -9.12
CA ASP C 23 10.90 24.28 -8.07
C ASP C 23 10.49 23.74 -6.72
N ASP C 24 11.46 23.54 -5.82
CA ASP C 24 11.14 23.18 -4.45
C ASP C 24 10.72 24.38 -3.59
N GLN C 25 10.96 25.59 -4.07
CA GLN C 25 10.62 26.83 -3.36
C GLN C 25 10.37 27.90 -4.41
N ILE C 26 9.10 28.30 -4.58
CA ILE C 26 8.73 29.40 -5.46
C ILE C 26 7.58 30.17 -4.82
N GLU C 27 7.56 31.48 -5.04
CA GLU C 27 6.71 32.40 -4.28
C GLU C 27 5.40 32.68 -5.00
N VAL C 28 4.28 32.44 -4.32
CA VAL C 28 2.96 32.76 -4.83
C VAL C 28 2.30 33.76 -3.88
N THR C 29 1.17 34.31 -4.31
CA THR C 29 0.51 35.34 -3.52
C THR C 29 -0.14 34.78 -2.26
N ASN C 30 -0.47 33.49 -2.25
CA ASN C 30 -1.16 32.93 -1.10
C ASN C 30 -1.17 31.40 -1.21
N ALA C 31 -1.25 30.75 -0.06
CA ALA C 31 -1.31 29.30 -0.02
C ALA C 31 -2.08 28.87 1.23
N THR C 32 -2.41 27.59 1.29
CA THR C 32 -3.13 27.04 2.42
C THR C 32 -2.49 25.73 2.84
N GLU C 33 -2.51 25.47 4.15
CA GLU C 33 -1.78 24.36 4.74
C GLU C 33 -2.59 23.07 4.60
N LEU C 34 -1.94 22.00 4.13
CA LEU C 34 -2.65 20.74 3.92
C LEU C 34 -2.36 19.69 5.01
N VAL C 35 -1.44 19.96 5.93
CA VAL C 35 -1.09 19.00 6.97
C VAL C 35 -1.54 19.56 8.31
N GLN C 36 -2.46 18.86 8.96
CA GLN C 36 -2.82 19.20 10.34
C GLN C 36 -1.71 18.71 11.27
N SER C 37 -1.09 19.63 12.01
CA SER C 37 0.07 19.29 12.82
C SER C 37 -0.09 19.65 14.29
N SER C 38 -1.28 20.09 14.72
CA SER C 38 -1.54 20.44 16.11
C SER C 38 -2.82 19.76 16.59
N SER C 39 -2.92 19.60 17.90
CA SER C 39 -4.12 19.09 18.56
C SER C 39 -4.48 19.97 19.75
N THR C 40 -5.75 19.91 20.17
CA THR C 40 -6.14 20.57 21.42
C THR C 40 -5.55 19.88 22.65
N GLY C 41 -5.09 18.63 22.51
CA GLY C 41 -4.64 17.88 23.67
C GLY C 41 -5.74 17.20 24.43
N LYS C 42 -6.99 17.31 23.98
CA LYS C 42 -8.13 16.74 24.66
C LYS C 42 -8.99 15.93 23.70
N ILE C 43 -9.62 14.88 24.21
CA ILE C 43 -10.55 14.07 23.44
C ILE C 43 -11.97 14.61 23.62
N CYS C 44 -12.59 15.03 22.51
CA CYS C 44 -13.96 15.54 22.56
C CYS C 44 -14.95 14.41 22.75
N ASN C 45 -15.92 14.62 23.66
CA ASN C 45 -16.85 13.55 24.02
C ASN C 45 -18.02 13.40 23.07
N ASN C 46 -18.05 14.16 21.97
CA ASN C 46 -19.03 14.04 20.90
C ASN C 46 -18.30 14.15 19.58
N PRO C 47 -18.83 13.51 18.52
CA PRO C 47 -20.09 12.78 18.43
C PRO C 47 -19.98 11.29 18.78
N HIS C 48 -18.78 10.80 19.04
CA HIS C 48 -18.60 9.39 19.36
C HIS C 48 -18.80 9.18 20.86
N ARG C 49 -19.35 8.02 21.22
CA ARG C 49 -19.47 7.65 22.62
C ARG C 49 -18.07 7.24 23.12
N ILE C 50 -17.49 8.08 23.96
CA ILE C 50 -16.18 7.88 24.55
C ILE C 50 -16.39 7.26 25.92
N LEU C 51 -15.71 6.13 26.19
CA LEU C 51 -15.77 5.51 27.50
C LEU C 51 -14.37 5.55 28.11
N ASP C 52 -14.21 6.38 29.14
CA ASP C 52 -12.93 6.53 29.84
C ASP C 52 -12.72 5.34 30.76
N GLY C 53 -11.71 4.53 30.46
CA GLY C 53 -11.42 3.37 31.29
C GLY C 53 -10.94 3.70 32.68
N ILE C 54 -10.48 4.94 32.89
CA ILE C 54 -9.90 5.39 34.16
C ILE C 54 -8.82 4.41 34.63
N ASP C 55 -9.09 3.67 35.71
CA ASP C 55 -8.13 2.76 36.32
C ASP C 55 -8.16 1.37 35.73
N CYS C 56 -8.95 1.14 34.68
CA CYS C 56 -9.26 -0.21 34.24
C CYS C 56 -8.91 -0.42 32.79
N THR C 57 -8.22 -1.52 32.49
CA THR C 57 -8.16 -2.00 31.13
C THR C 57 -9.52 -2.54 30.70
N LEU C 58 -9.70 -2.66 29.38
CA LEU C 58 -10.92 -3.28 28.88
C LEU C 58 -11.04 -4.71 29.41
N ILE C 59 -9.93 -5.44 29.44
CA ILE C 59 -9.95 -6.83 29.88
C ILE C 59 -10.36 -6.93 31.34
N ASP C 60 -9.83 -6.04 32.19
CA ASP C 60 -10.22 -6.05 33.60
C ASP C 60 -11.69 -5.70 33.77
N ALA C 61 -12.22 -4.79 32.96
CA ALA C 61 -13.64 -4.50 33.01
C ALA C 61 -14.47 -5.68 32.50
N LEU C 62 -13.95 -6.39 31.50
CA LEU C 62 -14.61 -7.58 30.98
C LEU C 62 -14.68 -8.68 32.02
N LEU C 63 -13.53 -9.05 32.59
CA LEU C 63 -13.51 -10.15 33.56
C LEU C 63 -14.29 -9.79 34.82
N GLY C 64 -14.27 -8.51 35.20
CA GLY C 64 -15.01 -8.07 36.36
C GLY C 64 -14.19 -7.92 37.63
N ASP C 65 -12.95 -7.43 37.47
CA ASP C 65 -12.16 -6.91 38.57
C ASP C 65 -13.00 -5.95 39.40
N PRO C 66 -13.07 -6.12 40.74
CA PRO C 66 -14.03 -5.32 41.54
C PRO C 66 -13.92 -3.81 41.37
N HIS C 67 -12.71 -3.24 41.33
CA HIS C 67 -12.63 -1.79 41.12
C HIS C 67 -13.06 -1.37 39.71
N CYS C 68 -13.35 -2.33 38.83
CA CYS C 68 -13.92 -2.07 37.51
C CYS C 68 -15.41 -2.43 37.43
N ASP C 69 -16.06 -2.74 38.57
CA ASP C 69 -17.48 -3.14 38.55
C ASP C 69 -18.37 -2.08 37.90
N VAL C 70 -17.97 -0.82 37.97
CA VAL C 70 -18.76 0.27 37.42
C VAL C 70 -18.89 0.16 35.91
N PHE C 71 -18.05 -0.64 35.25
CA PHE C 71 -18.11 -0.75 33.80
C PHE C 71 -19.05 -1.86 33.34
N GLN C 72 -19.79 -2.49 34.26
CA GLN C 72 -20.68 -3.58 33.86
C GLN C 72 -21.70 -3.10 32.85
N ASN C 73 -21.89 -3.88 31.80
CA ASN C 73 -22.86 -3.60 30.74
C ASN C 73 -22.56 -2.31 30.00
N GLU C 74 -21.35 -1.80 30.08
CA GLU C 74 -21.09 -0.55 29.39
C GLU C 74 -20.96 -0.77 27.89
N THR C 75 -21.14 0.30 27.13
CA THR C 75 -20.97 0.31 25.69
C THR C 75 -20.10 1.51 25.34
N TRP C 76 -19.54 1.49 24.14
CA TRP C 76 -18.64 2.55 23.66
C TRP C 76 -18.54 2.52 22.14
N ASP C 77 -18.23 3.69 21.57
CA ASP C 77 -17.58 3.74 20.27
C ASP C 77 -16.06 3.63 20.40
N LEU C 78 -15.48 4.32 21.38
CA LEU C 78 -14.04 4.27 21.61
C LEU C 78 -13.78 4.06 23.10
N PHE C 79 -13.24 2.90 23.45
CA PHE C 79 -12.76 2.69 24.82
C PHE C 79 -11.36 3.29 24.93
N VAL C 80 -11.16 4.13 25.94
CA VAL C 80 -9.88 4.78 26.12
C VAL C 80 -9.21 4.12 27.31
N GLU C 81 -8.08 3.44 27.05
CA GLU C 81 -7.27 2.83 28.12
C GLU C 81 -6.17 3.79 28.55
N ARG C 82 -6.08 4.02 29.87
CA ARG C 82 -5.13 4.97 30.45
C ARG C 82 -3.88 4.25 30.92
N SER C 83 -2.76 4.99 30.95
CA SER C 83 -1.51 4.37 31.38
C SER C 83 -1.48 4.13 32.88
N LYS C 84 -2.33 4.79 33.65
CA LYS C 84 -2.39 4.58 35.10
C LYS C 84 -3.19 3.35 35.49
N ALA C 85 -3.75 2.62 34.52
CA ALA C 85 -4.62 1.50 34.85
C ALA C 85 -3.86 0.41 35.59
N PHE C 86 -4.57 -0.30 36.47
CA PHE C 86 -3.96 -1.39 37.23
C PHE C 86 -4.98 -2.50 37.42
N SER C 87 -4.47 -3.72 37.58
CA SER C 87 -5.27 -4.88 37.98
C SER C 87 -5.22 -5.04 39.49
N ASN C 88 -6.34 -5.47 40.09
CA ASN C 88 -6.40 -5.61 41.55
C ASN C 88 -7.25 -6.81 41.93
N CYS C 89 -7.09 -7.91 41.22
CA CYS C 89 -7.87 -9.11 41.49
C CYS C 89 -6.91 -10.28 41.41
N TYR C 90 -7.39 -11.48 41.08
CA TYR C 90 -6.49 -12.63 41.03
C TYR C 90 -5.48 -12.46 39.88
N PRO C 91 -4.22 -12.78 40.11
CA PRO C 91 -3.23 -12.67 39.02
C PRO C 91 -3.54 -13.64 37.89
N TYR C 92 -3.44 -13.14 36.66
CA TYR C 92 -3.92 -13.90 35.52
C TYR C 92 -3.09 -13.59 34.28
N ASP C 93 -3.18 -14.48 33.30
CA ASP C 93 -2.74 -14.16 31.95
C ASP C 93 -3.80 -14.59 30.95
N VAL C 94 -3.76 -13.93 29.79
CA VAL C 94 -4.59 -14.28 28.64
C VAL C 94 -3.67 -14.65 27.49
N PRO C 95 -3.55 -15.94 27.18
CA PRO C 95 -2.89 -16.31 25.91
C PRO C 95 -3.68 -15.70 24.76
N ASP C 96 -2.97 -15.00 23.88
CA ASP C 96 -3.57 -14.19 22.81
C ASP C 96 -4.45 -13.08 23.39
N TYR C 97 -3.97 -12.49 24.49
CA TYR C 97 -4.55 -11.28 25.05
C TYR C 97 -4.93 -10.25 23.99
N ALA C 98 -4.02 -10.00 23.04
CA ALA C 98 -4.25 -8.95 22.07
C ALA C 98 -5.49 -9.21 21.23
N SER C 99 -5.71 -10.48 20.85
CA SER C 99 -6.91 -10.83 20.08
C SER C 99 -8.20 -10.72 20.91
N LEU C 100 -8.16 -11.14 22.18
CA LEU C 100 -9.36 -10.97 23.02
C LEU C 100 -9.68 -9.49 23.19
N ARG C 101 -8.65 -8.68 23.50
CA ARG C 101 -8.84 -7.24 23.64
C ARG C 101 -9.41 -6.64 22.36
N SER C 102 -8.89 -7.06 21.21
CA SER C 102 -9.34 -6.52 19.93
C SER C 102 -10.78 -6.92 19.63
N LEU C 103 -11.11 -8.20 19.78
CA LEU C 103 -12.46 -8.61 19.40
C LEU C 103 -13.51 -8.02 20.35
N VAL C 104 -13.19 -7.79 21.63
CA VAL C 104 -14.16 -7.14 22.51
C VAL C 104 -14.27 -5.65 22.18
N ALA C 105 -13.12 -5.00 21.98
CA ALA C 105 -13.10 -3.57 21.65
C ALA C 105 -13.94 -3.29 20.40
N SER C 106 -13.80 -4.13 19.38
CA SER C 106 -14.54 -3.94 18.15
C SER C 106 -16.03 -4.23 18.34
N SER C 107 -16.37 -5.10 19.28
CA SER C 107 -17.78 -5.38 19.52
C SER C 107 -18.47 -4.20 20.18
N GLY C 108 -17.76 -3.44 21.01
CA GLY C 108 -18.31 -2.22 21.54
C GLY C 108 -19.27 -2.37 22.71
N THR C 109 -19.33 -3.53 23.35
CA THR C 109 -20.25 -3.68 24.46
C THR C 109 -19.73 -4.71 25.46
N LEU C 110 -20.10 -4.49 26.72
CA LEU C 110 -19.88 -5.46 27.80
C LEU C 110 -21.18 -6.08 28.29
N GLU C 111 -22.25 -5.96 27.53
CA GLU C 111 -23.56 -6.48 27.94
C GLU C 111 -23.45 -7.97 28.25
N PHE C 112 -23.77 -8.33 29.49
CA PHE C 112 -23.57 -9.68 29.99
C PHE C 112 -24.90 -10.27 30.44
N ILE C 113 -25.18 -11.49 29.99
CA ILE C 113 -26.42 -12.19 30.32
C ILE C 113 -26.04 -13.39 31.17
N THR C 114 -26.55 -13.42 32.39
CA THR C 114 -26.28 -14.54 33.29
C THR C 114 -27.09 -15.74 32.84
N GLU C 115 -26.47 -16.91 32.87
CA GLU C 115 -27.17 -18.13 32.48
C GLU C 115 -27.18 -19.09 33.65
N GLY C 116 -28.25 -19.88 33.74
CA GLY C 116 -28.40 -20.83 34.81
C GLY C 116 -27.63 -22.12 34.63
N PHE C 117 -26.31 -22.05 34.75
CA PHE C 117 -25.48 -23.25 34.84
C PHE C 117 -25.74 -23.97 36.16
N THR C 118 -25.83 -25.30 36.09
CA THR C 118 -25.92 -26.17 37.27
C THR C 118 -24.60 -26.90 37.46
N TRP C 119 -23.93 -26.64 38.59
CA TRP C 119 -22.63 -27.23 38.92
C TRP C 119 -22.82 -28.24 40.05
N THR C 120 -23.16 -29.46 39.68
CA THR C 120 -23.57 -30.46 40.67
C THR C 120 -22.35 -31.04 41.36
N GLY C 121 -22.36 -31.01 42.69
CA GLY C 121 -21.33 -31.65 43.48
C GLY C 121 -20.07 -30.84 43.70
N VAL C 122 -20.10 -29.55 43.40
CA VAL C 122 -18.96 -28.65 43.61
C VAL C 122 -19.45 -27.43 44.38
N THR C 123 -18.50 -26.75 45.03
CA THR C 123 -18.78 -25.50 45.71
C THR C 123 -18.58 -24.35 44.73
N GLN C 124 -19.51 -23.41 44.74
CA GLN C 124 -19.42 -22.26 43.85
C GLN C 124 -18.87 -21.06 44.61
N ASN C 125 -18.47 -20.03 43.83
CA ASN C 125 -18.16 -18.69 44.37
C ASN C 125 -16.87 -18.65 45.20
N GLY C 126 -15.86 -19.41 44.78
CA GLY C 126 -14.57 -19.27 45.43
C GLY C 126 -14.04 -17.86 45.29
N GLY C 127 -13.25 -17.44 46.29
CA GLY C 127 -12.69 -16.10 46.29
C GLY C 127 -11.29 -16.08 46.84
N SER C 128 -10.68 -14.92 46.74
CA SER C 128 -9.30 -14.70 47.18
C SER C 128 -9.20 -13.36 47.87
N ASN C 129 -8.31 -13.29 48.85
CA ASN C 129 -8.01 -11.99 49.42
C ASN C 129 -7.22 -11.09 48.49
N ALA C 130 -6.71 -11.63 47.36
CA ALA C 130 -6.11 -10.77 46.35
C ALA C 130 -7.16 -10.07 45.50
N CYS C 131 -8.43 -10.40 45.70
CA CYS C 131 -9.51 -9.84 44.92
C CYS C 131 -10.71 -9.54 45.83
N LYS C 132 -10.52 -8.62 46.78
CA LYS C 132 -11.56 -8.36 47.76
C LYS C 132 -12.76 -7.61 47.17
N ARG C 133 -13.94 -7.95 47.67
CA ARG C 133 -15.20 -7.24 47.42
C ARG C 133 -15.75 -6.85 48.78
N GLY C 134 -15.72 -5.56 49.09
CA GLY C 134 -15.94 -5.14 50.46
C GLY C 134 -14.81 -5.71 51.31
N PRO C 135 -15.06 -5.98 52.59
CA PRO C 135 -13.97 -6.49 53.44
C PRO C 135 -13.61 -7.94 53.16
N GLY C 136 -14.44 -8.71 52.46
CA GLY C 136 -14.20 -10.13 52.34
C GLY C 136 -13.52 -10.49 51.03
N SER C 137 -13.07 -11.74 50.99
CA SER C 137 -12.42 -12.22 49.77
C SER C 137 -13.46 -12.32 48.66
N GLY C 138 -12.98 -12.18 47.42
CA GLY C 138 -13.89 -12.20 46.29
C GLY C 138 -13.21 -12.63 45.00
N PHE C 139 -13.86 -12.35 43.88
CA PHE C 139 -13.37 -12.89 42.61
C PHE C 139 -13.89 -12.02 41.48
N PHE C 140 -13.40 -12.30 40.27
CA PHE C 140 -13.94 -11.65 39.07
C PHE C 140 -15.44 -11.87 39.04
N SER C 141 -16.19 -10.78 38.82
CA SER C 141 -17.64 -10.86 38.87
C SER C 141 -18.20 -11.83 37.83
N ARG C 142 -17.56 -11.94 36.66
CA ARG C 142 -18.15 -12.75 35.59
C ARG C 142 -17.66 -14.19 35.58
N LEU C 143 -16.81 -14.58 36.53
CA LEU C 143 -16.28 -15.93 36.59
C LEU C 143 -16.69 -16.58 37.91
N ASN C 144 -16.72 -17.91 37.92
CA ASN C 144 -17.26 -18.68 39.04
C ASN C 144 -16.23 -19.74 39.43
N TRP C 145 -15.51 -19.50 40.52
CA TRP C 145 -14.42 -20.38 40.95
C TRP C 145 -15.02 -21.58 41.68
N LEU C 146 -14.94 -22.74 41.06
CA LEU C 146 -15.52 -23.96 41.59
C LEU C 146 -14.48 -24.76 42.34
N THR C 147 -14.87 -25.30 43.50
CA THR C 147 -13.99 -26.16 44.29
C THR C 147 -14.79 -27.34 44.82
N LYS C 148 -14.10 -28.22 45.54
CA LYS C 148 -14.69 -29.46 46.01
C LYS C 148 -15.85 -29.19 46.97
N SER C 149 -16.80 -30.11 46.99
CA SER C 149 -17.92 -30.09 47.91
C SER C 149 -17.73 -31.24 48.89
N GLY C 150 -17.57 -30.90 50.16
CA GLY C 150 -17.22 -31.94 51.12
C GLY C 150 -15.83 -32.45 50.85
N SER C 151 -15.72 -33.69 50.39
CA SER C 151 -14.42 -34.28 50.11
C SER C 151 -14.29 -34.71 48.66
N THR C 152 -15.20 -34.30 47.79
CA THR C 152 -15.24 -34.81 46.43
C THR C 152 -15.41 -33.68 45.43
N TYR C 153 -14.82 -33.90 44.26
CA TYR C 153 -15.00 -33.03 43.09
C TYR C 153 -15.32 -33.95 41.92
N PRO C 154 -16.59 -34.05 41.53
CA PRO C 154 -16.95 -34.98 40.45
C PRO C 154 -16.56 -34.40 39.10
N VAL C 155 -16.61 -35.26 38.08
CA VAL C 155 -16.41 -34.79 36.71
C VAL C 155 -17.61 -33.94 36.32
N LEU C 156 -17.37 -32.66 36.06
CA LEU C 156 -18.43 -31.78 35.60
C LEU C 156 -18.59 -31.93 34.10
N ASN C 157 -19.85 -32.00 33.66
CA ASN C 157 -20.16 -32.15 32.24
C ASN C 157 -21.48 -31.40 32.02
N VAL C 158 -21.37 -30.14 31.63
CA VAL C 158 -22.55 -29.29 31.49
C VAL C 158 -22.64 -28.74 30.07
N THR C 159 -23.84 -28.33 29.74
CA THR C 159 -24.27 -27.95 28.41
C THR C 159 -25.05 -26.64 28.48
N MET C 160 -24.90 -25.82 27.46
CA MET C 160 -25.67 -24.59 27.34
C MET C 160 -25.86 -24.36 25.85
N PRO C 161 -27.03 -24.68 25.31
CA PRO C 161 -27.27 -24.47 23.88
C PRO C 161 -27.50 -23.01 23.56
N ASN C 162 -27.13 -22.63 22.36
CA ASN C 162 -27.42 -21.27 21.90
C ASN C 162 -28.69 -21.36 21.07
N ASN C 163 -29.81 -21.00 21.68
CA ASN C 163 -31.12 -20.98 21.05
C ASN C 163 -31.54 -19.58 20.61
N ASP C 164 -30.64 -18.61 20.67
CA ASP C 164 -30.87 -17.26 20.20
C ASP C 164 -30.42 -17.09 18.75
N ASN C 165 -30.63 -15.89 18.21
CA ASN C 165 -30.25 -15.55 16.84
C ASN C 165 -29.02 -14.65 16.79
N PHE C 166 -28.22 -14.62 17.85
CA PHE C 166 -26.99 -13.86 17.91
C PHE C 166 -25.87 -14.76 18.42
N ASP C 167 -24.63 -14.31 18.22
CA ASP C 167 -23.47 -15.02 18.75
C ASP C 167 -23.31 -14.71 20.24
N LYS C 168 -22.88 -15.72 21.00
CA LYS C 168 -22.53 -15.58 22.41
C LYS C 168 -21.02 -15.66 22.58
N LEU C 169 -20.45 -14.75 23.38
CA LEU C 169 -19.05 -14.81 23.76
C LEU C 169 -18.95 -15.33 25.20
N TYR C 170 -18.32 -16.48 25.39
CA TYR C 170 -18.08 -17.04 26.71
C TYR C 170 -16.63 -16.83 27.14
N ILE C 171 -16.44 -16.26 28.32
CA ILE C 171 -15.13 -16.11 28.95
C ILE C 171 -15.04 -17.11 30.09
N TRP C 172 -13.96 -17.89 30.11
CA TRP C 172 -13.75 -18.91 31.14
C TRP C 172 -12.26 -19.00 31.46
N GLY C 173 -11.90 -19.89 32.37
CA GLY C 173 -10.52 -19.92 32.81
C GLY C 173 -10.07 -21.24 33.40
N VAL C 174 -8.78 -21.29 33.69
CA VAL C 174 -8.12 -22.45 34.31
C VAL C 174 -7.27 -21.93 35.46
N HIS C 175 -7.36 -22.57 36.61
CA HIS C 175 -6.59 -22.16 37.79
C HIS C 175 -5.31 -22.99 37.90
N HIS C 176 -4.18 -22.32 38.04
CA HIS C 176 -2.87 -22.94 38.19
C HIS C 176 -2.42 -22.86 39.65
N PRO C 177 -2.56 -23.93 40.43
CA PRO C 177 -2.12 -23.87 41.83
C PRO C 177 -0.60 -23.76 41.95
N SER C 178 -0.16 -23.28 43.10
CA SER C 178 1.27 -23.17 43.31
C SER C 178 1.88 -24.42 43.90
N THR C 179 1.09 -25.26 44.59
CA THR C 179 1.57 -26.48 45.22
C THR C 179 0.59 -27.61 45.00
N ASN C 180 1.10 -28.84 45.18
CA ASN C 180 0.24 -30.02 45.16
C ASN C 180 -0.76 -30.00 46.31
N GLN C 181 -0.39 -29.40 47.45
CA GLN C 181 -1.34 -29.31 48.55
C GLN C 181 -2.55 -28.46 48.15
N GLU C 182 -2.32 -27.32 47.48
CA GLU C 182 -3.44 -26.53 46.99
C GLU C 182 -4.27 -27.33 46.00
N GLN C 183 -3.60 -28.05 45.09
CA GLN C 183 -4.29 -28.82 44.05
C GLN C 183 -5.27 -29.82 44.65
N THR C 184 -4.78 -30.68 45.55
CA THR C 184 -5.69 -31.68 46.08
C THR C 184 -6.64 -31.08 47.11
N SER C 185 -6.23 -30.03 47.80
CA SER C 185 -7.11 -29.40 48.77
C SER C 185 -8.31 -28.74 48.11
N LEU C 186 -8.11 -28.16 46.92
CA LEU C 186 -9.19 -27.49 46.22
C LEU C 186 -9.96 -28.44 45.29
N TYR C 187 -9.27 -29.38 44.64
CA TYR C 187 -9.92 -30.15 43.59
C TYR C 187 -9.84 -31.65 43.77
N VAL C 188 -9.27 -32.13 44.88
CA VAL C 188 -9.17 -33.55 45.22
C VAL C 188 -8.24 -34.25 44.24
N GLN C 189 -8.61 -34.31 42.96
CA GLN C 189 -7.77 -34.95 41.96
C GLN C 189 -6.40 -34.29 41.86
N ALA C 190 -5.36 -35.11 41.70
CA ALA C 190 -4.00 -34.58 41.68
C ALA C 190 -3.70 -33.79 40.41
N SER C 191 -4.49 -33.97 39.35
CA SER C 191 -4.28 -33.24 38.09
C SER C 191 -5.62 -32.88 37.48
N GLY C 192 -5.83 -31.58 37.25
CA GLY C 192 -7.06 -31.11 36.63
C GLY C 192 -7.04 -31.19 35.11
N ARG C 193 -8.13 -30.73 34.52
CA ARG C 193 -8.32 -30.73 33.08
C ARG C 193 -9.57 -29.93 32.79
N VAL C 194 -9.52 -29.09 31.76
CA VAL C 194 -10.66 -28.28 31.36
C VAL C 194 -10.85 -28.39 29.85
N THR C 195 -11.99 -28.94 29.44
CA THR C 195 -12.34 -29.06 28.04
C THR C 195 -13.62 -28.27 27.78
N VAL C 196 -13.53 -27.28 26.89
CA VAL C 196 -14.65 -26.46 26.46
C VAL C 196 -14.77 -26.56 24.95
N SER C 197 -15.95 -26.92 24.47
CA SER C 197 -16.08 -27.19 23.04
C SER C 197 -17.47 -26.79 22.54
N THR C 198 -17.52 -26.55 21.24
CA THR C 198 -18.73 -26.45 20.46
C THR C 198 -18.71 -27.58 19.43
N ARG C 199 -19.63 -27.53 18.46
CA ARG C 199 -19.69 -28.57 17.45
C ARG C 199 -18.48 -28.51 16.54
N ARG C 200 -17.95 -27.30 16.31
CA ARG C 200 -16.91 -27.05 15.35
C ARG C 200 -15.54 -26.82 15.98
N SER C 201 -15.46 -26.66 17.29
CA SER C 201 -14.18 -26.33 17.91
C SER C 201 -14.08 -27.00 19.27
N GLN C 202 -12.84 -27.13 19.76
CA GLN C 202 -12.63 -27.68 21.09
C GLN C 202 -11.29 -27.18 21.63
N GLN C 203 -11.24 -26.93 22.94
CA GLN C 203 -10.03 -26.51 23.64
C GLN C 203 -9.90 -27.33 24.92
N THR C 204 -8.73 -27.92 25.14
CA THR C 204 -8.44 -28.61 26.39
C THR C 204 -7.20 -27.99 27.00
N ILE C 205 -7.31 -27.58 28.26
CA ILE C 205 -6.20 -26.96 28.98
C ILE C 205 -5.89 -27.83 30.17
N ILE C 206 -4.62 -28.15 30.36
CA ILE C 206 -4.14 -28.85 31.54
C ILE C 206 -3.47 -27.82 32.45
N PRO C 207 -3.84 -27.74 33.72
CA PRO C 207 -3.18 -26.78 34.61
C PRO C 207 -1.74 -27.17 34.86
N ASN C 208 -0.92 -26.16 35.12
CA ASN C 208 0.49 -26.34 35.46
C ASN C 208 0.63 -26.00 36.94
N ILE C 209 1.06 -26.97 37.74
CA ILE C 209 1.24 -26.76 39.17
C ILE C 209 2.65 -26.29 39.44
N GLY C 210 2.79 -25.22 40.20
CA GLY C 210 4.10 -24.70 40.52
C GLY C 210 4.03 -23.22 40.84
N SER C 211 5.14 -22.71 41.35
CA SER C 211 5.28 -21.34 41.80
C SER C 211 5.65 -20.42 40.64
N ARG C 212 4.99 -19.27 40.60
CA ARG C 212 5.30 -18.18 39.68
C ARG C 212 5.74 -17.01 40.55
N PRO C 213 6.25 -15.91 39.99
CA PRO C 213 6.64 -14.77 40.84
C PRO C 213 5.44 -14.19 41.57
N TRP C 214 5.68 -13.79 42.82
CA TRP C 214 4.66 -13.18 43.66
C TRP C 214 3.99 -11.98 42.99
N VAL C 215 2.66 -12.04 42.86
CA VAL C 215 1.86 -10.92 42.40
C VAL C 215 0.67 -10.77 43.36
N ARG C 216 0.59 -9.63 44.03
CA ARG C 216 -0.48 -9.33 44.99
C ARG C 216 -0.64 -10.46 46.01
N GLY C 217 0.48 -11.04 46.43
CA GLY C 217 0.49 -12.06 47.46
C GLY C 217 0.43 -13.49 46.98
N LEU C 218 0.25 -13.72 45.69
CA LEU C 218 -0.01 -15.05 45.17
C LEU C 218 1.05 -15.47 44.16
N SER C 219 1.50 -16.71 44.28
CA SER C 219 2.34 -17.37 43.29
C SER C 219 1.54 -18.26 42.34
N SER C 220 0.24 -18.40 42.58
CA SER C 220 -0.66 -19.13 41.69
C SER C 220 -1.18 -18.18 40.63
N ARG C 221 -1.93 -18.73 39.67
CA ARG C 221 -2.37 -17.94 38.52
C ARG C 221 -3.68 -18.51 37.97
N ILE C 222 -4.37 -17.66 37.21
CA ILE C 222 -5.48 -18.08 36.38
C ILE C 222 -5.16 -17.72 34.94
N SER C 223 -5.43 -18.63 34.02
CA SER C 223 -5.30 -18.37 32.59
C SER C 223 -6.67 -18.24 31.98
N ILE C 224 -6.86 -17.19 31.15
CA ILE C 224 -8.17 -16.83 30.61
C ILE C 224 -8.28 -17.29 29.16
N TYR C 225 -9.41 -17.89 28.80
CA TYR C 225 -9.71 -18.32 27.43
C TYR C 225 -11.11 -17.86 27.05
N TRP C 226 -11.45 -18.00 25.76
CA TRP C 226 -12.78 -17.62 25.32
C TRP C 226 -13.26 -18.57 24.24
N THR C 227 -14.59 -18.64 24.12
CA THR C 227 -15.26 -19.50 23.16
C THR C 227 -16.49 -18.77 22.66
N ILE C 228 -16.65 -18.70 21.34
CA ILE C 228 -17.82 -18.10 20.71
C ILE C 228 -18.77 -19.20 20.27
N VAL C 229 -20.04 -19.07 20.62
CA VAL C 229 -21.05 -20.06 20.27
C VAL C 229 -22.07 -19.37 19.36
N LYS C 230 -22.15 -19.85 18.12
CA LYS C 230 -23.08 -19.32 17.12
C LYS C 230 -24.47 -19.91 17.31
N PRO C 231 -25.49 -19.27 16.73
CA PRO C 231 -26.86 -19.80 16.82
C PRO C 231 -26.95 -21.27 16.43
N GLY C 232 -27.72 -22.03 17.18
CA GLY C 232 -27.87 -23.44 16.91
C GLY C 232 -26.74 -24.31 17.40
N ASP C 233 -25.64 -23.71 17.82
CA ASP C 233 -24.53 -24.47 18.34
C ASP C 233 -24.73 -24.70 19.84
N VAL C 234 -23.79 -25.41 20.46
CA VAL C 234 -23.92 -25.78 21.86
C VAL C 234 -22.57 -25.66 22.53
N LEU C 235 -22.54 -25.09 23.73
CA LEU C 235 -21.35 -25.06 24.57
C LEU C 235 -21.37 -26.28 25.47
N VAL C 236 -20.25 -26.99 25.55
CA VAL C 236 -20.10 -28.06 26.52
C VAL C 236 -18.85 -27.77 27.33
N ILE C 237 -18.97 -27.86 28.66
CA ILE C 237 -17.83 -27.67 29.55
C ILE C 237 -17.61 -28.96 30.31
N ASN C 238 -16.39 -29.48 30.26
CA ASN C 238 -16.04 -30.78 30.83
C ASN C 238 -14.77 -30.61 31.65
N SER C 239 -14.82 -31.00 32.92
CA SER C 239 -13.68 -30.73 33.78
C SER C 239 -13.70 -31.63 35.00
N ASN C 240 -12.52 -32.07 35.43
CA ASN C 240 -12.40 -32.79 36.68
C ASN C 240 -11.51 -32.05 37.67
N GLY C 241 -11.41 -30.74 37.52
CA GLY C 241 -10.71 -29.87 38.45
C GLY C 241 -10.15 -28.66 37.73
N ASN C 242 -10.01 -27.57 38.49
CA ASN C 242 -9.33 -26.34 38.09
C ASN C 242 -10.13 -25.48 37.12
N LEU C 243 -11.40 -25.79 36.91
CA LEU C 243 -12.25 -24.97 36.06
C LEU C 243 -12.58 -23.65 36.74
N ILE C 244 -12.38 -22.55 36.02
CA ILE C 244 -12.94 -21.25 36.37
C ILE C 244 -14.09 -21.03 35.39
N ALA C 245 -15.31 -21.23 35.85
CA ALA C 245 -16.48 -21.35 34.99
C ALA C 245 -17.04 -19.97 34.60
N PRO C 246 -17.66 -19.86 33.43
CA PRO C 246 -18.41 -18.64 33.12
C PRO C 246 -19.72 -18.62 33.89
N ARG C 247 -20.23 -17.40 34.11
CA ARG C 247 -21.54 -17.20 34.70
C ARG C 247 -22.62 -16.90 33.66
N GLY C 248 -22.24 -16.80 32.40
CA GLY C 248 -23.14 -16.36 31.35
C GLY C 248 -22.30 -16.01 30.14
N TYR C 249 -22.85 -15.17 29.28
CA TYR C 249 -22.16 -14.80 28.05
C TYR C 249 -22.24 -13.28 27.86
N PHE C 250 -21.32 -12.80 27.06
CA PHE C 250 -21.36 -11.43 26.57
C PHE C 250 -22.02 -11.41 25.21
N LYS C 251 -22.90 -10.44 25.01
CA LYS C 251 -23.48 -10.21 23.69
C LYS C 251 -22.44 -9.59 22.76
N MET C 252 -22.37 -10.09 21.53
CA MET C 252 -21.44 -9.54 20.55
C MET C 252 -22.18 -8.68 19.54
N ARG C 253 -21.56 -7.58 19.14
CA ARG C 253 -22.06 -6.75 18.06
C ARG C 253 -20.95 -6.53 17.05
N THR C 254 -21.35 -6.03 15.89
CA THR C 254 -20.44 -5.58 14.86
C THR C 254 -20.75 -4.12 14.55
N GLY C 255 -19.71 -3.31 14.38
CA GLY C 255 -19.93 -1.88 14.17
C GLY C 255 -18.61 -1.11 14.16
N LYS C 256 -18.70 0.16 14.54
CA LYS C 256 -17.61 1.12 14.44
C LYS C 256 -16.78 1.22 15.71
N SER C 257 -16.97 0.32 16.68
CA SER C 257 -16.30 0.48 17.97
C SER C 257 -14.83 0.08 17.91
N SER C 258 -14.02 0.73 18.76
CA SER C 258 -12.60 0.41 18.84
C SER C 258 -12.11 0.73 20.26
N ILE C 259 -10.79 0.69 20.44
CA ILE C 259 -10.12 0.98 21.70
C ILE C 259 -8.86 1.79 21.39
N MET C 260 -8.47 2.67 22.31
CA MET C 260 -7.29 3.48 22.08
C MET C 260 -6.55 3.68 23.40
N ARG C 261 -5.22 3.61 23.35
CA ARG C 261 -4.39 3.96 24.49
C ARG C 261 -4.13 5.46 24.45
N SER C 262 -4.49 6.17 25.52
CA SER C 262 -4.32 7.61 25.54
C SER C 262 -4.43 8.14 26.97
N ASP C 263 -3.65 9.17 27.27
CA ASP C 263 -3.80 9.90 28.52
C ASP C 263 -4.38 11.30 28.32
N ALA C 264 -4.80 11.64 27.11
CA ALA C 264 -5.41 12.94 26.92
C ALA C 264 -6.71 12.98 27.71
N PRO C 265 -6.96 14.04 28.46
CA PRO C 265 -8.23 14.13 29.20
C PRO C 265 -9.38 14.29 28.23
N ILE C 266 -10.57 13.95 28.71
CA ILE C 266 -11.79 14.05 27.92
C ILE C 266 -12.46 15.37 28.25
N ASP C 267 -12.87 16.08 27.21
CA ASP C 267 -13.48 17.40 27.35
C ASP C 267 -14.82 17.37 26.64
N THR C 268 -15.66 18.35 26.94
CA THR C 268 -16.98 18.45 26.32
C THR C 268 -16.85 19.37 25.11
N CYS C 269 -16.79 18.75 23.92
CA CYS C 269 -16.69 19.45 22.65
C CYS C 269 -17.07 18.47 21.54
N ILE C 270 -17.00 18.92 20.29
CA ILE C 270 -17.38 18.13 19.14
C ILE C 270 -16.18 18.01 18.20
N SER C 271 -15.78 16.77 17.89
CA SER C 271 -14.70 16.55 16.94
C SER C 271 -14.82 15.16 16.35
N GLU C 272 -14.79 15.07 15.01
CA GLU C 272 -14.92 13.77 14.36
C GLU C 272 -13.68 12.91 14.56
N CYS C 273 -12.49 13.51 14.58
CA CYS C 273 -11.23 12.77 14.52
C CYS C 273 -10.54 12.72 15.88
N ILE C 274 -10.14 11.53 16.31
CA ILE C 274 -9.50 11.32 17.60
C ILE C 274 -8.14 10.68 17.41
N THR C 275 -7.11 11.24 18.07
CA THR C 275 -5.80 10.63 18.14
C THR C 275 -5.43 10.44 19.61
N PRO C 276 -4.41 9.64 19.92
CA PRO C 276 -3.95 9.57 21.31
C PRO C 276 -3.51 10.93 21.85
N ASN C 277 -3.13 11.86 20.99
CA ASN C 277 -2.78 13.21 21.43
C ASN C 277 -4.02 14.04 21.74
N GLY C 278 -5.19 13.58 21.33
CA GLY C 278 -6.39 14.38 21.44
C GLY C 278 -7.08 14.51 20.12
N SER C 279 -8.23 15.17 20.16
CA SER C 279 -8.97 15.41 18.94
C SER C 279 -8.20 16.34 18.02
N ILE C 280 -8.42 16.18 16.72
CA ILE C 280 -7.85 17.12 15.74
C ILE C 280 -8.92 17.43 14.71
N PRO C 281 -8.88 18.65 14.17
CA PRO C 281 -9.80 19.00 13.08
C PRO C 281 -9.50 18.15 11.86
N ASN C 282 -10.52 17.93 11.03
CA ASN C 282 -10.37 17.12 9.83
C ASN C 282 -10.67 17.92 8.54
N ASP C 283 -10.50 19.24 8.57
CA ASP C 283 -10.67 20.03 7.35
C ASP C 283 -9.52 19.81 6.37
N LYS C 284 -8.34 19.47 6.87
CA LYS C 284 -7.22 19.25 5.99
C LYS C 284 -7.16 17.78 5.56
N PRO C 285 -6.63 17.48 4.38
CA PRO C 285 -6.59 16.07 3.94
C PRO C 285 -5.50 15.25 4.58
N PHE C 286 -4.47 15.87 5.15
CA PHE C 286 -3.35 15.13 5.72
C PHE C 286 -3.12 15.59 7.16
N GLN C 287 -2.40 14.76 7.92
CA GLN C 287 -2.06 15.12 9.28
C GLN C 287 -0.77 14.39 9.68
N ASN C 288 -0.06 15.02 10.59
CA ASN C 288 1.25 14.59 11.06
C ASN C 288 1.24 14.41 12.58
N VAL C 289 0.05 14.33 13.17
CA VAL C 289 -0.08 14.26 14.63
C VAL C 289 0.18 12.83 15.13
N ASN C 290 -0.50 11.83 14.55
CA ASN C 290 -0.36 10.47 15.03
C ASN C 290 -0.92 9.54 13.97
N LYS C 291 -0.18 8.45 13.69
CA LYS C 291 -0.69 7.43 12.79
C LYS C 291 -1.84 6.65 13.40
N ILE C 292 -2.02 6.72 14.73
CA ILE C 292 -3.18 6.13 15.37
C ILE C 292 -4.34 7.13 15.33
N THR C 293 -5.44 6.74 14.68
CA THR C 293 -6.61 7.62 14.63
C THR C 293 -7.88 6.79 14.75
N TYR C 294 -8.97 7.49 15.04
CA TYR C 294 -10.30 6.92 15.09
C TYR C 294 -11.26 7.98 14.58
N GLY C 295 -12.08 7.62 13.60
CA GLY C 295 -13.08 8.51 13.05
C GLY C 295 -12.73 9.02 11.66
N ALA C 296 -13.43 10.08 11.26
CA ALA C 296 -13.20 10.73 9.97
C ALA C 296 -11.96 11.61 10.10
N CYS C 297 -10.81 11.10 9.67
CA CYS C 297 -9.53 11.72 9.96
C CYS C 297 -8.72 12.00 8.70
N PRO C 298 -7.92 13.07 8.69
CA PRO C 298 -6.94 13.24 7.61
C PRO C 298 -5.96 12.09 7.63
N LYS C 299 -5.39 11.78 6.46
CA LYS C 299 -4.46 10.67 6.34
C LYS C 299 -3.11 11.04 6.94
N TYR C 300 -2.50 10.09 7.65
CA TYR C 300 -1.20 10.35 8.28
C TYR C 300 -0.09 10.37 7.24
N VAL C 301 0.76 11.39 7.30
CA VAL C 301 1.90 11.55 6.41
C VAL C 301 3.12 11.96 7.22
N LYS C 302 4.29 11.87 6.58
CA LYS C 302 5.54 12.22 7.26
C LYS C 302 5.82 13.72 7.24
N GLN C 303 5.36 14.45 6.24
CA GLN C 303 5.63 15.88 6.17
C GLN C 303 4.93 16.61 7.32
N ASN C 304 5.60 17.64 7.87
CA ASN C 304 4.95 18.48 8.87
C ASN C 304 4.26 19.68 8.24
N THR C 305 4.48 19.94 6.95
CA THR C 305 3.80 21.01 6.24
C THR C 305 3.78 20.70 4.75
N LEU C 306 2.68 21.03 4.09
CA LEU C 306 2.56 20.99 2.63
C LEU C 306 1.66 22.14 2.21
N LYS C 307 2.18 23.07 1.41
CA LYS C 307 1.45 24.29 1.07
C LYS C 307 0.79 24.13 -0.28
N LEU C 308 -0.53 24.29 -0.33
CA LEU C 308 -1.29 24.30 -1.57
C LEU C 308 -1.44 25.74 -2.06
N ALA C 309 -0.91 26.04 -3.23
CA ALA C 309 -1.03 27.39 -3.75
C ALA C 309 -2.49 27.75 -3.97
N THR C 310 -2.88 28.92 -3.45
CA THR C 310 -4.21 29.46 -3.71
C THR C 310 -4.11 30.77 -4.48
N GLY C 311 -2.96 31.04 -5.09
CA GLY C 311 -2.80 32.26 -5.85
C GLY C 311 -1.69 32.15 -6.88
N MET C 312 -1.61 33.19 -7.69
CA MET C 312 -0.65 33.25 -8.76
C MET C 312 0.75 33.48 -8.22
N ARG C 313 1.72 33.38 -9.13
CA ARG C 313 3.11 33.74 -8.84
C ARG C 313 3.18 35.17 -8.33
N ASN C 314 3.90 35.37 -7.23
CA ASN C 314 4.03 36.70 -6.64
C ASN C 314 5.28 37.38 -7.21
N VAL C 315 5.09 38.45 -7.97
CA VAL C 315 6.20 39.19 -8.55
C VAL C 315 6.15 40.61 -8.00
N PRO C 316 6.77 40.89 -6.86
CA PRO C 316 6.62 42.21 -6.24
C PRO C 316 7.25 43.31 -7.08
N GLU C 317 6.80 44.54 -6.83
CA GLU C 317 7.23 45.72 -7.59
C GLU C 317 8.71 46.08 -7.41
N GLY D 1 6.00 30.58 -15.89
CA GLY D 1 4.85 29.79 -16.34
C GLY D 1 4.84 29.52 -17.83
N LEU D 2 3.96 28.58 -18.23
CA LEU D 2 3.93 28.11 -19.62
C LEU D 2 3.63 29.22 -20.61
N PHE D 3 2.89 30.27 -20.20
CA PHE D 3 2.40 31.25 -21.16
C PHE D 3 3.25 32.51 -21.24
N GLY D 4 4.20 32.70 -20.32
CA GLY D 4 5.17 33.76 -20.44
C GLY D 4 4.66 35.15 -20.13
N ALA D 5 3.50 35.26 -19.49
CA ALA D 5 2.95 36.56 -19.13
C ALA D 5 3.35 36.93 -17.71
N ILE D 6 2.75 36.28 -16.70
CA ILE D 6 3.11 36.56 -15.32
C ILE D 6 4.57 36.21 -15.09
N ALA D 7 5.34 37.17 -14.57
CA ALA D 7 6.79 37.03 -14.46
C ALA D 7 7.43 36.78 -15.82
N GLY D 8 6.82 37.31 -16.87
CA GLY D 8 7.33 37.18 -18.22
C GLY D 8 7.36 38.52 -18.91
N PHE D 9 6.61 38.66 -20.02
CA PHE D 9 6.64 39.95 -20.70
C PHE D 9 5.98 41.04 -19.88
N ILE D 10 5.18 40.67 -18.88
CA ILE D 10 4.74 41.60 -17.86
C ILE D 10 5.77 41.56 -16.73
N GLU D 11 6.39 42.70 -16.47
CA GLU D 11 7.62 42.75 -15.68
C GLU D 11 7.38 42.41 -14.22
N ASN D 12 6.30 42.93 -13.64
CA ASN D 12 6.02 42.68 -12.23
C ASN D 12 4.52 42.82 -11.95
N GLY D 13 4.13 42.45 -10.74
CA GLY D 13 2.77 42.63 -10.30
C GLY D 13 2.51 44.03 -9.78
N TRP D 14 1.23 44.33 -9.54
CA TRP D 14 0.78 45.60 -9.00
C TRP D 14 0.30 45.36 -7.57
N GLU D 15 1.11 45.79 -6.59
CA GLU D 15 0.67 45.70 -5.20
C GLU D 15 -0.51 46.62 -4.93
N GLY D 16 -0.72 47.63 -5.76
CA GLY D 16 -1.81 48.56 -5.56
C GLY D 16 -3.16 48.10 -6.06
N MET D 17 -3.23 47.00 -6.81
CA MET D 17 -4.52 46.49 -7.26
C MET D 17 -5.07 45.53 -6.21
N ILE D 18 -5.91 46.05 -5.33
CA ILE D 18 -6.44 45.30 -4.20
C ILE D 18 -7.87 44.82 -4.44
N ASP D 19 -8.46 45.15 -5.59
CA ASP D 19 -9.86 44.85 -5.87
C ASP D 19 -10.00 43.82 -6.99
N GLY D 20 -8.93 43.09 -7.29
CA GLY D 20 -8.98 42.09 -8.33
C GLY D 20 -7.60 41.53 -8.54
N TRP D 21 -7.57 40.41 -9.25
CA TRP D 21 -6.31 39.73 -9.55
C TRP D 21 -5.67 40.24 -10.83
N TYR D 22 -6.48 40.63 -11.81
CA TYR D 22 -6.03 41.19 -13.08
C TYR D 22 -6.74 42.51 -13.31
N GLY D 23 -6.12 43.39 -14.10
CA GLY D 23 -6.76 44.66 -14.34
C GLY D 23 -6.05 45.49 -15.39
N PHE D 24 -6.48 46.77 -15.47
CA PHE D 24 -6.00 47.73 -16.44
C PHE D 24 -5.45 48.97 -15.74
N ARG D 25 -4.40 49.54 -16.32
CA ARG D 25 -3.92 50.87 -16.01
C ARG D 25 -3.79 51.65 -17.31
N HIS D 26 -4.13 52.93 -17.25
CA HIS D 26 -4.16 53.73 -18.46
C HIS D 26 -3.54 55.10 -18.20
N GLN D 27 -3.06 55.72 -19.25
CA GLN D 27 -2.67 57.11 -19.23
C GLN D 27 -3.25 57.75 -20.48
N ASN D 28 -3.94 58.88 -20.30
CA ASN D 28 -4.54 59.56 -21.43
C ASN D 28 -4.49 61.05 -21.16
N SER D 29 -5.25 61.81 -21.94
CA SER D 29 -5.24 63.26 -21.79
C SER D 29 -5.77 63.71 -20.43
N GLU D 30 -6.62 62.90 -19.79
CA GLU D 30 -7.23 63.28 -18.53
C GLU D 30 -6.48 62.75 -17.31
N GLY D 31 -5.37 62.02 -17.50
CA GLY D 31 -4.58 61.53 -16.39
C GLY D 31 -4.44 60.02 -16.42
N THR D 32 -4.25 59.44 -15.23
CA THR D 32 -4.00 58.02 -15.07
C THR D 32 -5.08 57.38 -14.20
N GLY D 33 -5.25 56.07 -14.36
CA GLY D 33 -6.27 55.35 -13.61
C GLY D 33 -5.98 53.88 -13.59
N GLN D 34 -6.66 53.19 -12.68
CA GLN D 34 -6.53 51.77 -12.47
C GLN D 34 -7.91 51.15 -12.27
N ALA D 35 -8.12 49.98 -12.85
CA ALA D 35 -9.38 49.26 -12.68
C ALA D 35 -9.12 47.77 -12.78
N ALA D 36 -9.74 47.02 -11.88
CA ALA D 36 -9.61 45.57 -11.92
C ALA D 36 -10.59 45.02 -12.95
N ASP D 37 -10.21 43.91 -13.57
CA ASP D 37 -11.08 43.18 -14.50
C ASP D 37 -11.70 42.03 -13.74
N LEU D 38 -13.03 42.06 -13.60
CA LEU D 38 -13.71 41.08 -12.77
C LEU D 38 -13.79 39.72 -13.45
N LYS D 39 -14.01 39.69 -14.76
CA LYS D 39 -14.24 38.42 -15.46
C LYS D 39 -13.01 37.53 -15.40
N SER D 40 -11.83 38.09 -15.70
CA SER D 40 -10.61 37.29 -15.61
C SER D 40 -10.30 36.90 -14.17
N THR D 41 -10.43 37.83 -13.23
CA THR D 41 -10.25 37.51 -11.82
C THR D 41 -11.12 36.33 -11.41
N GLN D 42 -12.40 36.39 -11.75
CA GLN D 42 -13.34 35.36 -11.34
C GLN D 42 -13.01 34.02 -11.99
N ALA D 43 -12.60 34.03 -13.26
CA ALA D 43 -12.24 32.79 -13.94
C ALA D 43 -11.12 32.06 -13.21
N ALA D 44 -10.10 32.79 -12.76
CA ALA D 44 -9.02 32.14 -12.03
C ALA D 44 -9.51 31.72 -10.65
N ILE D 45 -10.27 32.59 -9.99
CA ILE D 45 -10.84 32.35 -8.66
C ILE D 45 -11.76 31.13 -8.67
N ASP D 46 -12.67 31.06 -9.65
CA ASP D 46 -13.56 29.91 -9.72
C ASP D 46 -12.74 28.64 -9.83
N GLN D 47 -11.70 28.67 -10.66
CA GLN D 47 -10.91 27.48 -10.87
C GLN D 47 -10.16 27.09 -9.59
N ILE D 48 -9.63 28.08 -8.87
CA ILE D 48 -8.88 27.73 -7.67
C ILE D 48 -9.83 27.19 -6.58
N ASN D 49 -11.03 27.78 -6.47
CA ASN D 49 -12.06 27.20 -5.59
C ASN D 49 -12.35 25.75 -5.97
N GLY D 50 -12.42 25.47 -7.26
CA GLY D 50 -12.72 24.11 -7.69
C GLY D 50 -11.71 23.08 -7.18
N LYS D 51 -10.42 23.36 -7.38
CA LYS D 51 -9.41 22.39 -6.95
C LYS D 51 -9.26 22.38 -5.44
N LEU D 52 -9.43 23.53 -4.80
CA LEU D 52 -9.36 23.57 -3.36
C LEU D 52 -10.46 22.70 -2.74
N ASN D 53 -11.67 22.78 -3.30
CA ASN D 53 -12.76 21.97 -2.76
C ASN D 53 -12.56 20.49 -3.08
N ARG D 54 -11.87 20.14 -4.19
CA ARG D 54 -11.56 18.74 -4.48
C ARG D 54 -10.53 18.19 -3.50
N VAL D 55 -9.52 18.98 -3.19
CA VAL D 55 -8.47 18.54 -2.28
C VAL D 55 -9.05 18.40 -0.86
N ILE D 56 -9.93 19.33 -0.49
CA ILE D 56 -10.56 19.29 0.83
C ILE D 56 -11.81 18.40 0.81
N GLU D 57 -12.13 17.79 -0.35
CA GLU D 57 -13.13 16.73 -0.41
C GLU D 57 -12.83 15.78 0.73
N LYS D 58 -13.70 15.78 1.71
CA LYS D 58 -13.33 15.46 3.06
C LYS D 58 -12.82 14.02 3.19
N THR D 59 -12.36 13.74 4.40
CA THR D 59 -11.51 12.60 4.71
C THR D 59 -12.33 11.32 4.84
N ASN D 60 -11.64 10.19 4.63
CA ASN D 60 -12.18 8.87 4.85
C ASN D 60 -12.39 8.61 6.33
N GLU D 61 -13.17 7.58 6.64
CA GLU D 61 -13.56 7.26 7.99
C GLU D 61 -13.15 5.84 8.33
N LYS D 62 -12.34 5.70 9.38
CA LYS D 62 -11.81 4.41 9.79
C LYS D 62 -12.09 4.22 11.27
N PHE D 63 -12.33 2.98 11.65
CA PHE D 63 -12.65 2.70 13.04
C PHE D 63 -11.63 1.74 13.64
N HIS D 64 -12.02 0.50 13.92
CA HIS D 64 -11.04 -0.43 14.43
C HIS D 64 -10.04 -0.82 13.33
N GLN D 65 -8.76 -0.68 13.63
CA GLN D 65 -7.71 -1.04 12.68
C GLN D 65 -6.74 -2.01 13.34
N ILE D 66 -5.46 -1.89 13.05
CA ILE D 66 -4.43 -2.69 13.69
C ILE D 66 -3.73 -1.83 14.74
N GLU D 67 -3.08 -2.48 15.70
CA GLU D 67 -2.23 -1.76 16.61
C GLU D 67 -0.96 -1.27 15.91
N LYS D 68 -0.46 -0.12 16.34
CA LYS D 68 0.66 0.52 15.67
C LYS D 68 1.81 0.88 16.60
N GLU D 69 1.64 0.71 17.91
CA GLU D 69 2.68 0.80 18.89
C GLU D 69 2.59 -0.44 19.77
N PHE D 70 3.72 -0.88 20.27
CA PHE D 70 3.81 -2.17 20.96
C PHE D 70 4.75 -2.02 22.14
N SER D 71 4.36 -2.61 23.27
CA SER D 71 5.14 -2.52 24.48
C SER D 71 6.06 -3.72 24.69
N GLU D 72 5.89 -4.80 23.91
CA GLU D 72 6.70 -5.99 24.05
C GLU D 72 7.29 -6.39 22.71
N VAL D 73 8.46 -7.03 22.76
CA VAL D 73 9.07 -7.64 21.59
C VAL D 73 8.37 -8.96 21.32
N GLU D 74 8.01 -9.19 20.06
CA GLU D 74 7.26 -10.38 19.67
C GLU D 74 7.82 -11.09 18.44
N GLY D 75 8.52 -10.38 17.57
CA GLY D 75 9.05 -10.99 16.37
C GLY D 75 8.09 -10.88 15.20
N ARG D 76 7.82 -12.02 14.56
CA ARG D 76 7.39 -12.06 13.16
C ARG D 76 6.06 -11.32 12.94
N ILE D 77 5.05 -11.58 13.78
CA ILE D 77 3.76 -10.95 13.58
C ILE D 77 3.87 -9.44 13.75
N GLN D 78 4.69 -9.00 14.70
CA GLN D 78 4.83 -7.56 14.92
C GLN D 78 5.69 -6.91 13.84
N ASP D 79 6.73 -7.61 13.35
CA ASP D 79 7.49 -7.12 12.19
C ASP D 79 6.55 -6.78 11.05
N LEU D 80 5.58 -7.65 10.79
CA LEU D 80 4.67 -7.46 9.66
C LEU D 80 3.70 -6.31 9.91
N GLU D 81 3.10 -6.26 11.11
CA GLU D 81 2.21 -5.16 11.47
C GLU D 81 2.91 -3.80 11.30
N LYS D 82 4.16 -3.68 11.75
CA LYS D 82 4.90 -2.43 11.61
C LYS D 82 5.22 -2.13 10.15
N TYR D 83 5.60 -3.15 9.40
CA TYR D 83 5.95 -2.97 7.99
C TYR D 83 4.73 -2.58 7.17
N VAL D 84 3.59 -3.20 7.44
CA VAL D 84 2.36 -2.82 6.75
C VAL D 84 2.08 -1.33 6.95
N GLU D 85 2.16 -0.87 8.20
CA GLU D 85 1.87 0.52 8.50
C GLU D 85 2.92 1.46 7.91
N ASP D 86 4.21 1.14 8.08
CA ASP D 86 5.24 2.01 7.51
C ASP D 86 5.13 2.05 5.97
N THR D 87 4.80 0.93 5.33
CA THR D 87 4.58 0.93 3.88
C THR D 87 3.44 1.88 3.48
N LYS D 88 2.32 1.81 4.22
CA LYS D 88 1.17 2.67 3.96
C LYS D 88 1.54 4.15 4.06
N ILE D 89 2.25 4.53 5.13
CA ILE D 89 2.60 5.91 5.40
C ILE D 89 3.52 6.47 4.33
N ASP D 90 4.49 5.68 3.87
CA ASP D 90 5.35 6.14 2.78
C ASP D 90 4.55 6.36 1.50
N LEU D 91 3.60 5.48 1.21
CA LEU D 91 2.83 5.65 -0.03
C LEU D 91 1.92 6.87 0.03
N TRP D 92 1.29 7.13 1.18
CA TRP D 92 0.47 8.35 1.35
C TRP D 92 1.34 9.59 1.39
N SER D 93 2.52 9.51 2.02
CA SER D 93 3.43 10.65 2.01
C SER D 93 3.85 11.01 0.60
N TYR D 94 4.15 9.99 -0.22
CA TYR D 94 4.45 10.24 -1.64
C TYR D 94 3.24 10.86 -2.35
N ASN D 95 2.04 10.28 -2.15
CA ASN D 95 0.84 10.82 -2.80
C ASN D 95 0.66 12.30 -2.48
N ALA D 96 0.87 12.69 -1.21
CA ALA D 96 0.71 14.09 -0.81
C ALA D 96 1.74 14.99 -1.48
N GLU D 97 3.01 14.54 -1.50
CA GLU D 97 4.08 15.35 -2.09
C GLU D 97 3.80 15.59 -3.58
N LEU D 98 3.44 14.52 -4.29
CA LEU D 98 3.11 14.63 -5.71
C LEU D 98 1.87 15.48 -5.93
N LEU D 99 0.85 15.30 -5.09
CA LEU D 99 -0.39 16.06 -5.25
C LEU D 99 -0.10 17.56 -5.24
N VAL D 100 0.58 18.07 -4.21
CA VAL D 100 0.78 19.51 -4.18
C VAL D 100 1.73 19.97 -5.30
N ALA D 101 2.73 19.16 -5.68
CA ALA D 101 3.61 19.58 -6.77
C ALA D 101 2.84 19.75 -8.07
N LEU D 102 2.02 18.76 -8.43
CA LEU D 102 1.17 18.88 -9.62
C LEU D 102 0.18 20.03 -9.48
N GLU D 103 -0.51 20.12 -8.34
CA GLU D 103 -1.52 21.16 -8.16
C GLU D 103 -0.91 22.55 -8.31
N ASN D 104 0.24 22.77 -7.67
CA ASN D 104 0.81 24.10 -7.62
C ASN D 104 1.41 24.51 -8.96
N GLN D 105 2.06 23.57 -9.66
CA GLN D 105 2.50 23.84 -11.04
C GLN D 105 1.32 24.28 -11.88
N HIS D 106 0.20 23.57 -11.76
CA HIS D 106 -0.99 23.86 -12.55
C HIS D 106 -1.61 25.19 -12.15
N THR D 107 -1.59 25.52 -10.86
CA THR D 107 -2.17 26.79 -10.43
C THR D 107 -1.38 27.97 -10.99
N ILE D 108 -0.05 27.84 -11.00
CA ILE D 108 0.76 28.90 -11.59
C ILE D 108 0.50 29.01 -13.08
N ASP D 109 0.36 27.87 -13.77
CA ASP D 109 0.12 27.94 -15.21
C ASP D 109 -1.29 28.47 -15.52
N LEU D 110 -2.32 28.09 -14.75
CA LEU D 110 -3.66 28.53 -15.09
C LEU D 110 -3.83 30.03 -14.84
N THR D 111 -3.22 30.55 -13.78
CA THR D 111 -3.27 32.00 -13.55
C THR D 111 -2.42 32.76 -14.58
N ASP D 112 -1.25 32.22 -14.94
CA ASP D 112 -0.49 32.75 -16.08
C ASP D 112 -1.36 32.76 -17.34
N SER D 113 -2.09 31.67 -17.57
CA SER D 113 -2.97 31.60 -18.74
C SER D 113 -4.03 32.69 -18.73
N GLU D 114 -4.69 32.91 -17.58
CA GLU D 114 -5.76 33.92 -17.53
C GLU D 114 -5.20 35.32 -17.79
N MET D 115 -3.99 35.61 -17.30
CA MET D 115 -3.36 36.88 -17.67
C MET D 115 -3.20 36.98 -19.19
N ASN D 116 -2.69 35.92 -19.80
CA ASN D 116 -2.48 35.94 -21.24
C ASN D 116 -3.79 36.07 -22.00
N LYS D 117 -4.84 35.38 -21.54
CA LYS D 117 -6.14 35.48 -22.19
C LYS D 117 -6.67 36.91 -22.19
N LEU D 118 -6.56 37.60 -21.06
CA LEU D 118 -7.03 38.98 -21.00
C LEU D 118 -6.25 39.86 -21.95
N PHE D 119 -4.94 39.66 -22.02
CA PHE D 119 -4.11 40.47 -22.91
C PHE D 119 -4.49 40.22 -24.37
N GLU D 120 -4.69 38.95 -24.75
CA GLU D 120 -5.09 38.65 -26.13
C GLU D 120 -6.46 39.22 -26.44
N LYS D 121 -7.40 39.09 -25.50
CA LYS D 121 -8.75 39.63 -25.69
C LYS D 121 -8.71 41.13 -25.94
N THR D 122 -7.90 41.86 -25.17
CA THR D 122 -7.78 43.31 -25.36
C THR D 122 -7.24 43.64 -26.74
N GLY D 123 -6.17 42.95 -27.16
CA GLY D 123 -5.57 43.25 -28.45
C GLY D 123 -6.53 43.00 -29.60
N ARG D 124 -7.31 41.92 -29.51
CA ARG D 124 -8.32 41.68 -30.52
C ARG D 124 -9.38 42.78 -30.54
N GLN D 125 -9.75 43.28 -29.36
CA GLN D 125 -10.71 44.37 -29.22
C GLN D 125 -10.21 45.63 -29.92
N LEU D 126 -8.92 45.93 -29.79
CA LEU D 126 -8.39 47.17 -30.33
C LEU D 126 -8.18 47.12 -31.83
N ARG D 127 -8.11 45.92 -32.42
CA ARG D 127 -7.94 45.75 -33.86
C ARG D 127 -6.73 46.54 -34.34
N GLU D 128 -6.92 47.47 -35.28
CA GLU D 128 -5.82 48.21 -35.88
C GLU D 128 -5.60 49.57 -35.23
N ASN D 129 -6.20 49.80 -34.05
CA ASN D 129 -6.10 51.08 -33.38
C ASN D 129 -4.98 51.14 -32.35
N ALA D 130 -4.24 50.05 -32.15
CA ALA D 130 -3.21 50.00 -31.12
C ALA D 130 -2.11 49.06 -31.57
N GLU D 131 -0.96 49.17 -30.89
CA GLU D 131 0.17 48.29 -31.11
C GLU D 131 0.69 47.78 -29.77
N ASP D 132 1.08 46.51 -29.75
CA ASP D 132 1.63 45.87 -28.56
C ASP D 132 3.06 46.35 -28.36
N MET D 133 3.31 46.98 -27.20
CA MET D 133 4.64 47.51 -26.88
C MET D 133 5.60 46.44 -26.36
N GLY D 134 5.12 45.22 -26.06
CA GLY D 134 5.98 44.13 -25.62
C GLY D 134 6.11 43.97 -24.12
N ASN D 135 5.54 44.88 -23.33
CA ASN D 135 5.60 44.82 -21.88
C ASN D 135 4.22 44.69 -21.25
N GLY D 136 3.23 44.18 -22.01
CA GLY D 136 1.88 44.13 -21.53
C GLY D 136 1.06 45.40 -21.73
N CYS D 137 1.62 46.41 -22.37
CA CYS D 137 0.94 47.68 -22.60
C CYS D 137 0.67 47.89 -24.09
N PHE D 138 -0.49 48.45 -24.40
CA PHE D 138 -0.83 48.84 -25.76
C PHE D 138 -0.68 50.35 -25.89
N LYS D 139 -0.01 50.79 -26.96
CA LYS D 139 -0.01 52.19 -27.34
C LYS D 139 -1.25 52.41 -28.21
N ILE D 140 -2.11 53.33 -27.79
CA ILE D 140 -3.38 53.58 -28.45
C ILE D 140 -3.25 54.83 -29.31
N TYR D 141 -3.42 54.66 -30.63
CA TYR D 141 -3.10 55.69 -31.60
C TYR D 141 -4.26 56.64 -31.90
N HIS D 142 -5.05 57.00 -30.90
CA HIS D 142 -6.15 57.95 -31.09
C HIS D 142 -6.51 58.55 -29.75
N LYS D 143 -7.21 59.67 -29.78
CA LYS D 143 -7.68 60.30 -28.55
C LYS D 143 -8.62 59.34 -27.83
N CYS D 144 -8.25 58.94 -26.61
CA CYS D 144 -9.04 57.97 -25.86
C CYS D 144 -9.23 58.52 -24.46
N ASP D 145 -10.33 59.25 -24.26
CA ASP D 145 -10.69 59.84 -22.98
C ASP D 145 -11.18 58.75 -22.03
N ASN D 146 -11.61 59.17 -20.84
CA ASN D 146 -12.06 58.22 -19.83
C ASN D 146 -13.24 57.38 -20.32
N ALA D 147 -14.18 58.02 -21.02
CA ALA D 147 -15.30 57.29 -21.60
C ALA D 147 -14.81 56.21 -22.56
N CYS D 148 -13.78 56.54 -23.34
CA CYS D 148 -13.22 55.59 -24.28
C CYS D 148 -12.50 54.45 -23.56
N ILE D 149 -11.79 54.77 -22.46
CA ILE D 149 -11.09 53.74 -21.71
C ILE D 149 -12.07 52.77 -21.05
N GLU D 150 -13.10 53.30 -20.38
CA GLU D 150 -14.08 52.42 -19.76
C GLU D 150 -14.75 51.52 -20.80
N SER D 151 -14.98 52.04 -22.02
CA SER D 151 -15.62 51.25 -23.07
C SER D 151 -14.74 50.06 -23.46
N ILE D 152 -13.43 50.25 -23.46
CA ILE D 152 -12.53 49.11 -23.67
C ILE D 152 -12.68 48.12 -22.53
N ARG D 153 -12.76 48.63 -21.29
CA ARG D 153 -12.76 47.74 -20.13
C ARG D 153 -14.08 46.97 -20.02
N ASN D 154 -15.20 47.58 -20.41
CA ASN D 154 -16.49 46.89 -20.32
C ASN D 154 -16.94 46.31 -21.66
N GLY D 155 -16.05 46.25 -22.66
CA GLY D 155 -16.33 45.49 -23.86
C GLY D 155 -17.25 46.15 -24.88
N THR D 156 -17.45 47.46 -24.80
CA THR D 156 -18.33 48.17 -25.71
C THR D 156 -17.56 49.10 -26.65
N TYR D 157 -16.27 48.84 -26.85
CA TYR D 157 -15.39 49.69 -27.66
C TYR D 157 -15.61 49.39 -29.14
N ASP D 158 -16.13 50.36 -29.88
CA ASP D 158 -16.29 50.24 -31.33
C ASP D 158 -15.02 50.70 -32.02
N HIS D 159 -14.24 49.75 -32.55
CA HIS D 159 -12.96 50.11 -33.15
C HIS D 159 -13.14 50.97 -34.40
N ASP D 160 -14.24 50.79 -35.14
CA ASP D 160 -14.44 51.55 -36.37
C ASP D 160 -14.53 53.04 -36.13
N VAL D 161 -14.96 53.46 -34.93
CA VAL D 161 -15.14 54.87 -34.64
C VAL D 161 -13.82 55.62 -34.71
N TYR D 162 -12.74 54.97 -34.26
CA TYR D 162 -11.42 55.58 -34.21
C TYR D 162 -10.48 55.09 -35.29
N ARG D 163 -10.93 54.19 -36.18
CA ARG D 163 -10.02 53.50 -37.07
C ARG D 163 -9.30 54.46 -38.02
N ASP D 164 -10.05 55.39 -38.63
CA ASP D 164 -9.40 56.34 -39.52
C ASP D 164 -8.39 57.20 -38.77
N GLU D 165 -8.81 57.80 -37.64
CA GLU D 165 -7.88 58.58 -36.84
C GLU D 165 -6.67 57.75 -36.42
N ALA D 166 -6.90 56.48 -36.06
CA ALA D 166 -5.80 55.67 -35.54
C ALA D 166 -4.86 55.23 -36.66
N LEU D 167 -5.41 54.89 -37.83
CA LEU D 167 -4.56 54.45 -38.92
C LEU D 167 -3.67 55.58 -39.41
N ASN D 168 -4.19 56.80 -39.39
CA ASN D 168 -3.41 57.95 -39.85
C ASN D 168 -2.26 58.26 -38.90
N ASN D 169 -2.49 58.09 -37.60
CA ASN D 169 -1.42 58.30 -36.62
C ASN D 169 -0.37 57.18 -36.69
N ARG D 170 -0.77 55.95 -37.02
CA ARG D 170 0.19 54.85 -37.10
C ARG D 170 1.08 55.01 -38.32
N PHE D 171 0.53 55.49 -39.43
CA PHE D 171 1.24 55.56 -40.69
C PHE D 171 1.36 56.99 -41.17
N PRO E 1 -16.42 44.65 -51.27
CA PRO E 1 -16.90 43.33 -50.84
C PRO E 1 -15.79 42.32 -50.63
N GLY E 2 -16.05 41.34 -49.77
CA GLY E 2 -15.03 40.39 -49.35
C GLY E 2 -15.66 39.15 -48.74
N ALA E 3 -15.04 38.58 -47.72
CA ALA E 3 -15.53 37.32 -47.20
C ALA E 3 -15.17 37.18 -45.73
N THR E 4 -15.86 36.25 -45.07
CA THR E 4 -15.68 35.94 -43.66
C THR E 4 -15.31 34.47 -43.53
N LEU E 5 -14.31 34.18 -42.68
CA LEU E 5 -13.84 32.83 -42.48
C LEU E 5 -13.77 32.56 -40.97
N CYS E 6 -14.68 31.69 -40.50
CA CYS E 6 -14.83 31.38 -39.08
C CYS E 6 -14.23 30.03 -38.78
N LEU E 7 -13.42 29.97 -37.73
CA LEU E 7 -12.87 28.72 -37.20
C LEU E 7 -13.77 28.21 -36.07
N GLY E 8 -13.95 26.90 -36.00
CA GLY E 8 -14.81 26.37 -34.96
C GLY E 8 -14.53 24.92 -34.67
N HIS E 9 -15.33 24.38 -33.76
CA HIS E 9 -15.20 23.01 -33.29
C HIS E 9 -16.59 22.41 -33.14
N HIS E 10 -16.65 21.09 -33.06
CA HIS E 10 -17.96 20.48 -33.03
C HIS E 10 -18.51 20.46 -31.60
N ALA E 11 -19.80 20.14 -31.52
CA ALA E 11 -20.49 19.92 -30.27
C ALA E 11 -21.57 18.89 -30.50
N VAL E 12 -22.10 18.35 -29.40
CA VAL E 12 -23.24 17.45 -29.44
C VAL E 12 -24.31 18.08 -28.56
N PRO E 13 -25.58 17.75 -28.78
CA PRO E 13 -26.62 18.43 -27.97
C PRO E 13 -26.53 18.10 -26.48
N ASN E 14 -26.17 16.87 -26.11
CA ASN E 14 -26.04 16.48 -24.70
C ASN E 14 -24.80 15.61 -24.53
N GLY E 15 -23.75 16.18 -23.94
CA GLY E 15 -22.51 15.47 -23.65
C GLY E 15 -22.59 14.53 -22.47
N THR E 16 -21.40 14.23 -21.91
CA THR E 16 -21.24 13.40 -20.72
C THR E 16 -20.33 14.10 -19.72
N LEU E 17 -20.61 13.88 -18.44
CA LEU E 17 -19.87 14.52 -17.37
C LEU E 17 -18.60 13.78 -17.02
N VAL E 18 -17.52 14.53 -16.81
CA VAL E 18 -16.28 13.95 -16.31
C VAL E 18 -15.78 14.80 -15.15
N LYS E 19 -14.80 14.28 -14.43
CA LYS E 19 -14.13 15.01 -13.36
C LYS E 19 -12.74 15.44 -13.81
N THR E 20 -12.32 16.60 -13.32
CA THR E 20 -11.00 17.15 -13.59
C THR E 20 -10.33 17.57 -12.28
N ILE E 21 -9.22 18.29 -12.41
CA ILE E 21 -8.56 18.86 -11.24
C ILE E 21 -9.44 19.94 -10.61
N THR E 22 -10.11 20.74 -11.43
CA THR E 22 -10.86 21.90 -10.94
C THR E 22 -12.37 21.68 -10.88
N ASP E 23 -12.90 20.65 -11.54
CA ASP E 23 -14.35 20.44 -11.65
C ASP E 23 -14.72 19.01 -11.29
N ASP E 24 -15.73 18.86 -10.42
CA ASP E 24 -16.35 17.57 -10.14
C ASP E 24 -17.27 17.13 -11.26
N GLN E 25 -17.70 18.06 -12.09
CA GLN E 25 -18.68 17.80 -13.12
C GLN E 25 -18.42 18.80 -14.22
N ILE E 26 -17.86 18.36 -15.34
CA ILE E 26 -17.74 19.22 -16.50
C ILE E 26 -18.10 18.37 -17.70
N GLU E 27 -18.77 18.99 -18.66
CA GLU E 27 -19.40 18.25 -19.75
C GLU E 27 -18.46 18.25 -20.94
N VAL E 28 -18.16 17.05 -21.45
CA VAL E 28 -17.34 16.87 -22.65
C VAL E 28 -18.18 16.14 -23.69
N THR E 29 -17.67 16.09 -24.93
CA THR E 29 -18.44 15.51 -26.02
C THR E 29 -18.53 13.99 -25.95
N ASN E 30 -17.63 13.34 -25.23
CA ASN E 30 -17.55 11.89 -25.20
C ASN E 30 -16.61 11.43 -24.07
N ALA E 31 -16.88 10.23 -23.55
CA ALA E 31 -16.05 9.62 -22.51
C ALA E 31 -16.22 8.11 -22.57
N THR E 32 -15.35 7.42 -21.84
CA THR E 32 -15.37 5.97 -21.79
C THR E 32 -15.20 5.50 -20.36
N GLU E 33 -15.88 4.41 -20.01
CA GLU E 33 -15.95 3.98 -18.63
C GLU E 33 -14.69 3.19 -18.27
N LEU E 34 -14.07 3.52 -17.14
CA LEU E 34 -12.84 2.83 -16.73
C LEU E 34 -13.06 1.80 -15.64
N VAL E 35 -14.27 1.72 -15.08
CA VAL E 35 -14.58 0.83 -13.97
C VAL E 35 -15.55 -0.24 -14.45
N GLN E 36 -15.13 -1.50 -14.42
CA GLN E 36 -16.05 -2.59 -14.71
C GLN E 36 -16.96 -2.83 -13.51
N SER E 37 -18.26 -2.66 -13.70
CA SER E 37 -19.18 -2.73 -12.57
C SER E 37 -20.22 -3.82 -12.72
N SER E 38 -20.16 -4.63 -13.76
CA SER E 38 -21.14 -5.68 -13.92
C SER E 38 -20.44 -7.00 -14.20
N SER E 39 -21.14 -8.08 -13.89
CA SER E 39 -20.74 -9.44 -14.17
C SER E 39 -21.89 -10.15 -14.85
N THR E 40 -21.57 -11.20 -15.62
CA THR E 40 -22.61 -12.06 -16.18
C THR E 40 -23.28 -12.94 -15.14
N GLY E 41 -22.71 -13.09 -13.96
CA GLY E 41 -23.24 -14.00 -12.96
C GLY E 41 -22.80 -15.44 -13.08
N LYS E 42 -21.96 -15.76 -14.06
CA LYS E 42 -21.52 -17.11 -14.32
C LYS E 42 -19.99 -17.16 -14.36
N ILE E 43 -19.42 -18.25 -13.87
CA ILE E 43 -17.98 -18.48 -13.98
C ILE E 43 -17.71 -19.25 -15.28
N CYS E 44 -16.96 -18.63 -16.19
CA CYS E 44 -16.62 -19.27 -17.46
C CYS E 44 -15.59 -20.38 -17.26
N ASN E 45 -15.81 -21.52 -17.92
CA ASN E 45 -14.95 -22.68 -17.73
C ASN E 45 -13.67 -22.64 -18.57
N ASN E 46 -13.41 -21.57 -19.29
CA ASN E 46 -12.15 -21.36 -20.01
C ASN E 46 -11.71 -19.93 -19.78
N PRO E 47 -10.40 -19.67 -19.78
CA PRO E 47 -9.29 -20.57 -20.08
C PRO E 47 -8.72 -21.34 -18.87
N HIS E 48 -9.22 -21.04 -17.68
CA HIS E 48 -8.73 -21.66 -16.47
C HIS E 48 -9.48 -22.97 -16.22
N ARG E 49 -8.78 -23.97 -15.69
CA ARG E 49 -9.42 -25.21 -15.29
C ARG E 49 -10.21 -25.02 -13.99
N ILE E 50 -11.54 -25.03 -14.10
CA ILE E 50 -12.44 -24.82 -12.96
C ILE E 50 -12.86 -26.18 -12.42
N LEU E 51 -12.71 -26.38 -11.11
CA LEU E 51 -13.20 -27.59 -10.44
C LEU E 51 -14.28 -27.17 -9.44
N ASP E 52 -15.51 -27.56 -9.72
CA ASP E 52 -16.64 -27.30 -8.84
C ASP E 52 -16.65 -28.28 -7.68
N GLY E 53 -16.43 -27.80 -6.45
CA GLY E 53 -16.51 -28.68 -5.30
C GLY E 53 -17.91 -29.25 -5.03
N ILE E 54 -18.96 -28.64 -5.59
CA ILE E 54 -20.34 -29.04 -5.33
C ILE E 54 -20.58 -29.18 -3.82
N ASP E 55 -20.72 -30.42 -3.33
CA ASP E 55 -21.02 -30.71 -1.93
C ASP E 55 -19.78 -30.79 -1.06
N CYS E 56 -18.59 -30.53 -1.59
CA CYS E 56 -17.37 -30.84 -0.87
C CYS E 56 -16.52 -29.61 -0.69
N THR E 57 -16.05 -29.40 0.55
CA THR E 57 -14.94 -28.49 0.72
C THR E 57 -13.67 -29.16 0.17
N LEU E 58 -12.67 -28.34 -0.09
CA LEU E 58 -11.37 -28.90 -0.50
C LEU E 58 -10.81 -29.80 0.59
N ILE E 59 -10.91 -29.40 1.85
CA ILE E 59 -10.35 -30.22 2.94
C ILE E 59 -11.05 -31.59 2.99
N ASP E 60 -12.37 -31.60 2.83
CA ASP E 60 -13.06 -32.89 2.84
C ASP E 60 -12.68 -33.75 1.62
N ALA E 61 -12.41 -33.12 0.47
CA ALA E 61 -11.91 -33.91 -0.65
C ALA E 61 -10.50 -34.42 -0.35
N LEU E 62 -9.68 -33.60 0.32
CA LEU E 62 -8.31 -34.02 0.64
C LEU E 62 -8.33 -35.23 1.58
N LEU E 63 -9.09 -35.14 2.68
CA LEU E 63 -9.13 -36.23 3.66
C LEU E 63 -9.74 -37.50 3.07
N GLY E 64 -10.73 -37.36 2.18
CA GLY E 64 -11.37 -38.54 1.63
C GLY E 64 -12.65 -38.89 2.36
N ASP E 65 -13.41 -37.85 2.76
CA ASP E 65 -14.81 -38.00 3.11
C ASP E 65 -15.53 -38.77 2.00
N PRO E 66 -16.26 -39.85 2.31
CA PRO E 66 -16.75 -40.75 1.23
C PRO E 66 -17.54 -40.06 0.15
N HIS E 67 -18.43 -39.12 0.48
CA HIS E 67 -19.15 -38.44 -0.59
C HIS E 67 -18.26 -37.51 -1.40
N CYS E 68 -16.99 -37.35 -1.02
CA CYS E 68 -16.00 -36.60 -1.80
C CYS E 68 -15.00 -37.49 -2.51
N ASP E 69 -15.23 -38.81 -2.51
CA ASP E 69 -14.30 -39.71 -3.18
C ASP E 69 -14.14 -39.38 -4.66
N VAL E 70 -15.16 -38.77 -5.28
CA VAL E 70 -15.10 -38.47 -6.71
C VAL E 70 -13.97 -37.50 -7.05
N PHE E 71 -13.43 -36.76 -6.07
CA PHE E 71 -12.38 -35.77 -6.34
C PHE E 71 -10.94 -36.31 -6.23
N GLN E 72 -10.75 -37.60 -5.96
CA GLN E 72 -9.41 -38.18 -5.74
C GLN E 72 -8.46 -37.93 -6.90
N ASN E 73 -8.91 -38.10 -8.12
CA ASN E 73 -8.02 -37.94 -9.27
C ASN E 73 -8.02 -36.52 -9.83
N GLU E 74 -8.41 -35.52 -9.05
CA GLU E 74 -8.68 -34.20 -9.62
C GLU E 74 -7.53 -33.20 -9.49
N THR E 75 -7.53 -32.24 -10.41
CA THR E 75 -6.63 -31.10 -10.46
C THR E 75 -7.45 -29.85 -10.77
N TRP E 76 -6.89 -28.69 -10.52
CA TRP E 76 -7.62 -27.45 -10.81
C TRP E 76 -6.61 -26.31 -10.96
N ASP E 77 -7.02 -25.28 -11.71
CA ASP E 77 -6.50 -23.93 -11.52
C ASP E 77 -7.31 -23.19 -10.46
N LEU E 78 -8.62 -23.33 -10.47
CA LEU E 78 -9.46 -22.69 -9.48
C LEU E 78 -10.43 -23.72 -8.94
N PHE E 79 -10.27 -24.07 -7.66
CA PHE E 79 -11.26 -24.86 -6.93
C PHE E 79 -12.38 -23.96 -6.42
N VAL E 80 -13.63 -24.29 -6.72
CA VAL E 80 -14.78 -23.49 -6.31
C VAL E 80 -15.54 -24.22 -5.20
N GLU E 81 -15.55 -23.63 -4.00
CA GLU E 81 -16.26 -24.16 -2.83
C GLU E 81 -17.62 -23.49 -2.72
N ARG E 82 -18.67 -24.31 -2.58
CA ARG E 82 -20.06 -23.86 -2.53
C ARG E 82 -20.54 -23.74 -1.09
N SER E 83 -21.49 -22.81 -0.87
CA SER E 83 -21.96 -22.62 0.49
C SER E 83 -22.81 -23.81 0.96
N LYS E 84 -23.29 -24.65 0.04
CA LYS E 84 -24.01 -25.87 0.39
C LYS E 84 -23.09 -27.04 0.77
N ALA E 85 -21.76 -26.92 0.73
CA ALA E 85 -20.94 -28.08 1.06
C ALA E 85 -21.16 -28.48 2.52
N PHE E 86 -20.99 -29.79 2.78
CA PHE E 86 -21.18 -30.36 4.11
C PHE E 86 -20.19 -31.49 4.33
N SER E 87 -19.77 -31.68 5.58
CA SER E 87 -18.96 -32.81 5.99
C SER E 87 -19.85 -33.96 6.42
N ASN E 88 -19.42 -35.19 6.14
CA ASN E 88 -20.30 -36.32 6.46
C ASN E 88 -19.48 -37.55 6.86
N CYS E 89 -18.44 -37.33 7.64
CA CYS E 89 -17.56 -38.42 8.06
C CYS E 89 -17.31 -38.22 9.56
N TYR E 90 -16.16 -38.69 10.06
CA TYR E 90 -15.87 -38.51 11.49
C TYR E 90 -15.76 -37.02 11.83
N PRO E 91 -16.32 -36.59 12.95
CA PRO E 91 -16.20 -35.17 13.32
C PRO E 91 -14.75 -34.81 13.60
N TYR E 92 -14.33 -33.65 13.08
CA TYR E 92 -12.93 -33.28 13.10
C TYR E 92 -12.78 -31.77 13.18
N ASP E 93 -11.61 -31.34 13.61
CA ASP E 93 -11.17 -29.97 13.44
C ASP E 93 -9.75 -29.98 12.88
N VAL E 94 -9.38 -28.87 12.26
CA VAL E 94 -8.02 -28.66 11.80
C VAL E 94 -7.48 -27.40 12.47
N PRO E 95 -6.61 -27.53 13.48
CA PRO E 95 -5.87 -26.35 13.92
C PRO E 95 -5.12 -25.81 12.71
N ASP E 96 -5.24 -24.52 12.48
CA ASP E 96 -4.69 -23.88 11.27
C ASP E 96 -5.29 -24.46 9.98
N TYR E 97 -6.59 -24.72 10.03
CA TYR E 97 -7.39 -25.06 8.85
C TYR E 97 -7.07 -24.18 7.66
N ALA E 98 -7.04 -22.86 7.88
CA ALA E 98 -6.90 -21.92 6.77
C ALA E 98 -5.57 -22.12 6.05
N SER E 99 -4.50 -22.41 6.79
CA SER E 99 -3.20 -22.64 6.15
C SER E 99 -3.20 -23.93 5.35
N LEU E 100 -3.79 -24.99 5.89
CA LEU E 100 -3.85 -26.24 5.15
C LEU E 100 -4.70 -26.08 3.89
N ARG E 101 -5.87 -25.46 4.02
CA ARG E 101 -6.68 -25.18 2.86
C ARG E 101 -5.90 -24.37 1.83
N SER E 102 -5.13 -23.39 2.29
CA SER E 102 -4.41 -22.51 1.38
C SER E 102 -3.29 -23.26 0.65
N LEU E 103 -2.46 -24.02 1.38
CA LEU E 103 -1.33 -24.67 0.73
C LEU E 103 -1.80 -25.77 -0.22
N VAL E 104 -2.93 -26.42 0.08
CA VAL E 104 -3.47 -27.39 -0.88
C VAL E 104 -4.06 -26.69 -2.09
N ALA E 105 -4.85 -25.63 -1.87
CA ALA E 105 -5.42 -24.91 -3.02
C ALA E 105 -4.32 -24.45 -3.97
N SER E 106 -3.22 -23.96 -3.41
CA SER E 106 -2.10 -23.44 -4.21
C SER E 106 -1.35 -24.58 -4.92
N SER E 107 -1.36 -25.79 -4.37
CA SER E 107 -0.70 -26.91 -5.05
C SER E 107 -1.52 -27.39 -6.27
N GLY E 108 -2.86 -27.30 -6.21
CA GLY E 108 -3.67 -27.53 -7.39
C GLY E 108 -3.93 -28.98 -7.76
N THR E 109 -3.68 -29.92 -6.84
CA THR E 109 -3.84 -31.32 -7.14
C THR E 109 -4.12 -32.06 -5.83
N LEU E 110 -4.86 -33.16 -5.93
CA LEU E 110 -5.03 -34.09 -4.82
C LEU E 110 -4.29 -35.40 -5.10
N GLU E 111 -3.31 -35.37 -6.00
CA GLU E 111 -2.63 -36.59 -6.40
C GLU E 111 -2.00 -37.28 -5.20
N PHE E 112 -2.41 -38.51 -4.94
CA PHE E 112 -2.02 -39.21 -3.72
C PHE E 112 -1.22 -40.46 -4.08
N ILE E 113 -0.07 -40.61 -3.43
CA ILE E 113 0.82 -41.74 -3.69
C ILE E 113 0.85 -42.58 -2.42
N THR E 114 0.46 -43.83 -2.52
CA THR E 114 0.44 -44.73 -1.37
C THR E 114 1.85 -45.18 -1.01
N GLU E 115 2.15 -45.22 0.29
CA GLU E 115 3.43 -45.72 0.77
C GLU E 115 3.22 -46.89 1.74
N GLY E 116 4.15 -47.85 1.70
CA GLY E 116 4.02 -49.02 2.55
C GLY E 116 4.52 -48.84 3.98
N PHE E 117 3.78 -48.05 4.77
CA PHE E 117 4.07 -47.98 6.20
C PHE E 117 3.80 -49.34 6.84
N THR E 118 4.70 -49.76 7.72
CA THR E 118 4.54 -51.02 8.45
C THR E 118 4.10 -50.68 9.86
N TRP E 119 2.87 -51.05 10.22
CA TRP E 119 2.30 -50.73 11.53
C TRP E 119 2.23 -52.04 12.30
N THR E 120 3.31 -52.34 13.01
CA THR E 120 3.47 -53.63 13.64
C THR E 120 2.70 -53.67 14.95
N GLY E 121 1.87 -54.70 15.13
CA GLY E 121 1.23 -54.94 16.40
C GLY E 121 -0.04 -54.17 16.66
N VAL E 122 -0.65 -53.54 15.64
CA VAL E 122 -1.89 -52.80 15.82
C VAL E 122 -2.90 -53.29 14.78
N THR E 123 -4.18 -53.03 15.06
CA THR E 123 -5.24 -53.26 14.08
C THR E 123 -5.35 -52.03 13.20
N GLN E 124 -5.47 -52.25 11.88
CA GLN E 124 -5.56 -51.14 10.93
C GLN E 124 -7.00 -50.96 10.45
N ASN E 125 -7.23 -49.81 9.78
CA ASN E 125 -8.46 -49.55 9.01
C ASN E 125 -9.70 -49.44 9.89
N GLY E 126 -9.57 -48.82 11.06
CA GLY E 126 -10.74 -48.54 11.87
C GLY E 126 -11.75 -47.66 11.16
N GLY E 127 -13.02 -47.82 11.52
CA GLY E 127 -14.09 -47.06 10.91
C GLY E 127 -15.15 -46.67 11.92
N SER E 128 -16.12 -45.90 11.45
CA SER E 128 -17.20 -45.40 12.28
C SER E 128 -18.47 -45.36 11.45
N ASN E 129 -19.60 -45.54 12.14
CA ASN E 129 -20.90 -45.34 11.50
C ASN E 129 -21.21 -43.87 11.26
N ALA E 130 -20.41 -42.96 11.81
CA ALA E 130 -20.53 -41.56 11.46
C ALA E 130 -19.90 -41.24 10.11
N CYS E 131 -19.26 -42.23 9.47
CA CYS E 131 -18.57 -42.09 8.19
C CYS E 131 -18.87 -43.34 7.34
N LYS E 132 -20.12 -43.51 6.94
CA LYS E 132 -20.60 -44.73 6.29
C LYS E 132 -20.02 -44.90 4.89
N ARG E 133 -19.66 -46.16 4.57
CA ARG E 133 -19.24 -46.55 3.23
C ARG E 133 -20.03 -47.80 2.88
N GLY E 134 -20.92 -47.71 1.89
CA GLY E 134 -21.80 -48.82 1.62
C GLY E 134 -22.66 -49.15 2.83
N PRO E 135 -22.90 -50.45 3.04
CA PRO E 135 -23.75 -50.86 4.16
C PRO E 135 -23.07 -50.77 5.52
N GLY E 136 -21.74 -50.60 5.55
CA GLY E 136 -20.96 -50.62 6.76
C GLY E 136 -20.40 -49.29 7.22
N SER E 137 -19.73 -49.36 8.36
CA SER E 137 -18.98 -48.25 8.91
C SER E 137 -17.75 -48.03 8.05
N GLY E 138 -17.23 -46.82 8.08
CA GLY E 138 -16.11 -46.50 7.24
C GLY E 138 -15.30 -45.35 7.80
N PHE E 139 -14.46 -44.76 6.94
CA PHE E 139 -13.51 -43.75 7.40
C PHE E 139 -13.02 -42.92 6.22
N PHE E 140 -12.27 -41.85 6.54
CA PHE E 140 -11.56 -41.09 5.53
C PHE E 140 -10.66 -41.99 4.70
N SER E 141 -10.79 -41.91 3.37
CA SER E 141 -10.04 -42.81 2.51
C SER E 141 -8.52 -42.65 2.68
N ARG E 142 -8.04 -41.42 2.93
CA ARG E 142 -6.59 -41.23 2.97
C ARG E 142 -5.98 -41.42 4.36
N LEU E 143 -6.78 -41.76 5.36
CA LEU E 143 -6.28 -41.92 6.71
C LEU E 143 -6.50 -43.36 7.18
N ASN E 144 -5.66 -43.79 8.13
CA ASN E 144 -5.62 -45.18 8.57
C ASN E 144 -5.74 -45.15 10.09
N TRP E 145 -6.91 -45.54 10.59
CA TRP E 145 -7.22 -45.49 12.01
C TRP E 145 -6.67 -46.75 12.66
N LEU E 146 -5.62 -46.60 13.47
CA LEU E 146 -4.95 -47.72 14.14
C LEU E 146 -5.52 -47.88 15.55
N THR E 147 -5.75 -49.13 15.96
CA THR E 147 -6.15 -49.44 17.34
C THR E 147 -5.39 -50.70 17.78
N LYS E 148 -5.63 -51.09 19.04
CA LYS E 148 -4.85 -52.17 19.62
C LYS E 148 -5.09 -53.48 18.88
N SER E 149 -4.07 -54.34 18.92
CA SER E 149 -4.15 -55.69 18.38
C SER E 149 -3.98 -56.66 19.52
N GLY E 150 -4.99 -57.50 19.74
CA GLY E 150 -5.02 -58.33 20.92
C GLY E 150 -5.22 -57.48 22.17
N SER E 151 -4.20 -57.42 23.02
CA SER E 151 -4.32 -56.65 24.25
C SER E 151 -3.27 -55.56 24.35
N THR E 152 -2.55 -55.27 23.28
CA THR E 152 -1.42 -54.36 23.37
C THR E 152 -1.44 -53.37 22.21
N TYR E 153 -0.91 -52.18 22.50
CA TYR E 153 -0.67 -51.15 21.50
C TYR E 153 0.79 -50.77 21.71
N PRO E 154 1.70 -51.26 20.88
CA PRO E 154 3.13 -50.99 21.07
C PRO E 154 3.47 -49.57 20.67
N VAL E 155 4.69 -49.17 20.98
CA VAL E 155 5.20 -47.89 20.50
C VAL E 155 5.44 -48.01 19.00
N LEU E 156 4.67 -47.26 18.20
CA LEU E 156 4.87 -47.26 16.76
C LEU E 156 6.00 -46.33 16.40
N ASN E 157 6.87 -46.78 15.51
CA ASN E 157 8.09 -46.05 15.17
C ASN E 157 8.45 -46.38 13.72
N VAL E 158 8.00 -45.54 12.78
CA VAL E 158 8.23 -45.78 11.36
C VAL E 158 8.89 -44.57 10.72
N THR E 159 9.56 -44.82 9.60
CA THR E 159 10.28 -43.77 8.90
C THR E 159 10.00 -43.87 7.41
N MET E 160 10.04 -42.73 6.73
CA MET E 160 9.83 -42.70 5.30
C MET E 160 10.71 -41.60 4.71
N PRO E 161 11.79 -41.96 4.00
CA PRO E 161 12.66 -40.93 3.41
C PRO E 161 12.05 -40.36 2.14
N ASN E 162 12.33 -39.08 1.88
CA ASN E 162 11.90 -38.49 0.61
C ASN E 162 13.10 -38.50 -0.34
N ASN E 163 13.10 -39.47 -1.25
CA ASN E 163 14.12 -39.62 -2.27
C ASN E 163 13.67 -39.16 -3.64
N ASP E 164 12.51 -38.49 -3.71
CA ASP E 164 12.05 -37.89 -4.94
C ASP E 164 12.61 -36.48 -5.03
N ASN E 165 12.36 -35.79 -6.14
CA ASN E 165 12.78 -34.41 -6.30
C ASN E 165 11.64 -33.43 -6.14
N PHE E 166 10.54 -33.84 -5.49
CA PHE E 166 9.39 -32.96 -5.26
C PHE E 166 9.04 -33.02 -3.77
N ASP E 167 8.27 -32.03 -3.31
CA ASP E 167 7.84 -32.04 -1.92
C ASP E 167 6.69 -33.03 -1.70
N LYS E 168 6.72 -33.71 -0.56
CA LYS E 168 5.65 -34.59 -0.13
C LYS E 168 4.82 -33.93 0.97
N LEU E 169 3.48 -33.96 0.82
CA LEU E 169 2.58 -33.49 1.86
C LEU E 169 1.96 -34.71 2.57
N TYR E 170 2.20 -34.82 3.87
CA TYR E 170 1.61 -35.87 4.69
C TYR E 170 0.49 -35.29 5.55
N ILE E 171 -0.68 -35.91 5.47
CA ILE E 171 -1.83 -35.54 6.30
C ILE E 171 -2.02 -36.63 7.34
N TRP E 172 -2.11 -36.24 8.61
CA TRP E 172 -2.27 -37.20 9.68
C TRP E 172 -3.14 -36.59 10.76
N GLY E 173 -3.40 -37.36 11.80
CA GLY E 173 -4.34 -36.87 12.79
C GLY E 173 -4.14 -37.52 14.13
N VAL E 174 -4.89 -37.00 15.11
CA VAL E 174 -4.91 -37.54 16.46
C VAL E 174 -6.37 -37.73 16.88
N HIS E 175 -6.68 -38.88 17.48
CA HIS E 175 -8.04 -39.17 17.91
C HIS E 175 -8.22 -38.75 19.36
N HIS E 176 -9.26 -37.95 19.62
CA HIS E 176 -9.57 -37.46 20.96
C HIS E 176 -10.77 -38.23 21.47
N PRO E 177 -10.58 -39.22 22.34
CA PRO E 177 -11.72 -40.01 22.83
C PRO E 177 -12.63 -39.21 23.75
N SER E 178 -13.86 -39.69 23.90
CA SER E 178 -14.78 -38.99 24.78
C SER E 178 -14.71 -39.47 26.23
N THR E 179 -14.27 -40.71 26.50
CA THR E 179 -14.16 -41.23 27.86
C THR E 179 -12.84 -41.98 28.03
N ASN E 180 -12.43 -42.14 29.29
CA ASN E 180 -11.25 -42.95 29.58
C ASN E 180 -11.45 -44.40 29.17
N GLN E 181 -12.68 -44.89 29.23
CA GLN E 181 -12.94 -46.27 28.88
C GLN E 181 -12.67 -46.52 27.41
N GLU E 182 -13.13 -45.64 26.52
CA GLU E 182 -12.80 -45.84 25.11
C GLU E 182 -11.30 -45.65 24.87
N GLN E 183 -10.66 -44.72 25.59
CA GLN E 183 -9.22 -44.53 25.46
C GLN E 183 -8.46 -45.84 25.68
N THR E 184 -8.69 -46.49 26.83
CA THR E 184 -7.93 -47.70 27.13
C THR E 184 -8.42 -48.86 26.28
N SER E 185 -9.69 -48.85 25.92
CA SER E 185 -10.24 -49.91 25.10
C SER E 185 -9.63 -49.88 23.69
N LEU E 186 -9.36 -48.69 23.17
CA LEU E 186 -8.82 -48.57 21.82
C LEU E 186 -7.30 -48.64 21.79
N TYR E 187 -6.62 -48.06 22.78
CA TYR E 187 -5.18 -47.85 22.70
C TYR E 187 -4.40 -48.42 23.88
N VAL E 188 -5.09 -49.08 24.81
CA VAL E 188 -4.48 -49.72 25.99
C VAL E 188 -3.92 -48.63 26.91
N GLN E 189 -2.91 -47.89 26.45
CA GLN E 189 -2.32 -46.84 27.28
C GLN E 189 -3.37 -45.80 27.67
N ALA E 190 -3.30 -45.34 28.93
CA ALA E 190 -4.28 -44.40 29.45
C ALA E 190 -4.11 -43.00 28.86
N SER E 191 -2.98 -42.74 28.23
CA SER E 191 -2.71 -41.45 27.62
C SER E 191 -1.92 -41.70 26.35
N GLY E 192 -2.44 -41.22 25.23
CA GLY E 192 -1.77 -41.39 23.96
C GLY E 192 -0.72 -40.32 23.73
N ARG E 193 -0.09 -40.40 22.56
CA ARG E 193 0.94 -39.45 22.17
C ARG E 193 1.28 -39.68 20.69
N VAL E 194 1.38 -38.59 19.94
CA VAL E 194 1.74 -38.65 18.52
C VAL E 194 2.83 -37.60 18.27
N THR E 195 4.01 -38.06 17.85
CA THR E 195 5.13 -37.21 17.48
C THR E 195 5.49 -37.51 16.03
N VAL E 196 5.45 -36.47 15.20
CA VAL E 196 5.78 -36.56 13.78
C VAL E 196 6.90 -35.57 13.53
N SER E 197 7.99 -36.03 12.90
CA SER E 197 9.17 -35.18 12.81
C SER E 197 9.87 -35.34 11.46
N THR E 198 10.61 -34.30 11.10
CA THR E 198 11.60 -34.34 10.04
C THR E 198 12.95 -34.03 10.68
N ARG E 199 13.97 -33.80 9.86
CA ARG E 199 15.30 -33.60 10.43
C ARG E 199 15.36 -32.33 11.28
N ARG E 200 14.69 -31.26 10.86
CA ARG E 200 14.88 -29.95 11.48
C ARG E 200 13.69 -29.49 12.32
N SER E 201 12.54 -30.17 12.25
CA SER E 201 11.37 -29.71 12.99
C SER E 201 10.54 -30.91 13.42
N GLN E 202 9.62 -30.68 14.35
CA GLN E 202 8.81 -31.76 14.90
C GLN E 202 7.50 -31.17 15.44
N GLN E 203 6.46 -32.00 15.48
CA GLN E 203 5.16 -31.67 16.07
C GLN E 203 4.83 -32.74 17.10
N THR E 204 4.43 -32.31 18.28
CA THR E 204 4.04 -33.21 19.36
C THR E 204 2.62 -32.89 19.82
N ILE E 205 1.74 -33.88 19.73
CA ILE E 205 0.32 -33.70 20.07
C ILE E 205 -0.04 -34.66 21.20
N ILE E 206 -0.72 -34.15 22.22
CA ILE E 206 -1.28 -34.98 23.28
C ILE E 206 -2.79 -35.04 23.06
N PRO E 207 -3.40 -36.22 23.00
CA PRO E 207 -4.85 -36.30 22.81
C PRO E 207 -5.57 -35.77 24.04
N ASN E 208 -6.79 -35.27 23.81
CA ASN E 208 -7.64 -34.71 24.85
C ASN E 208 -8.87 -35.59 25.04
N ILE E 209 -9.07 -36.12 26.25
CA ILE E 209 -10.20 -36.98 26.58
C ILE E 209 -11.30 -36.13 27.22
N GLY E 210 -12.53 -36.32 26.78
CA GLY E 210 -13.62 -35.54 27.36
C GLY E 210 -14.82 -35.48 26.44
N SER E 211 -15.92 -35.02 27.02
CA SER E 211 -17.21 -35.02 26.34
C SER E 211 -17.32 -33.76 25.49
N ARG E 212 -17.75 -33.93 24.25
CA ARG E 212 -18.00 -32.82 23.35
C ARG E 212 -19.43 -32.83 22.83
N PRO E 213 -19.90 -31.80 22.13
CA PRO E 213 -21.25 -31.86 21.57
C PRO E 213 -21.35 -32.95 20.51
N TRP E 214 -22.49 -33.63 20.54
CA TRP E 214 -22.87 -34.69 19.61
C TRP E 214 -22.80 -34.20 18.15
N VAL E 215 -22.02 -34.88 17.33
CA VAL E 215 -22.01 -34.65 15.88
C VAL E 215 -22.05 -36.01 15.21
N ARG E 216 -23.12 -36.26 14.44
CA ARG E 216 -23.31 -37.53 13.74
C ARG E 216 -23.12 -38.73 14.67
N GLY E 217 -23.66 -38.60 15.88
CA GLY E 217 -23.67 -39.67 16.84
C GLY E 217 -22.52 -39.69 17.83
N LEU E 218 -21.51 -38.84 17.66
CA LEU E 218 -20.27 -38.97 18.41
C LEU E 218 -19.95 -37.72 19.22
N SER E 219 -19.42 -37.94 20.43
CA SER E 219 -18.81 -36.89 21.23
C SER E 219 -17.30 -36.84 21.06
N SER E 220 -16.70 -37.84 20.42
CA SER E 220 -15.26 -37.81 20.24
C SER E 220 -14.94 -37.00 18.99
N ARG E 221 -13.64 -36.80 18.74
CA ARG E 221 -13.19 -35.94 17.65
C ARG E 221 -11.86 -36.45 17.12
N ILE E 222 -11.51 -35.98 15.94
CA ILE E 222 -10.17 -36.10 15.40
C ILE E 222 -9.64 -34.72 15.05
N SER E 223 -8.38 -34.44 15.41
CA SER E 223 -7.69 -33.22 14.99
C SER E 223 -6.71 -33.58 13.89
N ILE E 224 -6.71 -32.78 12.83
CA ILE E 224 -5.95 -33.04 11.61
C ILE E 224 -4.69 -32.19 11.63
N TYR E 225 -3.55 -32.78 11.29
CA TYR E 225 -2.28 -32.08 11.19
C TYR E 225 -1.61 -32.43 9.85
N TRP E 226 -0.56 -31.69 9.51
CA TRP E 226 0.14 -31.95 8.26
C TRP E 226 1.64 -31.73 8.41
N THR E 227 2.40 -32.36 7.51
CA THR E 227 3.84 -32.24 7.53
C THR E 227 4.32 -32.26 6.10
N ILE E 228 5.14 -31.30 5.71
CA ILE E 228 5.77 -31.31 4.38
C ILE E 228 7.20 -31.81 4.51
N VAL E 229 7.57 -32.76 3.66
CA VAL E 229 8.92 -33.33 3.65
C VAL E 229 9.58 -32.96 2.32
N LYS E 230 10.65 -32.18 2.38
CA LYS E 230 11.41 -31.77 1.20
C LYS E 230 12.34 -32.88 0.69
N PRO E 231 12.75 -32.80 -0.58
CA PRO E 231 13.71 -33.79 -1.11
C PRO E 231 14.94 -33.90 -0.22
N GLY E 232 15.35 -35.14 0.02
CA GLY E 232 16.48 -35.42 0.88
C GLY E 232 16.18 -35.41 2.36
N ASP E 233 14.97 -34.98 2.76
CA ASP E 233 14.58 -35.04 4.16
C ASP E 233 13.91 -36.39 4.43
N VAL E 234 13.49 -36.59 5.67
CA VAL E 234 12.95 -37.87 6.13
C VAL E 234 11.80 -37.59 7.09
N LEU E 235 10.71 -38.35 6.95
CA LEU E 235 9.60 -38.35 7.91
C LEU E 235 9.81 -39.46 8.94
N VAL E 236 9.60 -39.14 10.21
CA VAL E 236 9.49 -40.14 11.27
C VAL E 236 8.17 -39.92 12.01
N ILE E 237 7.42 -41.00 12.24
CA ILE E 237 6.19 -40.98 13.03
C ILE E 237 6.38 -41.90 14.21
N ASN E 238 6.10 -41.39 15.40
CA ASN E 238 6.30 -42.12 16.64
C ASN E 238 5.06 -41.96 17.50
N SER E 239 4.48 -43.06 17.97
CA SER E 239 3.24 -42.95 18.72
C SER E 239 3.00 -44.19 19.57
N ASN E 240 2.43 -43.98 20.77
CA ASN E 240 1.99 -45.08 21.61
C ASN E 240 0.49 -45.03 21.84
N GLY E 241 -0.24 -44.43 20.91
CA GLY E 241 -1.69 -44.44 20.93
C GLY E 241 -2.26 -43.20 20.29
N ASN E 242 -3.47 -43.34 19.73
CA ASN E 242 -4.34 -42.28 19.19
C ASN E 242 -3.88 -41.73 17.85
N LEU E 243 -2.92 -42.36 17.21
CA LEU E 243 -2.47 -41.92 15.90
C LEU E 243 -3.53 -42.22 14.84
N ILE E 244 -3.85 -41.22 14.02
CA ILE E 244 -4.59 -41.41 12.78
C ILE E 244 -3.57 -41.32 11.67
N ALA E 245 -3.14 -42.47 11.16
CA ALA E 245 -1.90 -42.52 10.38
C ALA E 245 -2.13 -42.14 8.91
N PRO E 246 -1.13 -41.54 8.27
CA PRO E 246 -1.20 -41.32 6.82
C PRO E 246 -1.06 -42.63 6.10
N ARG E 247 -1.67 -42.74 4.91
CA ARG E 247 -1.51 -43.92 4.06
C ARG E 247 -0.48 -43.71 2.97
N GLY E 248 0.08 -42.51 2.89
CA GLY E 248 0.92 -42.10 1.79
C GLY E 248 1.05 -40.59 1.83
N TYR E 249 1.34 -40.01 0.68
CA TYR E 249 1.55 -38.57 0.60
C TYR E 249 0.84 -38.00 -0.61
N PHE E 250 0.61 -36.69 -0.54
CA PHE E 250 0.16 -35.92 -1.68
C PHE E 250 1.36 -35.30 -2.36
N LYS E 251 1.44 -35.46 -3.68
CA LYS E 251 2.50 -34.82 -4.44
C LYS E 251 2.20 -33.33 -4.55
N MET E 252 3.14 -32.50 -4.18
CA MET E 252 2.88 -31.07 -4.23
C MET E 252 3.48 -30.50 -5.50
N ARG E 253 2.81 -29.50 -6.02
CA ARG E 253 3.28 -28.70 -7.13
C ARG E 253 3.25 -27.25 -6.69
N THR E 254 3.88 -26.41 -7.49
CA THR E 254 3.80 -24.97 -7.30
C THR E 254 3.25 -24.43 -8.60
N GLY E 255 2.43 -23.41 -8.52
CA GLY E 255 1.88 -22.89 -9.77
C GLY E 255 0.85 -21.83 -9.46
N LYS E 256 -0.10 -21.69 -10.38
CA LYS E 256 -1.08 -20.62 -10.36
C LYS E 256 -2.40 -21.01 -9.70
N SER E 257 -2.48 -22.16 -9.06
CA SER E 257 -3.77 -22.66 -8.59
C SER E 257 -4.23 -21.94 -7.34
N SER E 258 -5.55 -21.85 -7.18
CA SER E 258 -6.11 -21.19 -6.01
C SER E 258 -7.48 -21.79 -5.70
N ILE E 259 -8.21 -21.12 -4.81
CA ILE E 259 -9.54 -21.55 -4.36
C ILE E 259 -10.40 -20.30 -4.18
N MET E 260 -11.71 -20.44 -4.42
CA MET E 260 -12.63 -19.32 -4.24
C MET E 260 -13.96 -19.84 -3.69
N ARG E 261 -14.56 -19.08 -2.75
CA ARG E 261 -15.92 -19.36 -2.27
C ARG E 261 -16.89 -18.63 -3.18
N SER E 262 -17.81 -19.39 -3.80
CA SER E 262 -18.74 -18.78 -4.74
C SER E 262 -19.89 -19.73 -4.97
N ASP E 263 -21.07 -19.16 -5.16
CA ASP E 263 -22.25 -19.92 -5.58
C ASP E 263 -22.63 -19.63 -7.02
N ALA E 264 -21.80 -18.92 -7.76
CA ALA E 264 -22.12 -18.65 -9.15
C ALA E 264 -22.04 -19.93 -9.98
N PRO E 265 -23.00 -20.17 -10.86
CA PRO E 265 -22.92 -21.39 -11.69
C PRO E 265 -21.77 -21.31 -12.68
N ILE E 266 -21.32 -22.49 -13.11
CA ILE E 266 -20.22 -22.65 -14.05
C ILE E 266 -20.82 -22.74 -15.45
N ASP E 267 -20.27 -21.99 -16.40
CA ASP E 267 -20.82 -21.91 -17.74
C ASP E 267 -19.73 -22.15 -18.79
N THR E 268 -20.16 -22.45 -20.02
CA THR E 268 -19.23 -22.68 -21.13
C THR E 268 -19.01 -21.36 -21.85
N CYS E 269 -17.91 -20.68 -21.52
CA CYS E 269 -17.54 -19.42 -22.15
C CYS E 269 -16.07 -19.19 -21.85
N ILE E 270 -15.55 -18.07 -22.32
CA ILE E 270 -14.14 -17.74 -22.13
C ILE E 270 -14.02 -16.44 -21.37
N SER E 271 -13.32 -16.46 -20.23
CA SER E 271 -13.06 -15.24 -19.52
C SER E 271 -11.82 -15.40 -18.64
N GLU E 272 -10.88 -14.45 -18.78
CA GLU E 272 -9.64 -14.49 -18.02
C GLU E 272 -9.87 -14.21 -16.55
N CYS E 273 -10.80 -13.31 -16.23
CA CYS E 273 -10.99 -12.81 -14.87
C CYS E 273 -12.22 -13.42 -14.21
N ILE E 274 -12.05 -13.96 -13.00
CA ILE E 274 -13.11 -14.59 -12.23
C ILE E 274 -13.26 -13.86 -10.90
N THR E 275 -14.52 -13.58 -10.51
CA THR E 275 -14.89 -13.09 -9.18
C THR E 275 -15.91 -14.05 -8.61
N PRO E 276 -16.18 -14.01 -7.29
CA PRO E 276 -17.28 -14.83 -6.75
C PRO E 276 -18.63 -14.50 -7.37
N ASN E 277 -18.82 -13.29 -7.89
CA ASN E 277 -20.08 -12.94 -8.55
C ASN E 277 -20.18 -13.55 -9.93
N GLY E 278 -19.09 -14.08 -10.46
CA GLY E 278 -19.02 -14.51 -11.84
C GLY E 278 -17.84 -13.88 -12.55
N SER E 279 -17.63 -14.34 -13.78
CA SER E 279 -16.58 -13.79 -14.62
C SER E 279 -16.89 -12.33 -14.93
N ILE E 280 -15.83 -11.56 -15.17
CA ILE E 280 -15.96 -10.18 -15.63
C ILE E 280 -14.96 -9.93 -16.72
N PRO E 281 -15.30 -9.06 -17.67
CA PRO E 281 -14.34 -8.68 -18.71
C PRO E 281 -13.18 -7.91 -18.09
N ASN E 282 -12.02 -7.98 -18.74
CA ASN E 282 -10.86 -7.26 -18.23
C ASN E 282 -10.35 -6.21 -19.21
N ASP E 283 -11.23 -5.68 -20.06
CA ASP E 283 -10.79 -4.60 -20.96
C ASP E 283 -10.58 -3.27 -20.21
N LYS E 284 -11.28 -3.06 -19.12
CA LYS E 284 -11.12 -1.83 -18.35
C LYS E 284 -10.04 -1.99 -17.28
N PRO E 285 -9.37 -0.93 -16.87
CA PRO E 285 -8.28 -1.07 -15.89
C PRO E 285 -8.77 -1.25 -14.45
N PHE E 286 -10.01 -0.88 -14.15
CA PHE E 286 -10.53 -0.95 -12.79
C PHE E 286 -11.84 -1.72 -12.76
N GLN E 287 -12.23 -2.15 -11.55
CA GLN E 287 -13.48 -2.86 -11.39
C GLN E 287 -13.96 -2.70 -9.96
N ASN E 288 -15.28 -2.73 -9.82
CA ASN E 288 -16.01 -2.51 -8.58
C ASN E 288 -16.87 -3.72 -8.25
N VAL E 289 -16.61 -4.85 -8.90
CA VAL E 289 -17.45 -6.04 -8.72
C VAL E 289 -17.12 -6.74 -7.40
N ASN E 290 -15.84 -7.03 -7.16
CA ASN E 290 -15.45 -7.77 -5.96
C ASN E 290 -13.95 -7.65 -5.76
N LYS E 291 -13.52 -7.38 -4.52
CA LYS E 291 -12.10 -7.38 -4.22
C LYS E 291 -11.48 -8.77 -4.31
N ILE E 292 -12.28 -9.82 -4.26
CA ILE E 292 -11.78 -11.17 -4.48
C ILE E 292 -11.77 -11.45 -5.97
N THR E 293 -10.59 -11.72 -6.54
CA THR E 293 -10.52 -12.06 -7.96
C THR E 293 -9.51 -13.17 -8.19
N TYR E 294 -9.57 -13.75 -9.38
CA TYR E 294 -8.61 -14.71 -9.87
C TYR E 294 -8.41 -14.48 -11.35
N GLY E 295 -7.15 -14.40 -11.78
CA GLY E 295 -6.81 -14.25 -13.17
C GLY E 295 -6.31 -12.86 -13.51
N ALA E 296 -6.25 -12.58 -14.82
CA ALA E 296 -5.83 -11.27 -15.33
C ALA E 296 -7.01 -10.34 -15.17
N CYS E 297 -6.99 -9.52 -14.12
CA CYS E 297 -8.16 -8.79 -13.70
C CYS E 297 -7.90 -7.29 -13.61
N PRO E 298 -8.92 -6.46 -13.81
CA PRO E 298 -8.80 -5.04 -13.45
C PRO E 298 -8.58 -4.90 -11.95
N LYS E 299 -7.97 -3.78 -11.54
CA LYS E 299 -7.78 -3.55 -10.10
C LYS E 299 -9.08 -3.17 -9.41
N TYR E 300 -9.29 -3.68 -8.19
CA TYR E 300 -10.51 -3.34 -7.47
C TYR E 300 -10.41 -1.92 -6.87
N VAL E 301 -11.44 -1.12 -7.09
CA VAL E 301 -11.53 0.23 -6.53
C VAL E 301 -12.93 0.37 -5.93
N LYS E 302 -13.11 1.42 -5.12
CA LYS E 302 -14.39 1.64 -4.46
C LYS E 302 -15.40 2.36 -5.35
N GLN E 303 -14.95 3.19 -6.28
CA GLN E 303 -15.86 3.93 -7.14
C GLN E 303 -16.63 2.98 -8.05
N ASN E 304 -17.93 3.25 -8.26
CA ASN E 304 -18.62 2.41 -9.24
C ASN E 304 -18.54 2.95 -10.66
N THR E 305 -17.99 4.15 -10.85
CA THR E 305 -17.82 4.67 -12.19
C THR E 305 -16.67 5.67 -12.20
N LEU E 306 -15.87 5.64 -13.27
CA LEU E 306 -14.88 6.67 -13.49
C LEU E 306 -14.77 6.88 -14.99
N LYS E 307 -15.05 8.10 -15.42
CA LYS E 307 -15.13 8.44 -16.83
C LYS E 307 -13.85 9.11 -17.29
N LEU E 308 -13.23 8.53 -18.33
CA LEU E 308 -12.09 9.15 -18.99
C LEU E 308 -12.60 9.93 -20.19
N ALA E 309 -12.37 11.24 -20.19
CA ALA E 309 -12.80 12.07 -21.31
C ALA E 309 -12.10 11.63 -22.60
N THR E 310 -12.88 11.44 -23.66
CA THR E 310 -12.34 11.12 -24.97
C THR E 310 -12.69 12.19 -26.00
N GLY E 311 -13.03 13.38 -25.53
CA GLY E 311 -13.39 14.46 -26.42
C GLY E 311 -13.21 15.79 -25.73
N MET E 312 -13.39 16.84 -26.51
CA MET E 312 -13.25 18.20 -26.02
C MET E 312 -14.42 18.59 -25.12
N ARG E 313 -14.27 19.76 -24.50
CA ARG E 313 -15.36 20.41 -23.80
C ARG E 313 -16.56 20.57 -24.73
N ASN E 314 -17.75 20.20 -24.24
CA ASN E 314 -18.97 20.30 -25.05
C ASN E 314 -19.62 21.65 -24.80
N VAL E 315 -19.64 22.51 -25.83
CA VAL E 315 -20.25 23.83 -25.73
C VAL E 315 -21.40 23.87 -26.71
N PRO E 316 -22.61 23.46 -26.31
CA PRO E 316 -23.72 23.42 -27.26
C PRO E 316 -24.19 24.81 -27.66
N GLU E 317 -24.82 24.87 -28.83
CA GLU E 317 -25.29 26.12 -29.42
C GLU E 317 -26.38 26.80 -28.59
N GLY F 1 -10.38 26.12 -20.84
CA GLY F 1 -9.05 25.55 -21.00
C GLY F 1 -7.94 26.60 -20.94
N LEU F 2 -6.70 26.11 -20.87
CA LEU F 2 -5.55 27.00 -20.72
C LEU F 2 -5.40 27.98 -21.88
N PHE F 3 -5.91 27.64 -23.05
CA PHE F 3 -5.64 28.45 -24.23
C PHE F 3 -6.78 29.40 -24.59
N GLY F 4 -7.95 29.27 -23.96
CA GLY F 4 -8.96 30.28 -24.15
C GLY F 4 -9.69 30.25 -25.47
N ALA F 5 -9.65 29.14 -26.21
CA ALA F 5 -10.40 29.06 -27.45
C ALA F 5 -11.74 28.36 -27.25
N ILE F 6 -11.72 27.05 -27.02
CA ILE F 6 -12.95 26.32 -26.74
C ILE F 6 -13.55 26.82 -25.43
N ALA F 7 -14.82 27.21 -25.47
CA ALA F 7 -15.47 27.92 -24.35
C ALA F 7 -14.73 29.22 -24.02
N GLY F 8 -14.11 29.84 -25.01
CA GLY F 8 -13.40 31.09 -24.83
C GLY F 8 -13.80 32.09 -25.90
N PHE F 9 -12.84 32.52 -26.72
CA PHE F 9 -13.20 33.49 -27.76
C PHE F 9 -14.04 32.86 -28.86
N ILE F 10 -14.07 31.53 -28.95
CA ILE F 10 -15.07 30.85 -29.76
C ILE F 10 -16.27 30.59 -28.87
N GLU F 11 -17.41 31.19 -29.23
CA GLU F 11 -18.52 31.28 -28.29
C GLU F 11 -19.12 29.92 -28.00
N ASN F 12 -19.28 29.07 -29.02
CA ASN F 12 -19.84 27.75 -28.82
C ASN F 12 -19.40 26.86 -29.97
N GLY F 13 -19.68 25.54 -29.81
CA GLY F 13 -19.42 24.57 -30.84
C GLY F 13 -20.52 24.50 -31.88
N TRP F 14 -20.24 23.76 -32.96
CA TRP F 14 -21.16 23.59 -34.08
C TRP F 14 -21.73 22.18 -34.00
N GLU F 15 -22.99 22.07 -33.60
CA GLU F 15 -23.65 20.76 -33.55
C GLU F 15 -23.81 20.14 -34.93
N GLY F 16 -23.75 20.96 -35.98
CA GLY F 16 -23.87 20.53 -37.36
C GLY F 16 -22.61 20.03 -38.03
N MET F 17 -21.45 20.17 -37.38
CA MET F 17 -20.20 19.64 -37.95
C MET F 17 -20.03 18.20 -37.48
N ILE F 18 -20.43 17.25 -38.32
CA ILE F 18 -20.45 15.84 -37.95
C ILE F 18 -19.30 15.05 -38.56
N ASP F 19 -18.45 15.67 -39.39
CA ASP F 19 -17.40 14.95 -40.08
C ASP F 19 -16.00 15.35 -39.61
N GLY F 20 -15.89 15.97 -38.44
CA GLY F 20 -14.60 16.38 -37.94
C GLY F 20 -14.79 17.15 -36.64
N TRP F 21 -13.67 17.30 -35.93
CA TRP F 21 -13.74 17.96 -34.62
C TRP F 21 -13.55 19.46 -34.72
N TYR F 22 -12.74 19.93 -35.66
CA TYR F 22 -12.53 21.36 -35.89
C TYR F 22 -12.78 21.65 -37.36
N GLY F 23 -13.17 22.89 -37.66
CA GLY F 23 -13.44 23.19 -39.05
C GLY F 23 -13.64 24.67 -39.33
N PHE F 24 -14.13 24.93 -40.54
CA PHE F 24 -14.31 26.26 -41.09
C PHE F 24 -15.77 26.49 -41.47
N ARG F 25 -16.25 27.70 -41.23
CA ARG F 25 -17.48 28.19 -41.84
C ARG F 25 -17.17 29.52 -42.50
N HIS F 26 -17.75 29.76 -43.67
CA HIS F 26 -17.43 30.95 -44.43
C HIS F 26 -18.69 31.53 -45.05
N GLN F 27 -18.64 32.83 -45.32
CA GLN F 27 -19.62 33.51 -46.15
C GLN F 27 -18.86 34.36 -47.13
N ASN F 28 -19.18 34.24 -48.42
CA ASN F 28 -18.50 35.00 -49.46
C ASN F 28 -19.54 35.37 -50.50
N SER F 29 -19.06 35.75 -51.69
CA SER F 29 -19.93 36.17 -52.77
C SER F 29 -20.83 35.04 -53.25
N GLU F 30 -20.41 33.79 -53.06
CA GLU F 30 -21.15 32.64 -53.55
C GLU F 30 -22.07 32.00 -52.52
N GLY F 31 -22.14 32.52 -51.30
CA GLY F 31 -23.01 31.99 -50.27
C GLY F 31 -22.23 31.53 -49.05
N THR F 32 -22.79 30.54 -48.36
CA THR F 32 -22.19 30.02 -47.14
C THR F 32 -21.90 28.52 -47.29
N GLY F 33 -20.94 28.05 -46.50
CA GLY F 33 -20.52 26.66 -46.53
C GLY F 33 -19.74 26.32 -45.28
N GLN F 34 -19.57 25.01 -45.06
CA GLN F 34 -18.92 24.47 -43.88
C GLN F 34 -18.00 23.32 -44.28
N ALA F 35 -16.81 23.26 -43.67
CA ALA F 35 -15.87 22.18 -43.95
C ALA F 35 -15.01 21.91 -42.73
N ALA F 36 -14.78 20.62 -42.45
CA ALA F 36 -13.91 20.20 -41.36
C ALA F 36 -12.44 20.23 -41.77
N ASP F 37 -11.57 20.45 -40.77
CA ASP F 37 -10.13 20.38 -40.96
C ASP F 37 -9.64 19.03 -40.47
N LEU F 38 -9.05 18.25 -41.38
CA LEU F 38 -8.65 16.88 -41.06
C LEU F 38 -7.42 16.84 -40.17
N LYS F 39 -6.45 17.72 -40.42
CA LYS F 39 -5.17 17.64 -39.73
C LYS F 39 -5.34 17.88 -38.23
N SER F 40 -6.06 18.95 -37.86
CA SER F 40 -6.29 19.21 -36.46
C SER F 40 -7.15 18.11 -35.83
N THR F 41 -8.21 17.69 -36.53
CA THR F 41 -8.99 16.57 -36.06
C THR F 41 -8.11 15.36 -35.76
N GLN F 42 -7.20 15.03 -36.69
CA GLN F 42 -6.33 13.89 -36.47
C GLN F 42 -5.44 14.10 -35.26
N ALA F 43 -4.85 15.30 -35.12
CA ALA F 43 -3.94 15.54 -34.01
C ALA F 43 -4.62 15.30 -32.67
N ALA F 44 -5.87 15.76 -32.52
CA ALA F 44 -6.59 15.54 -31.27
C ALA F 44 -6.96 14.07 -31.13
N ILE F 45 -7.48 13.47 -32.20
CA ILE F 45 -7.86 12.07 -32.18
C ILE F 45 -6.66 11.20 -31.84
N ASP F 46 -5.54 11.47 -32.48
CA ASP F 46 -4.34 10.66 -32.29
C ASP F 46 -3.84 10.70 -30.85
N GLN F 47 -3.84 11.89 -30.26
CA GLN F 47 -3.34 12.03 -28.89
C GLN F 47 -4.30 11.42 -27.89
N ILE F 48 -5.61 11.54 -28.12
CA ILE F 48 -6.54 10.95 -27.17
C ILE F 48 -6.52 9.44 -27.25
N ASN F 49 -6.43 8.89 -28.45
CA ASN F 49 -6.22 7.45 -28.59
C ASN F 49 -4.92 7.00 -27.93
N GLY F 50 -3.86 7.82 -28.05
CA GLY F 50 -2.61 7.47 -27.40
C GLY F 50 -2.79 7.33 -25.89
N LYS F 51 -3.43 8.32 -25.26
CA LYS F 51 -3.57 8.23 -23.81
C LYS F 51 -4.55 7.14 -23.41
N LEU F 52 -5.60 6.93 -24.21
CA LEU F 52 -6.56 5.86 -23.92
C LEU F 52 -5.84 4.51 -23.90
N ASN F 53 -5.01 4.24 -24.91
CA ASN F 53 -4.32 2.96 -24.97
C ASN F 53 -3.27 2.82 -23.87
N ARG F 54 -2.67 3.93 -23.43
CA ARG F 54 -1.77 3.81 -22.30
C ARG F 54 -2.54 3.44 -21.04
N VAL F 55 -3.73 4.01 -20.85
CA VAL F 55 -4.52 3.75 -19.65
C VAL F 55 -5.06 2.33 -19.62
N ILE F 56 -5.53 1.82 -20.75
CA ILE F 56 -6.10 0.48 -20.71
C ILE F 56 -5.06 -0.59 -21.02
N GLU F 57 -3.78 -0.20 -21.12
CA GLU F 57 -2.65 -1.14 -21.18
C GLU F 57 -2.86 -2.27 -20.18
N LYS F 58 -2.88 -3.50 -20.70
CA LYS F 58 -3.64 -4.56 -20.06
C LYS F 58 -3.22 -4.82 -18.62
N THR F 59 -4.10 -5.58 -17.98
CA THR F 59 -4.17 -5.73 -16.54
C THR F 59 -3.11 -6.70 -16.02
N ASN F 60 -2.76 -6.52 -14.75
CA ASN F 60 -1.91 -7.46 -14.07
C ASN F 60 -2.67 -8.79 -13.85
N GLU F 61 -1.91 -9.81 -13.53
CA GLU F 61 -2.44 -11.16 -13.36
C GLU F 61 -2.06 -11.65 -11.97
N LYS F 62 -3.06 -12.01 -11.17
CA LYS F 62 -2.82 -12.48 -9.82
C LYS F 62 -3.54 -13.80 -9.61
N PHE F 63 -2.93 -14.69 -8.87
CA PHE F 63 -3.57 -15.97 -8.66
C PHE F 63 -3.91 -16.16 -7.18
N HIS F 64 -3.23 -17.06 -6.50
CA HIS F 64 -3.48 -17.23 -5.08
C HIS F 64 -3.02 -15.99 -4.31
N GLN F 65 -3.94 -15.43 -3.52
CA GLN F 65 -3.67 -14.24 -2.72
C GLN F 65 -4.03 -14.51 -1.26
N ILE F 66 -4.53 -13.51 -0.56
CA ILE F 66 -5.01 -13.70 0.81
C ILE F 66 -6.52 -13.79 0.79
N GLU F 67 -7.06 -14.39 1.84
CA GLU F 67 -8.49 -14.34 2.06
C GLU F 67 -8.90 -12.92 2.43
N LYS F 68 -10.11 -12.55 2.01
CA LYS F 68 -10.62 -11.21 2.19
C LYS F 68 -12.03 -11.17 2.79
N GLU F 69 -12.68 -12.31 2.99
CA GLU F 69 -13.93 -12.45 3.72
C GLU F 69 -13.74 -13.59 4.72
N PHE F 70 -14.43 -13.48 5.86
CA PHE F 70 -14.17 -14.34 7.01
C PHE F 70 -15.49 -14.69 7.67
N SER F 71 -15.65 -15.95 8.03
CA SER F 71 -16.91 -16.39 8.60
C SER F 71 -16.87 -16.42 10.12
N GLU F 72 -15.68 -16.32 10.72
CA GLU F 72 -15.50 -16.37 12.17
C GLU F 72 -14.64 -15.20 12.64
N VAL F 73 -14.88 -14.82 13.88
CA VAL F 73 -14.12 -13.81 14.61
C VAL F 73 -12.80 -14.42 15.06
N GLU F 74 -11.69 -13.72 14.81
CA GLU F 74 -10.40 -14.33 15.16
C GLU F 74 -9.46 -13.39 15.90
N GLY F 75 -9.61 -12.09 15.73
CA GLY F 75 -8.72 -11.13 16.38
C GLY F 75 -7.54 -10.77 15.50
N ARG F 76 -6.34 -10.85 16.09
CA ARG F 76 -5.18 -10.09 15.61
C ARG F 76 -4.82 -10.39 14.16
N ILE F 77 -4.71 -11.67 13.80
CA ILE F 77 -4.31 -12.01 12.44
C ILE F 77 -5.36 -11.53 11.44
N GLN F 78 -6.64 -11.67 11.80
CA GLN F 78 -7.68 -11.26 10.87
C GLN F 78 -7.76 -9.73 10.78
N ASP F 79 -7.55 -9.03 11.91
CA ASP F 79 -7.46 -7.57 11.84
C ASP F 79 -6.42 -7.13 10.81
N LEU F 80 -5.27 -7.82 10.78
CA LEU F 80 -4.18 -7.43 9.88
C LEU F 80 -4.52 -7.72 8.43
N GLU F 81 -5.08 -8.90 8.15
CA GLU F 81 -5.49 -9.23 6.79
C GLU F 81 -6.49 -8.21 6.24
N LYS F 82 -7.48 -7.82 7.04
CA LYS F 82 -8.46 -6.84 6.56
C LYS F 82 -7.83 -5.48 6.36
N TYR F 83 -6.96 -5.08 7.29
CA TYR F 83 -6.31 -3.78 7.20
C TYR F 83 -5.38 -3.70 6.00
N VAL F 84 -4.63 -4.77 5.72
CA VAL F 84 -3.80 -4.82 4.52
C VAL F 84 -4.66 -4.62 3.28
N GLU F 85 -5.79 -5.35 3.20
CA GLU F 85 -6.63 -5.27 2.02
C GLU F 85 -7.30 -3.92 1.91
N ASP F 86 -7.82 -3.41 3.03
CA ASP F 86 -8.45 -2.09 3.04
C ASP F 86 -7.45 -1.00 2.68
N THR F 87 -6.20 -1.13 3.13
CA THR F 87 -5.16 -0.17 2.79
C THR F 87 -4.90 -0.19 1.29
N LYS F 88 -4.76 -1.38 0.72
CA LYS F 88 -4.51 -1.53 -0.71
C LYS F 88 -5.63 -0.89 -1.54
N ILE F 89 -6.89 -1.16 -1.18
CA ILE F 89 -8.04 -0.67 -1.95
C ILE F 89 -8.13 0.85 -1.90
N ASP F 90 -7.85 1.45 -0.73
CA ASP F 90 -7.89 2.91 -0.65
C ASP F 90 -6.79 3.53 -1.50
N LEU F 91 -5.60 2.94 -1.52
CA LEU F 91 -4.53 3.52 -2.33
C LEU F 91 -4.82 3.39 -3.82
N TRP F 92 -5.39 2.27 -4.25
CA TRP F 92 -5.75 2.15 -5.66
C TRP F 92 -6.92 3.05 -6.03
N SER F 93 -7.90 3.21 -5.15
CA SER F 93 -9.02 4.09 -5.47
C SER F 93 -8.53 5.52 -5.64
N TYR F 94 -7.62 5.94 -4.77
CA TYR F 94 -7.00 7.25 -4.90
C TYR F 94 -6.27 7.37 -6.25
N ASN F 95 -5.47 6.36 -6.61
CA ASN F 95 -4.77 6.39 -7.88
C ASN F 95 -5.76 6.55 -9.05
N ALA F 96 -6.86 5.81 -9.02
CA ALA F 96 -7.80 5.89 -10.12
C ALA F 96 -8.44 7.28 -10.19
N GLU F 97 -8.80 7.83 -9.04
CA GLU F 97 -9.41 9.16 -8.98
C GLU F 97 -8.46 10.22 -9.52
N LEU F 98 -7.20 10.21 -9.05
CA LEU F 98 -6.22 11.18 -9.52
C LEU F 98 -5.91 11.00 -11.01
N LEU F 99 -5.75 9.76 -11.47
CA LEU F 99 -5.44 9.51 -12.87
C LEU F 99 -6.46 10.16 -13.77
N VAL F 100 -7.73 9.87 -13.51
CA VAL F 100 -8.80 10.37 -14.35
C VAL F 100 -8.86 11.91 -14.29
N ALA F 101 -8.62 12.49 -13.11
CA ALA F 101 -8.66 13.94 -12.99
C ALA F 101 -7.55 14.61 -13.80
N LEU F 102 -6.31 14.11 -13.67
CA LEU F 102 -5.18 14.64 -14.43
C LEU F 102 -5.38 14.44 -15.92
N GLU F 103 -5.76 13.23 -16.33
CA GLU F 103 -5.99 12.95 -17.74
C GLU F 103 -7.05 13.88 -18.32
N ASN F 104 -8.13 14.10 -17.57
CA ASN F 104 -9.27 14.83 -18.10
C ASN F 104 -8.98 16.32 -18.22
N GLN F 105 -8.30 16.90 -17.21
CA GLN F 105 -7.82 18.28 -17.36
C GLN F 105 -6.95 18.41 -18.59
N HIS F 106 -6.06 17.44 -18.81
CA HIS F 106 -5.15 17.50 -19.95
C HIS F 106 -5.89 17.29 -21.26
N THR F 107 -6.91 16.42 -21.28
CA THR F 107 -7.64 16.21 -22.53
C THR F 107 -8.38 17.48 -22.95
N ILE F 108 -8.97 18.19 -21.97
CA ILE F 108 -9.64 19.45 -22.26
C ILE F 108 -8.62 20.51 -22.71
N ASP F 109 -7.46 20.56 -22.06
CA ASP F 109 -6.46 21.54 -22.45
C ASP F 109 -5.84 21.24 -23.82
N LEU F 110 -5.59 19.96 -24.14
CA LEU F 110 -4.97 19.69 -25.43
C LEU F 110 -5.96 19.91 -26.58
N THR F 111 -7.24 19.62 -26.37
CA THR F 111 -8.21 19.91 -27.42
C THR F 111 -8.41 21.41 -27.59
N ASP F 112 -8.43 22.16 -26.48
CA ASP F 112 -8.40 23.62 -26.57
C ASP F 112 -7.17 24.09 -27.36
N SER F 113 -6.01 23.49 -27.07
CA SER F 113 -4.78 23.85 -27.76
C SER F 113 -4.88 23.60 -29.26
N GLU F 114 -5.44 22.47 -29.68
CA GLU F 114 -5.54 22.16 -31.10
C GLU F 114 -6.45 23.15 -31.82
N MET F 115 -7.54 23.57 -31.18
CA MET F 115 -8.36 24.65 -31.75
C MET F 115 -7.52 25.91 -31.97
N ASN F 116 -6.75 26.27 -30.95
CA ASN F 116 -5.94 27.49 -31.02
C ASN F 116 -4.86 27.38 -32.10
N LYS F 117 -4.23 26.21 -32.22
CA LYS F 117 -3.20 26.01 -33.25
C LYS F 117 -3.77 26.24 -34.64
N LEU F 118 -4.97 25.70 -34.90
CA LEU F 118 -5.61 25.87 -36.21
C LEU F 118 -5.91 27.34 -36.48
N PHE F 119 -6.38 28.05 -35.47
CA PHE F 119 -6.68 29.47 -35.62
C PHE F 119 -5.42 30.29 -35.89
N GLU F 120 -4.33 30.04 -35.16
CA GLU F 120 -3.08 30.74 -35.42
C GLU F 120 -2.50 30.35 -36.77
N LYS F 121 -2.60 29.08 -37.14
CA LYS F 121 -2.13 28.64 -38.46
C LYS F 121 -2.86 29.39 -39.56
N THR F 122 -4.18 29.52 -39.44
CA THR F 122 -4.96 30.22 -40.46
C THR F 122 -4.55 31.69 -40.56
N GLY F 123 -4.43 32.36 -39.42
CA GLY F 123 -4.09 33.77 -39.45
C GLY F 123 -2.73 34.04 -40.05
N ARG F 124 -1.74 33.21 -39.70
CA ARG F 124 -0.41 33.36 -40.30
C ARG F 124 -0.46 33.16 -41.81
N GLN F 125 -1.32 32.25 -42.25
CA GLN F 125 -1.51 32.02 -43.69
C GLN F 125 -2.01 33.27 -44.38
N LEU F 126 -2.93 33.99 -43.73
CA LEU F 126 -3.60 35.13 -44.35
C LEU F 126 -2.75 36.41 -44.35
N ARG F 127 -1.71 36.48 -43.52
CA ARG F 127 -0.80 37.62 -43.48
C ARG F 127 -1.53 38.95 -43.33
N GLU F 128 -1.40 39.84 -44.30
CA GLU F 128 -1.97 41.17 -44.22
C GLU F 128 -3.30 41.28 -44.97
N ASN F 129 -3.89 40.16 -45.34
CA ASN F 129 -5.13 40.19 -46.11
C ASN F 129 -6.37 40.03 -45.24
N ALA F 130 -6.19 39.85 -43.94
CA ALA F 130 -7.30 39.59 -43.05
C ALA F 130 -7.02 40.18 -41.69
N GLU F 131 -8.09 40.34 -40.91
CA GLU F 131 -8.00 40.81 -39.54
C GLU F 131 -8.81 39.92 -38.64
N ASP F 132 -8.28 39.69 -37.44
CA ASP F 132 -8.92 38.86 -36.41
C ASP F 132 -10.07 39.64 -35.78
N MET F 133 -11.29 39.12 -35.92
CA MET F 133 -12.47 39.80 -35.39
C MET F 133 -12.69 39.56 -33.89
N GLY F 134 -11.96 38.63 -33.27
CA GLY F 134 -12.08 38.40 -31.84
C GLY F 134 -13.03 37.29 -31.44
N ASN F 135 -13.78 36.71 -32.37
CA ASN F 135 -14.72 35.64 -32.10
C ASN F 135 -14.37 34.36 -32.84
N GLY F 136 -13.10 34.19 -33.24
CA GLY F 136 -12.70 33.07 -34.04
C GLY F 136 -12.94 33.22 -35.52
N CYS F 137 -13.42 34.38 -35.98
CA CYS F 137 -13.69 34.64 -37.39
C CYS F 137 -12.74 35.69 -37.93
N PHE F 138 -12.32 35.49 -39.17
CA PHE F 138 -11.49 36.44 -39.89
C PHE F 138 -12.33 37.23 -40.88
N LYS F 139 -12.12 38.54 -40.90
CA LYS F 139 -12.58 39.37 -42.01
C LYS F 139 -11.52 39.32 -43.09
N ILE F 140 -11.89 38.84 -44.27
CA ILE F 140 -10.96 38.72 -45.39
C ILE F 140 -11.24 39.89 -46.33
N TYR F 141 -10.26 40.76 -46.50
CA TYR F 141 -10.45 42.05 -47.15
C TYR F 141 -10.29 41.99 -48.66
N HIS F 142 -10.77 40.92 -49.28
CA HIS F 142 -10.71 40.81 -50.74
C HIS F 142 -11.72 39.78 -51.16
N LYS F 143 -12.05 39.82 -52.45
CA LYS F 143 -12.98 38.85 -53.01
C LYS F 143 -12.35 37.46 -52.92
N CYS F 144 -13.02 36.55 -52.22
CA CYS F 144 -12.47 35.21 -51.98
C CYS F 144 -13.56 34.22 -52.37
N ASP F 145 -13.50 33.76 -53.61
CA ASP F 145 -14.50 32.83 -54.12
C ASP F 145 -14.32 31.45 -53.47
N ASN F 146 -15.19 30.52 -53.86
CA ASN F 146 -15.15 29.20 -53.27
C ASN F 146 -13.80 28.53 -53.49
N ALA F 147 -13.20 28.73 -54.66
CA ALA F 147 -11.83 28.24 -54.88
C ALA F 147 -10.86 28.90 -53.92
N CYS F 148 -11.02 30.20 -53.68
CA CYS F 148 -10.13 30.91 -52.77
C CYS F 148 -10.32 30.41 -51.33
N ILE F 149 -11.56 30.10 -50.95
CA ILE F 149 -11.80 29.53 -49.62
C ILE F 149 -11.11 28.18 -49.50
N GLU F 150 -11.29 27.32 -50.51
CA GLU F 150 -10.62 26.02 -50.50
C GLU F 150 -9.11 26.17 -50.40
N SER F 151 -8.55 27.19 -51.05
CA SER F 151 -7.10 27.39 -51.00
C SER F 151 -6.63 27.65 -49.58
N ILE F 152 -7.42 28.38 -48.78
CA ILE F 152 -7.07 28.58 -47.37
C ILE F 152 -7.17 27.26 -46.61
N ARG F 153 -8.21 26.48 -46.85
CA ARG F 153 -8.42 25.28 -46.06
C ARG F 153 -7.41 24.19 -46.38
N ASN F 154 -6.97 24.08 -47.63
CA ASN F 154 -6.03 23.03 -48.01
C ASN F 154 -4.57 23.52 -48.05
N GLY F 155 -4.30 24.71 -47.50
CA GLY F 155 -2.95 25.18 -47.26
C GLY F 155 -2.19 25.73 -48.44
N THR F 156 -2.86 26.08 -49.55
CA THR F 156 -2.18 26.56 -50.74
C THR F 156 -2.52 28.00 -51.08
N TYR F 157 -2.92 28.80 -50.09
CA TYR F 157 -3.34 30.18 -50.30
C TYR F 157 -2.12 31.09 -50.44
N ASP F 158 -1.95 31.69 -51.62
CA ASP F 158 -0.86 32.64 -51.86
C ASP F 158 -1.34 34.03 -51.47
N HIS F 159 -0.84 34.55 -50.34
CA HIS F 159 -1.31 35.84 -49.86
C HIS F 159 -0.92 36.99 -50.80
N ASP F 160 0.24 36.88 -51.47
CA ASP F 160 0.69 37.97 -52.33
C ASP F 160 -0.28 38.24 -53.48
N VAL F 161 -1.07 37.24 -53.87
CA VAL F 161 -1.98 37.39 -55.01
C VAL F 161 -3.03 38.45 -54.70
N TYR F 162 -3.50 38.51 -53.46
CA TYR F 162 -4.55 39.45 -53.04
C TYR F 162 -4.03 40.62 -52.22
N ARG F 163 -2.72 40.72 -51.99
CA ARG F 163 -2.19 41.67 -51.01
C ARG F 163 -2.53 43.11 -51.37
N ASP F 164 -2.33 43.49 -52.63
CA ASP F 164 -2.68 44.84 -53.05
C ASP F 164 -4.17 45.12 -52.88
N GLU F 165 -5.02 44.23 -53.42
CA GLU F 165 -6.46 44.41 -53.28
C GLU F 165 -6.86 44.50 -51.81
N ALA F 166 -6.25 43.69 -50.96
CA ALA F 166 -6.65 43.66 -49.55
C ALA F 166 -6.13 44.87 -48.77
N LEU F 167 -4.91 45.32 -49.08
CA LEU F 167 -4.32 46.43 -48.33
C LEU F 167 -5.11 47.72 -48.53
N ASN F 168 -5.61 47.96 -49.75
CA ASN F 168 -6.36 49.19 -49.98
C ASN F 168 -7.71 49.16 -49.27
N ASN F 169 -8.34 47.98 -49.18
CA ASN F 169 -9.60 47.89 -48.44
C ASN F 169 -9.37 48.08 -46.95
N ARG F 170 -8.25 47.59 -46.43
CA ARG F 170 -7.96 47.73 -44.99
C ARG F 170 -7.61 49.16 -44.63
N PHE F 171 -6.86 49.84 -45.48
CA PHE F 171 -6.32 51.15 -45.15
C PHE F 171 -6.86 52.23 -46.09
#